data_7VKI
# 
_entry.id   7VKI 
# 
_audit_conform.dict_name       mmcif_pdbx.dic 
_audit_conform.dict_version    5.398 
_audit_conform.dict_location   http://mmcif.pdb.org/dictionaries/ascii/mmcif_pdbx.dic 
# 
loop_
_database_2.database_id 
_database_2.database_code 
_database_2.pdbx_database_accession 
_database_2.pdbx_DOI 
PDB   7VKI         pdb_00007vki 10.2210/pdb7vki/pdb 
WWPDB D_1300024830 ?            ?                   
# 
loop_
_pdbx_audit_revision_history.ordinal 
_pdbx_audit_revision_history.data_content_type 
_pdbx_audit_revision_history.major_revision 
_pdbx_audit_revision_history.minor_revision 
_pdbx_audit_revision_history.revision_date 
1 'Structure model' 1 0 2022-10-05 
2 'Structure model' 1 1 2023-11-29 
3 'Structure model' 1 2 2023-12-06 
4 'Structure model' 1 3 2024-11-13 
# 
_pdbx_audit_revision_details.ordinal             1 
_pdbx_audit_revision_details.revision_ordinal    1 
_pdbx_audit_revision_details.data_content_type   'Structure model' 
_pdbx_audit_revision_details.provider            repository 
_pdbx_audit_revision_details.type                'Initial release' 
_pdbx_audit_revision_details.description         ? 
_pdbx_audit_revision_details.details             ? 
# 
loop_
_pdbx_audit_revision_group.ordinal 
_pdbx_audit_revision_group.revision_ordinal 
_pdbx_audit_revision_group.data_content_type 
_pdbx_audit_revision_group.group 
1 2 'Structure model' 'Data collection'        
2 2 'Structure model' 'Refinement description' 
3 3 'Structure model' 'Database references'    
4 4 'Structure model' 'Structure summary'      
# 
loop_
_pdbx_audit_revision_category.ordinal 
_pdbx_audit_revision_category.revision_ordinal 
_pdbx_audit_revision_category.data_content_type 
_pdbx_audit_revision_category.category 
1 2 'Structure model' chem_comp_atom                
2 2 'Structure model' chem_comp_bond                
3 2 'Structure model' pdbx_initial_refinement_model 
4 3 'Structure model' citation                      
5 3 'Structure model' citation_author               
6 4 'Structure model' pdbx_entry_details            
7 4 'Structure model' pdbx_modification_feature     
# 
loop_
_pdbx_audit_revision_item.ordinal 
_pdbx_audit_revision_item.revision_ordinal 
_pdbx_audit_revision_item.data_content_type 
_pdbx_audit_revision_item.item 
1 3 'Structure model' '_citation.country'                 
2 3 'Structure model' '_citation.journal_abbrev'          
3 3 'Structure model' '_citation.journal_id_ASTM'         
4 3 'Structure model' '_citation.journal_id_CSD'          
5 3 'Structure model' '_citation.journal_id_ISSN'         
6 3 'Structure model' '_citation.pdbx_database_id_DOI'    
7 3 'Structure model' '_citation.pdbx_database_id_PubMed' 
8 3 'Structure model' '_citation.title'                   
9 3 'Structure model' '_citation.year'                    
# 
_pdbx_database_status.status_code                     REL 
_pdbx_database_status.status_code_sf                  REL 
_pdbx_database_status.status_code_mr                  ? 
_pdbx_database_status.entry_id                        7VKI 
_pdbx_database_status.recvd_initial_deposition_date   2021-09-30 
_pdbx_database_status.SG_entry                        N 
_pdbx_database_status.deposit_site                    PDBJ 
_pdbx_database_status.process_site                    PDBJ 
_pdbx_database_status.status_code_cs                  ? 
_pdbx_database_status.status_code_nmr_data            ? 
_pdbx_database_status.methods_development_category    ? 
_pdbx_database_status.pdb_format_compatible           Y 
# 
_pdbx_contact_author.id                 2 
_pdbx_contact_author.email              bxwu15@fudan.edu.cn 
_pdbx_contact_author.name_first         Wu 
_pdbx_contact_author.name_last          Baixing 
_pdbx_contact_author.name_mi            ? 
_pdbx_contact_author.role               'principal investigator/group leader' 
_pdbx_contact_author.identifier_ORCID   0000-0003-2502-9785 
# 
loop_
_audit_author.name 
_audit_author.pdbx_ordinal 
_audit_author.identifier_ORCID 
'Wu, B.X.'    1 ? 
'Patel, D.J.' 2 ? 
# 
_citation.abstract                  ? 
_citation.abstract_id_CAS           ? 
_citation.book_id_ISBN              ? 
_citation.book_publisher            ? 
_citation.book_publisher_city       ? 
_citation.book_title                ? 
_citation.coordinate_linkage        ? 
_citation.country                   UK 
_citation.database_id_Medline       ? 
_citation.details                   ? 
_citation.id                        primary 
_citation.journal_abbrev            'Nucleic Acids Res.' 
_citation.journal_id_ASTM           NARHAD 
_citation.journal_id_CSD            0389 
_citation.journal_id_ISSN           1362-4962 
_citation.journal_full              ? 
_citation.journal_issue             ? 
_citation.journal_volume            ? 
_citation.language                  ? 
_citation.page_first                ? 
_citation.page_last                 ? 
_citation.title                     'ESRP1 controls biogenesis and function of a large abundant multiexon circRNA.' 
_citation.year                      2023 
_citation.database_id_CSD           ? 
_citation.pdbx_database_id_DOI      10.1093/nar/gkad1138 
_citation.pdbx_database_id_PubMed   38015468 
_citation.pdbx_database_id_patent   ? 
_citation.unpublished_flag          ? 
# 
loop_
_citation_author.citation_id 
_citation_author.name 
_citation_author.ordinal 
_citation_author.identifier_ORCID 
primary 'Liu, D.'        1  ?                   
primary 'Dredge, B.K.'   2  ?                   
primary 'Bert, A.G.'     3  ?                   
primary 'Pillman, K.A.'  4  0000-0002-5869-889X 
primary 'Toubia, J.'     5  ?                   
primary 'Guo, W.'        6  ?                   
primary 'Dyakov, B.J.A.' 7  ?                   
primary 'Migault, M.M.'  8  0000-0001-7754-3343 
primary 'Conn, V.M.'     9  ?                   
primary 'Conn, S.J.'     10 0000-0002-1376-4515 
primary 'Gregory, P.A.'  11 ?                   
primary 'Gingras, A.C.'  12 ?                   
primary 'Patel, D.'      13 ?                   
primary 'Wu, B.'         14 0000-0003-2502-9785 
primary 'Goodall, G.J.'  15 0000-0003-1294-0692 
# 
loop_
_entity.id 
_entity.type 
_entity.src_method 
_entity.pdbx_description 
_entity.formula_weight 
_entity.pdbx_number_of_molecules 
_entity.pdbx_ec 
_entity.pdbx_mutation 
_entity.pdbx_fragment 
_entity.details 
1 polymer man 'Epithelial splicing regulatory protein 1' 13210.141 1   ? ? ? ? 
2 polymer syn 'RNA (12-mer)'                             3941.352  1   ? ? ? ? 
3 water   nat water                                      18.015    128 ? ? ? ? 
# 
_entity_name_com.entity_id   1 
_entity_name_com.name        'RNA-binding motif protein 35A,RNA-binding protein 35A' 
# 
loop_
_entity_poly.entity_id 
_entity_poly.type 
_entity_poly.nstd_linkage 
_entity_poly.nstd_monomer 
_entity_poly.pdbx_seq_one_letter_code 
_entity_poly.pdbx_seq_one_letter_code_can 
_entity_poly.pdbx_strand_id 
_entity_poly.pdbx_target_identifier 
1 'polypeptide(L)'   no no 
;TSNEVAQFLSKENQVIVRMRGLPFTATAEEVVAFFGQHCPITGGKEGILFVTYPDGRPTGDAFVLFACEEYAQNALRKHK
DLLGKRYIELFRSTAAEVQQVLNRFSSAPLIPLPTPPII
;
;TSNEVAQFLSKENQVIVRMRGLPFTATAEEVVAFFGQHCPITGGKEGILFVTYPDGRPTGDAFVLFACEEYAQNALRKHK
DLLGKRYIELFRSTAAEVQQVLNRFSSAPLIPLPTPPII
;
A ? 
2 polyribonucleotide no no UGGUGGUGGUGG UGGUGGUGGUGG B ? 
# 
_pdbx_entity_nonpoly.entity_id   3 
_pdbx_entity_nonpoly.name        water 
_pdbx_entity_nonpoly.comp_id     HOH 
# 
loop_
_entity_poly_seq.entity_id 
_entity_poly_seq.num 
_entity_poly_seq.mon_id 
_entity_poly_seq.hetero 
1 1   THR n 
1 2   SER n 
1 3   ASN n 
1 4   GLU n 
1 5   VAL n 
1 6   ALA n 
1 7   GLN n 
1 8   PHE n 
1 9   LEU n 
1 10  SER n 
1 11  LYS n 
1 12  GLU n 
1 13  ASN n 
1 14  GLN n 
1 15  VAL n 
1 16  ILE n 
1 17  VAL n 
1 18  ARG n 
1 19  MET n 
1 20  ARG n 
1 21  GLY n 
1 22  LEU n 
1 23  PRO n 
1 24  PHE n 
1 25  THR n 
1 26  ALA n 
1 27  THR n 
1 28  ALA n 
1 29  GLU n 
1 30  GLU n 
1 31  VAL n 
1 32  VAL n 
1 33  ALA n 
1 34  PHE n 
1 35  PHE n 
1 36  GLY n 
1 37  GLN n 
1 38  HIS n 
1 39  CYS n 
1 40  PRO n 
1 41  ILE n 
1 42  THR n 
1 43  GLY n 
1 44  GLY n 
1 45  LYS n 
1 46  GLU n 
1 47  GLY n 
1 48  ILE n 
1 49  LEU n 
1 50  PHE n 
1 51  VAL n 
1 52  THR n 
1 53  TYR n 
1 54  PRO n 
1 55  ASP n 
1 56  GLY n 
1 57  ARG n 
1 58  PRO n 
1 59  THR n 
1 60  GLY n 
1 61  ASP n 
1 62  ALA n 
1 63  PHE n 
1 64  VAL n 
1 65  LEU n 
1 66  PHE n 
1 67  ALA n 
1 68  CYS n 
1 69  GLU n 
1 70  GLU n 
1 71  TYR n 
1 72  ALA n 
1 73  GLN n 
1 74  ASN n 
1 75  ALA n 
1 76  LEU n 
1 77  ARG n 
1 78  LYS n 
1 79  HIS n 
1 80  LYS n 
1 81  ASP n 
1 82  LEU n 
1 83  LEU n 
1 84  GLY n 
1 85  LYS n 
1 86  ARG n 
1 87  TYR n 
1 88  ILE n 
1 89  GLU n 
1 90  LEU n 
1 91  PHE n 
1 92  ARG n 
1 93  SER n 
1 94  THR n 
1 95  ALA n 
1 96  ALA n 
1 97  GLU n 
1 98  VAL n 
1 99  GLN n 
1 100 GLN n 
1 101 VAL n 
1 102 LEU n 
1 103 ASN n 
1 104 ARG n 
1 105 PHE n 
1 106 SER n 
1 107 SER n 
1 108 ALA n 
1 109 PRO n 
1 110 LEU n 
1 111 ILE n 
1 112 PRO n 
1 113 LEU n 
1 114 PRO n 
1 115 THR n 
1 116 PRO n 
1 117 PRO n 
1 118 ILE n 
1 119 ILE n 
2 1   U   n 
2 2   G   n 
2 3   G   n 
2 4   U   n 
2 5   G   n 
2 6   G   n 
2 7   U   n 
2 8   G   n 
2 9   G   n 
2 10  U   n 
2 11  G   n 
2 12  G   n 
# 
_entity_src_gen.entity_id                          1 
_entity_src_gen.pdbx_src_id                        1 
_entity_src_gen.pdbx_alt_source_flag               sample 
_entity_src_gen.pdbx_seq_type                      'Biological sequence' 
_entity_src_gen.pdbx_beg_seq_num                   1 
_entity_src_gen.pdbx_end_seq_num                   119 
_entity_src_gen.gene_src_common_name               Human 
_entity_src_gen.gene_src_genus                     ? 
_entity_src_gen.pdbx_gene_src_gene                 'ESRP1, RBM35A' 
_entity_src_gen.gene_src_species                   ? 
_entity_src_gen.gene_src_strain                    ? 
_entity_src_gen.gene_src_tissue                    ? 
_entity_src_gen.gene_src_tissue_fraction           ? 
_entity_src_gen.gene_src_details                   ? 
_entity_src_gen.pdbx_gene_src_fragment             ? 
_entity_src_gen.pdbx_gene_src_scientific_name      'Homo sapiens' 
_entity_src_gen.pdbx_gene_src_ncbi_taxonomy_id     9606 
_entity_src_gen.pdbx_gene_src_variant              ? 
_entity_src_gen.pdbx_gene_src_cell_line            ? 
_entity_src_gen.pdbx_gene_src_atcc                 ? 
_entity_src_gen.pdbx_gene_src_organ                ? 
_entity_src_gen.pdbx_gene_src_organelle            ? 
_entity_src_gen.pdbx_gene_src_cell                 ? 
_entity_src_gen.pdbx_gene_src_cellular_location    ? 
_entity_src_gen.host_org_common_name               ? 
_entity_src_gen.pdbx_host_org_scientific_name      'Escherichia coli' 
_entity_src_gen.pdbx_host_org_ncbi_taxonomy_id     562 
_entity_src_gen.host_org_genus                     ? 
_entity_src_gen.pdbx_host_org_gene                 ? 
_entity_src_gen.pdbx_host_org_organ                ? 
_entity_src_gen.host_org_species                   ? 
_entity_src_gen.pdbx_host_org_tissue               ? 
_entity_src_gen.pdbx_host_org_tissue_fraction      ? 
_entity_src_gen.pdbx_host_org_strain               ? 
_entity_src_gen.pdbx_host_org_variant              ? 
_entity_src_gen.pdbx_host_org_cell_line            ? 
_entity_src_gen.pdbx_host_org_atcc                 ? 
_entity_src_gen.pdbx_host_org_culture_collection   ? 
_entity_src_gen.pdbx_host_org_cell                 ? 
_entity_src_gen.pdbx_host_org_organelle            ? 
_entity_src_gen.pdbx_host_org_cellular_location    ? 
_entity_src_gen.pdbx_host_org_vector_type          ? 
_entity_src_gen.pdbx_host_org_vector               ? 
_entity_src_gen.host_org_details                   ? 
_entity_src_gen.expression_system_id               ? 
_entity_src_gen.plasmid_name                       ? 
_entity_src_gen.plasmid_details                    ? 
_entity_src_gen.pdbx_description                   ? 
# 
_pdbx_entity_src_syn.entity_id              2 
_pdbx_entity_src_syn.pdbx_src_id            1 
_pdbx_entity_src_syn.pdbx_alt_source_flag   sample 
_pdbx_entity_src_syn.pdbx_beg_seq_num       1 
_pdbx_entity_src_syn.pdbx_end_seq_num       12 
_pdbx_entity_src_syn.organism_scientific    'synthetic construct' 
_pdbx_entity_src_syn.organism_common_name   ? 
_pdbx_entity_src_syn.ncbi_taxonomy_id       32630 
_pdbx_entity_src_syn.details                ? 
# 
loop_
_chem_comp.id 
_chem_comp.type 
_chem_comp.mon_nstd_flag 
_chem_comp.name 
_chem_comp.pdbx_synonyms 
_chem_comp.formula 
_chem_comp.formula_weight 
ALA 'L-peptide linking' y ALANINE                      ? 'C3 H7 N O2'      89.093  
ARG 'L-peptide linking' y ARGININE                     ? 'C6 H15 N4 O2 1'  175.209 
ASN 'L-peptide linking' y ASPARAGINE                   ? 'C4 H8 N2 O3'     132.118 
ASP 'L-peptide linking' y 'ASPARTIC ACID'              ? 'C4 H7 N O4'      133.103 
CYS 'L-peptide linking' y CYSTEINE                     ? 'C3 H7 N O2 S'    121.158 
G   'RNA linking'       y "GUANOSINE-5'-MONOPHOSPHATE" ? 'C10 H14 N5 O8 P' 363.221 
GLN 'L-peptide linking' y GLUTAMINE                    ? 'C5 H10 N2 O3'    146.144 
GLU 'L-peptide linking' y 'GLUTAMIC ACID'              ? 'C5 H9 N O4'      147.129 
GLY 'peptide linking'   y GLYCINE                      ? 'C2 H5 N O2'      75.067  
HIS 'L-peptide linking' y HISTIDINE                    ? 'C6 H10 N3 O2 1'  156.162 
HOH non-polymer         . WATER                        ? 'H2 O'            18.015  
ILE 'L-peptide linking' y ISOLEUCINE                   ? 'C6 H13 N O2'     131.173 
LEU 'L-peptide linking' y LEUCINE                      ? 'C6 H13 N O2'     131.173 
LYS 'L-peptide linking' y LYSINE                       ? 'C6 H15 N2 O2 1'  147.195 
MET 'L-peptide linking' y METHIONINE                   ? 'C5 H11 N O2 S'   149.211 
PHE 'L-peptide linking' y PHENYLALANINE                ? 'C9 H11 N O2'     165.189 
PRO 'L-peptide linking' y PROLINE                      ? 'C5 H9 N O2'      115.130 
SER 'L-peptide linking' y SERINE                       ? 'C3 H7 N O3'      105.093 
THR 'L-peptide linking' y THREONINE                    ? 'C4 H9 N O3'      119.119 
TYR 'L-peptide linking' y TYROSINE                     ? 'C9 H11 N O3'     181.189 
U   'RNA linking'       y "URIDINE-5'-MONOPHOSPHATE"   ? 'C9 H13 N2 O9 P'  324.181 
VAL 'L-peptide linking' y VALINE                       ? 'C5 H11 N O2'     117.146 
# 
loop_
_pdbx_poly_seq_scheme.asym_id 
_pdbx_poly_seq_scheme.entity_id 
_pdbx_poly_seq_scheme.seq_id 
_pdbx_poly_seq_scheme.mon_id 
_pdbx_poly_seq_scheme.ndb_seq_num 
_pdbx_poly_seq_scheme.pdb_seq_num 
_pdbx_poly_seq_scheme.auth_seq_num 
_pdbx_poly_seq_scheme.pdb_mon_id 
_pdbx_poly_seq_scheme.auth_mon_id 
_pdbx_poly_seq_scheme.pdb_strand_id 
_pdbx_poly_seq_scheme.pdb_ins_code 
_pdbx_poly_seq_scheme.hetero 
A 1 1   THR 1   312 312 THR THR A . n 
A 1 2   SER 2   313 313 SER SER A . n 
A 1 3   ASN 3   314 314 ASN ASN A . n 
A 1 4   GLU 4   315 315 GLU GLU A . n 
A 1 5   VAL 5   316 316 VAL VAL A . n 
A 1 6   ALA 6   317 317 ALA ALA A . n 
A 1 7   GLN 7   318 318 GLN GLN A . n 
A 1 8   PHE 8   319 319 PHE PHE A . n 
A 1 9   LEU 9   320 320 LEU LEU A . n 
A 1 10  SER 10  321 321 SER SER A . n 
A 1 11  LYS 11  322 322 LYS LYS A . n 
A 1 12  GLU 12  323 323 GLU GLU A . n 
A 1 13  ASN 13  324 324 ASN ASN A . n 
A 1 14  GLN 14  325 325 GLN GLN A . n 
A 1 15  VAL 15  326 326 VAL VAL A . n 
A 1 16  ILE 16  327 327 ILE ILE A . n 
A 1 17  VAL 17  328 328 VAL VAL A . n 
A 1 18  ARG 18  329 329 ARG ARG A . n 
A 1 19  MET 19  330 330 MET MET A . n 
A 1 20  ARG 20  331 331 ARG ARG A . n 
A 1 21  GLY 21  332 332 GLY GLY A . n 
A 1 22  LEU 22  333 333 LEU LEU A . n 
A 1 23  PRO 23  334 334 PRO PRO A . n 
A 1 24  PHE 24  335 335 PHE PHE A . n 
A 1 25  THR 25  336 336 THR THR A . n 
A 1 26  ALA 26  337 337 ALA ALA A . n 
A 1 27  THR 27  338 338 THR THR A . n 
A 1 28  ALA 28  339 339 ALA ALA A . n 
A 1 29  GLU 29  340 340 GLU GLU A . n 
A 1 30  GLU 30  341 341 GLU GLU A . n 
A 1 31  VAL 31  342 342 VAL VAL A . n 
A 1 32  VAL 32  343 343 VAL VAL A . n 
A 1 33  ALA 33  344 344 ALA ALA A . n 
A 1 34  PHE 34  345 345 PHE PHE A . n 
A 1 35  PHE 35  346 346 PHE PHE A . n 
A 1 36  GLY 36  347 347 GLY GLY A . n 
A 1 37  GLN 37  348 348 GLN GLN A . n 
A 1 38  HIS 38  349 349 HIS HIS A . n 
A 1 39  CYS 39  350 350 CYS CYS A . n 
A 1 40  PRO 40  351 351 PRO PRO A . n 
A 1 41  ILE 41  352 352 ILE ILE A . n 
A 1 42  THR 42  353 353 THR THR A . n 
A 1 43  GLY 43  354 354 GLY GLY A . n 
A 1 44  GLY 44  355 355 GLY GLY A . n 
A 1 45  LYS 45  356 356 LYS LYS A . n 
A 1 46  GLU 46  357 357 GLU GLU A . n 
A 1 47  GLY 47  358 358 GLY GLY A . n 
A 1 48  ILE 48  359 359 ILE ILE A . n 
A 1 49  LEU 49  360 360 LEU LEU A . n 
A 1 50  PHE 50  361 361 PHE PHE A . n 
A 1 51  VAL 51  362 362 VAL VAL A . n 
A 1 52  THR 52  363 363 THR THR A . n 
A 1 53  TYR 53  364 364 TYR TYR A . n 
A 1 54  PRO 54  365 365 PRO PRO A . n 
A 1 55  ASP 55  366 366 ASP ASP A . n 
A 1 56  GLY 56  367 367 GLY GLY A . n 
A 1 57  ARG 57  368 368 ARG ARG A . n 
A 1 58  PRO 58  369 369 PRO PRO A . n 
A 1 59  THR 59  370 370 THR THR A . n 
A 1 60  GLY 60  371 371 GLY GLY A . n 
A 1 61  ASP 61  372 372 ASP ASP A . n 
A 1 62  ALA 62  373 373 ALA ALA A . n 
A 1 63  PHE 63  374 374 PHE PHE A . n 
A 1 64  VAL 64  375 375 VAL VAL A . n 
A 1 65  LEU 65  376 376 LEU LEU A . n 
A 1 66  PHE 66  377 377 PHE PHE A . n 
A 1 67  ALA 67  378 378 ALA ALA A . n 
A 1 68  CYS 68  379 379 CYS CYS A . n 
A 1 69  GLU 69  380 380 GLU GLU A . n 
A 1 70  GLU 70  381 381 GLU GLU A . n 
A 1 71  TYR 71  382 382 TYR TYR A . n 
A 1 72  ALA 72  383 383 ALA ALA A . n 
A 1 73  GLN 73  384 384 GLN GLN A . n 
A 1 74  ASN 74  385 385 ASN ASN A . n 
A 1 75  ALA 75  386 386 ALA ALA A . n 
A 1 76  LEU 76  387 387 LEU LEU A . n 
A 1 77  ARG 77  388 388 ARG ARG A . n 
A 1 78  LYS 78  389 389 LYS LYS A . n 
A 1 79  HIS 79  390 390 HIS HIS A . n 
A 1 80  LYS 80  391 391 LYS LYS A . n 
A 1 81  ASP 81  392 392 ASP ASP A . n 
A 1 82  LEU 82  393 393 LEU LEU A . n 
A 1 83  LEU 83  394 394 LEU LEU A . n 
A 1 84  GLY 84  395 395 GLY GLY A . n 
A 1 85  LYS 85  396 396 LYS LYS A . n 
A 1 86  ARG 86  397 397 ARG ARG A . n 
A 1 87  TYR 87  398 398 TYR TYR A . n 
A 1 88  ILE 88  399 399 ILE ILE A . n 
A 1 89  GLU 89  400 400 GLU GLU A . n 
A 1 90  LEU 90  401 401 LEU LEU A . n 
A 1 91  PHE 91  402 402 PHE PHE A . n 
A 1 92  ARG 92  403 403 ARG ARG A . n 
A 1 93  SER 93  404 404 SER SER A . n 
A 1 94  THR 94  405 405 THR THR A . n 
A 1 95  ALA 95  406 406 ALA ALA A . n 
A 1 96  ALA 96  407 407 ALA ALA A . n 
A 1 97  GLU 97  408 408 GLU GLU A . n 
A 1 98  VAL 98  409 409 VAL VAL A . n 
A 1 99  GLN 99  410 410 GLN GLN A . n 
A 1 100 GLN 100 411 411 GLN GLN A . n 
A 1 101 VAL 101 412 412 VAL VAL A . n 
A 1 102 LEU 102 413 413 LEU LEU A . n 
A 1 103 ASN 103 414 414 ASN ASN A . n 
A 1 104 ARG 104 415 415 ARG ARG A . n 
A 1 105 PHE 105 416 416 PHE PHE A . n 
A 1 106 SER 106 417 417 SER SER A . n 
A 1 107 SER 107 418 418 SER SER A . n 
A 1 108 ALA 108 419 419 ALA ALA A . n 
A 1 109 PRO 109 420 420 PRO PRO A . n 
A 1 110 LEU 110 421 421 LEU LEU A . n 
A 1 111 ILE 111 422 422 ILE ILE A . n 
A 1 112 PRO 112 423 423 PRO PRO A . n 
A 1 113 LEU 113 424 424 LEU LEU A . n 
A 1 114 PRO 114 425 ?   ?   ?   A . n 
A 1 115 THR 115 426 ?   ?   ?   A . n 
A 1 116 PRO 116 427 ?   ?   ?   A . n 
A 1 117 PRO 117 428 ?   ?   ?   A . n 
A 1 118 ILE 118 429 ?   ?   ?   A . n 
A 1 119 ILE 119 430 ?   ?   ?   A . n 
B 2 1   U   1   0   ?   ?   ?   B . n 
B 2 2   G   2   1   1   G   G   B . n 
B 2 3   G   3   2   2   G   G   B . n 
B 2 4   U   4   3   3   U   U   B . n 
B 2 5   G   5   4   ?   ?   ?   B . n 
B 2 6   G   6   5   ?   ?   ?   B . n 
B 2 7   U   7   6   ?   ?   ?   B . n 
B 2 8   G   8   7   ?   ?   ?   B . n 
B 2 9   G   9   8   ?   ?   ?   B . n 
B 2 10  U   10  9   ?   ?   ?   B . n 
B 2 11  G   11  10  ?   ?   ?   B . n 
B 2 12  G   12  11  ?   ?   ?   B . n 
# 
loop_
_pdbx_nonpoly_scheme.asym_id 
_pdbx_nonpoly_scheme.entity_id 
_pdbx_nonpoly_scheme.mon_id 
_pdbx_nonpoly_scheme.ndb_seq_num 
_pdbx_nonpoly_scheme.pdb_seq_num 
_pdbx_nonpoly_scheme.auth_seq_num 
_pdbx_nonpoly_scheme.pdb_mon_id 
_pdbx_nonpoly_scheme.auth_mon_id 
_pdbx_nonpoly_scheme.pdb_strand_id 
_pdbx_nonpoly_scheme.pdb_ins_code 
C 3 HOH 1   501 140 HOH HOH A . 
C 3 HOH 2   502 114 HOH HOH A . 
C 3 HOH 3   503 50  HOH HOH A . 
C 3 HOH 4   504 56  HOH HOH A . 
C 3 HOH 5   505 19  HOH HOH A . 
C 3 HOH 6   506 93  HOH HOH A . 
C 3 HOH 7   507 127 HOH HOH A . 
C 3 HOH 8   508 11  HOH HOH A . 
C 3 HOH 9   509 8   HOH HOH A . 
C 3 HOH 10  510 46  HOH HOH A . 
C 3 HOH 11  511 4   HOH HOH A . 
C 3 HOH 12  512 12  HOH HOH A . 
C 3 HOH 13  513 79  HOH HOH A . 
C 3 HOH 14  514 74  HOH HOH A . 
C 3 HOH 15  515 88  HOH HOH A . 
C 3 HOH 16  516 111 HOH HOH A . 
C 3 HOH 17  517 22  HOH HOH A . 
C 3 HOH 18  518 1   HOH HOH A . 
C 3 HOH 19  519 15  HOH HOH A . 
C 3 HOH 20  520 75  HOH HOH A . 
C 3 HOH 21  521 109 HOH HOH A . 
C 3 HOH 22  522 106 HOH HOH A . 
C 3 HOH 23  523 130 HOH HOH A . 
C 3 HOH 24  524 115 HOH HOH A . 
C 3 HOH 25  525 7   HOH HOH A . 
C 3 HOH 26  526 34  HOH HOH A . 
C 3 HOH 27  527 3   HOH HOH A . 
C 3 HOH 28  528 28  HOH HOH A . 
C 3 HOH 29  529 90  HOH HOH A . 
C 3 HOH 30  530 27  HOH HOH A . 
C 3 HOH 31  531 113 HOH HOH A . 
C 3 HOH 32  532 17  HOH HOH A . 
C 3 HOH 33  533 44  HOH HOH A . 
C 3 HOH 34  534 73  HOH HOH A . 
C 3 HOH 35  535 30  HOH HOH A . 
C 3 HOH 36  536 149 HOH HOH A . 
C 3 HOH 37  537 82  HOH HOH A . 
C 3 HOH 38  538 23  HOH HOH A . 
C 3 HOH 39  539 55  HOH HOH A . 
C 3 HOH 40  540 105 HOH HOH A . 
C 3 HOH 41  541 31  HOH HOH A . 
C 3 HOH 42  542 136 HOH HOH A . 
C 3 HOH 43  543 58  HOH HOH A . 
C 3 HOH 44  544 78  HOH HOH A . 
C 3 HOH 45  545 122 HOH HOH A . 
C 3 HOH 46  546 72  HOH HOH A . 
C 3 HOH 47  547 41  HOH HOH A . 
C 3 HOH 48  548 116 HOH HOH A . 
C 3 HOH 49  549 97  HOH HOH A . 
C 3 HOH 50  550 25  HOH HOH A . 
C 3 HOH 51  551 142 HOH HOH A . 
C 3 HOH 52  552 89  HOH HOH A . 
C 3 HOH 53  553 70  HOH HOH A . 
C 3 HOH 54  554 110 HOH HOH A . 
C 3 HOH 55  555 81  HOH HOH A . 
C 3 HOH 56  556 26  HOH HOH A . 
C 3 HOH 57  557 60  HOH HOH A . 
C 3 HOH 58  558 37  HOH HOH A . 
C 3 HOH 59  559 76  HOH HOH A . 
C 3 HOH 60  560 29  HOH HOH A . 
C 3 HOH 61  561 65  HOH HOH A . 
C 3 HOH 62  562 35  HOH HOH A . 
C 3 HOH 63  563 102 HOH HOH A . 
C 3 HOH 64  564 36  HOH HOH A . 
C 3 HOH 65  565 24  HOH HOH A . 
C 3 HOH 66  566 134 HOH HOH A . 
C 3 HOH 67  567 63  HOH HOH A . 
C 3 HOH 68  568 68  HOH HOH A . 
C 3 HOH 69  569 101 HOH HOH A . 
C 3 HOH 70  570 40  HOH HOH A . 
C 3 HOH 71  571 107 HOH HOH A . 
C 3 HOH 72  572 33  HOH HOH A . 
C 3 HOH 73  573 20  HOH HOH A . 
C 3 HOH 74  574 137 HOH HOH A . 
C 3 HOH 75  575 48  HOH HOH A . 
C 3 HOH 76  576 18  HOH HOH A . 
C 3 HOH 77  577 2   HOH HOH A . 
C 3 HOH 78  578 120 HOH HOH A . 
C 3 HOH 79  579 47  HOH HOH A . 
C 3 HOH 80  580 6   HOH HOH A . 
C 3 HOH 81  581 123 HOH HOH A . 
C 3 HOH 82  582 57  HOH HOH A . 
C 3 HOH 83  583 5   HOH HOH A . 
C 3 HOH 84  584 84  HOH HOH A . 
C 3 HOH 85  585 13  HOH HOH A . 
C 3 HOH 86  586 118 HOH HOH A . 
C 3 HOH 87  587 32  HOH HOH A . 
C 3 HOH 88  588 129 HOH HOH A . 
C 3 HOH 89  589 99  HOH HOH A . 
C 3 HOH 90  590 77  HOH HOH A . 
C 3 HOH 91  591 51  HOH HOH A . 
C 3 HOH 92  592 80  HOH HOH A . 
C 3 HOH 93  593 119 HOH HOH A . 
C 3 HOH 94  594 42  HOH HOH A . 
C 3 HOH 95  595 108 HOH HOH A . 
C 3 HOH 96  596 62  HOH HOH A . 
C 3 HOH 97  597 38  HOH HOH A . 
C 3 HOH 98  598 85  HOH HOH A . 
C 3 HOH 99  599 61  HOH HOH A . 
C 3 HOH 100 600 45  HOH HOH A . 
C 3 HOH 101 601 132 HOH HOH A . 
C 3 HOH 102 602 112 HOH HOH A . 
C 3 HOH 103 603 83  HOH HOH A . 
C 3 HOH 104 604 150 HOH HOH A . 
C 3 HOH 105 605 21  HOH HOH A . 
C 3 HOH 106 606 103 HOH HOH A . 
C 3 HOH 107 607 104 HOH HOH A . 
C 3 HOH 108 608 49  HOH HOH A . 
C 3 HOH 109 609 135 HOH HOH A . 
C 3 HOH 110 610 91  HOH HOH A . 
C 3 HOH 111 611 14  HOH HOH A . 
C 3 HOH 112 612 86  HOH HOH A . 
C 3 HOH 113 613 148 HOH HOH A . 
C 3 HOH 114 614 54  HOH HOH A . 
C 3 HOH 115 615 147 HOH HOH A . 
C 3 HOH 116 616 141 HOH HOH A . 
C 3 HOH 117 617 59  HOH HOH A . 
C 3 HOH 118 618 143 HOH HOH A . 
C 3 HOH 119 619 71  HOH HOH A . 
D 3 HOH 1   101 16  HOH HOH B . 
D 3 HOH 2   102 10  HOH HOH B . 
D 3 HOH 3   103 9   HOH HOH B . 
D 3 HOH 4   104 128 HOH HOH B . 
D 3 HOH 5   105 66  HOH HOH B . 
D 3 HOH 6   106 121 HOH HOH B . 
D 3 HOH 7   107 67  HOH HOH B . 
D 3 HOH 8   108 124 HOH HOH B . 
D 3 HOH 9   109 133 HOH HOH B . 
# 
loop_
_software.citation_id 
_software.classification 
_software.compiler_name 
_software.compiler_version 
_software.contact_author 
_software.contact_author_email 
_software.date 
_software.description 
_software.dependencies 
_software.hardware 
_software.language 
_software.location 
_software.mods 
_software.name 
_software.os 
_software.os_version 
_software.type 
_software.version 
_software.pdbx_ordinal 
? refinement       ? ? ? ? ? ? ? ? ? ? ? PHENIX   ? ? ? 1.19.2_4158 1 
? 'data reduction' ? ? ? ? ? ? ? ? ? ? ? HKL-3000 ? ? ? .           2 
? 'data scaling'   ? ? ? ? ? ? ? ? ? ? ? HKL-3000 ? ? ? .           3 
? phasing          ? ? ? ? ? ? ? ? ? ? ? PHASER   ? ? ? .           4 
# 
_cell.angle_alpha                  90.000 
_cell.angle_alpha_esd              ? 
_cell.angle_beta                   90.000 
_cell.angle_beta_esd               ? 
_cell.angle_gamma                  120.000 
_cell.angle_gamma_esd              ? 
_cell.entry_id                     7VKI 
_cell.details                      ? 
_cell.formula_units_Z              ? 
_cell.length_a                     86.118 
_cell.length_a_esd                 ? 
_cell.length_b                     86.118 
_cell.length_b_esd                 ? 
_cell.length_c                     43.280 
_cell.length_c_esd                 ? 
_cell.volume                       277975.010 
_cell.volume_esd                   ? 
_cell.Z_PDB                        6 
_cell.reciprocal_angle_alpha       ? 
_cell.reciprocal_angle_beta        ? 
_cell.reciprocal_angle_gamma       ? 
_cell.reciprocal_angle_alpha_esd   ? 
_cell.reciprocal_angle_beta_esd    ? 
_cell.reciprocal_angle_gamma_esd   ? 
_cell.reciprocal_length_a          ? 
_cell.reciprocal_length_b          ? 
_cell.reciprocal_length_c          ? 
_cell.reciprocal_length_a_esd      ? 
_cell.reciprocal_length_b_esd      ? 
_cell.reciprocal_length_c_esd      ? 
_cell.pdbx_unique_axis             ? 
# 
_symmetry.entry_id                         7VKI 
_symmetry.cell_setting                     ? 
_symmetry.Int_Tables_number                152 
_symmetry.space_group_name_Hall            
;P 31 2"
;
_symmetry.space_group_name_H-M             'P 31 2 1' 
_symmetry.pdbx_full_space_group_name_H-M   ? 
# 
_exptl.absorpt_coefficient_mu     ? 
_exptl.absorpt_correction_T_max   ? 
_exptl.absorpt_correction_T_min   ? 
_exptl.absorpt_correction_type    ? 
_exptl.absorpt_process_details    ? 
_exptl.entry_id                   7VKI 
_exptl.crystals_number            1 
_exptl.details                    ? 
_exptl.method                     'X-RAY DIFFRACTION' 
_exptl.method_details             ? 
# 
_exptl_crystal.colour                      ? 
_exptl_crystal.density_diffrn              ? 
_exptl_crystal.density_Matthews            2.70 
_exptl_crystal.density_method              ? 
_exptl_crystal.density_percent_sol         54.46 
_exptl_crystal.description                 ? 
_exptl_crystal.F_000                       ? 
_exptl_crystal.id                          1 
_exptl_crystal.preparation                 ? 
_exptl_crystal.size_max                    ? 
_exptl_crystal.size_mid                    ? 
_exptl_crystal.size_min                    ? 
_exptl_crystal.size_rad                    ? 
_exptl_crystal.colour_lustre               ? 
_exptl_crystal.colour_modifier             ? 
_exptl_crystal.colour_primary              ? 
_exptl_crystal.density_meas                ? 
_exptl_crystal.density_meas_esd            ? 
_exptl_crystal.density_meas_gt             ? 
_exptl_crystal.density_meas_lt             ? 
_exptl_crystal.density_meas_temp           ? 
_exptl_crystal.density_meas_temp_esd       ? 
_exptl_crystal.density_meas_temp_gt        ? 
_exptl_crystal.density_meas_temp_lt        ? 
_exptl_crystal.pdbx_crystal_image_url      ? 
_exptl_crystal.pdbx_crystal_image_format   ? 
_exptl_crystal.pdbx_mosaicity              ? 
_exptl_crystal.pdbx_mosaicity_esd          ? 
# 
_exptl_crystal_grow.apparatus       ? 
_exptl_crystal_grow.atmosphere      ? 
_exptl_crystal_grow.crystal_id      1 
_exptl_crystal_grow.details         ? 
_exptl_crystal_grow.method          'VAPOR DIFFUSION, SITTING DROP' 
_exptl_crystal_grow.method_ref      ? 
_exptl_crystal_grow.pH              7.0 
_exptl_crystal_grow.pressure        ? 
_exptl_crystal_grow.pressure_esd    ? 
_exptl_crystal_grow.seeding         ? 
_exptl_crystal_grow.seeding_ref     ? 
_exptl_crystal_grow.temp            293 
_exptl_crystal_grow.temp_details    ? 
_exptl_crystal_grow.temp_esd        ? 
_exptl_crystal_grow.time            ? 
_exptl_crystal_grow.pdbx_details    '0.2 M Sodium malonate pH 7.0, 20% w/v Polyethylene glycol 3350' 
_exptl_crystal_grow.pdbx_pH_range   ? 
# 
_diffrn.ambient_environment              ? 
_diffrn.ambient_temp                     100 
_diffrn.ambient_temp_details             ? 
_diffrn.ambient_temp_esd                 ? 
_diffrn.crystal_id                       1 
_diffrn.crystal_support                  ? 
_diffrn.crystal_treatment                ? 
_diffrn.details                          ? 
_diffrn.id                               1 
_diffrn.ambient_pressure                 ? 
_diffrn.ambient_pressure_esd             ? 
_diffrn.ambient_pressure_gt              ? 
_diffrn.ambient_pressure_lt              ? 
_diffrn.ambient_temp_gt                  ? 
_diffrn.ambient_temp_lt                  ? 
_diffrn.pdbx_serial_crystal_experiment   N 
# 
_diffrn_detector.details                      ? 
_diffrn_detector.detector                     PIXEL 
_diffrn_detector.diffrn_id                    1 
_diffrn_detector.type                         'DECTRIS PILATUS 6M' 
_diffrn_detector.area_resol_mean              ? 
_diffrn_detector.dtime                        ? 
_diffrn_detector.pdbx_frames_total            ? 
_diffrn_detector.pdbx_collection_time_total   ? 
_diffrn_detector.pdbx_collection_date         2018-10-14 
_diffrn_detector.pdbx_frequency               ? 
# 
_diffrn_radiation.collimation                      ? 
_diffrn_radiation.diffrn_id                        1 
_diffrn_radiation.filter_edge                      ? 
_diffrn_radiation.inhomogeneity                    ? 
_diffrn_radiation.monochromator                    ? 
_diffrn_radiation.polarisn_norm                    ? 
_diffrn_radiation.polarisn_ratio                   ? 
_diffrn_radiation.probe                            ? 
_diffrn_radiation.type                             ? 
_diffrn_radiation.xray_symbol                      ? 
_diffrn_radiation.wavelength_id                    1 
_diffrn_radiation.pdbx_monochromatic_or_laue_m_l   M 
_diffrn_radiation.pdbx_wavelength_list             ? 
_diffrn_radiation.pdbx_wavelength                  ? 
_diffrn_radiation.pdbx_diffrn_protocol             'SINGLE WAVELENGTH' 
_diffrn_radiation.pdbx_analyzer                    ? 
_diffrn_radiation.pdbx_scattering_type             x-ray 
# 
_diffrn_radiation_wavelength.id           1 
_diffrn_radiation_wavelength.wavelength   0.94989 
_diffrn_radiation_wavelength.wt           1.0 
# 
_diffrn_source.current                     ? 
_diffrn_source.details                     ? 
_diffrn_source.diffrn_id                   1 
_diffrn_source.power                       ? 
_diffrn_source.size                        ? 
_diffrn_source.source                      SYNCHROTRON 
_diffrn_source.target                      ? 
_diffrn_source.type                        'SSRF BEAMLINE BL19U1' 
_diffrn_source.voltage                     ? 
_diffrn_source.take-off_angle              ? 
_diffrn_source.pdbx_wavelength_list        0.94989 
_diffrn_source.pdbx_wavelength             ? 
_diffrn_source.pdbx_synchrotron_beamline   BL19U1 
_diffrn_source.pdbx_synchrotron_site       SSRF 
# 
_reflns.B_iso_Wilson_estimate                          10.58 
_reflns.entry_id                                       7VKI 
_reflns.data_reduction_details                         ? 
_reflns.data_reduction_method                          ? 
_reflns.d_resolution_high                              1.65 
_reflns.d_resolution_low                               30 
_reflns.details                                        ? 
_reflns.limit_h_max                                    ? 
_reflns.limit_h_min                                    ? 
_reflns.limit_k_max                                    ? 
_reflns.limit_k_min                                    ? 
_reflns.limit_l_max                                    ? 
_reflns.limit_l_min                                    ? 
_reflns.number_all                                     ? 
_reflns.number_obs                                     22615 
_reflns.observed_criterion                             ? 
_reflns.observed_criterion_F_max                       ? 
_reflns.observed_criterion_F_min                       ? 
_reflns.observed_criterion_I_max                       ? 
_reflns.observed_criterion_I_min                       ? 
_reflns.observed_criterion_sigma_F                     ? 
_reflns.observed_criterion_sigma_I                     ? 
_reflns.percent_possible_obs                           99.8 
_reflns.R_free_details                                 ? 
_reflns.Rmerge_F_all                                   ? 
_reflns.Rmerge_F_obs                                   ? 
_reflns.Friedel_coverage                               ? 
_reflns.number_gt                                      ? 
_reflns.threshold_expression                           ? 
_reflns.pdbx_redundancy                                11.8 
_reflns.pdbx_Rmerge_I_obs                              0.145 
_reflns.pdbx_Rmerge_I_all                              ? 
_reflns.pdbx_Rsym_value                                ? 
_reflns.pdbx_netI_over_av_sigmaI                       ? 
_reflns.pdbx_netI_over_sigmaI                          17.429 
_reflns.pdbx_res_netI_over_av_sigmaI_2                 ? 
_reflns.pdbx_res_netI_over_sigmaI_2                    ? 
_reflns.pdbx_chi_squared                               ? 
_reflns.pdbx_scaling_rejects                           ? 
_reflns.pdbx_d_res_high_opt                            ? 
_reflns.pdbx_d_res_low_opt                             ? 
_reflns.pdbx_d_res_opt_method                          ? 
_reflns.phase_calculation_details                      ? 
_reflns.pdbx_Rrim_I_all                                0.150 
_reflns.pdbx_Rpim_I_all                                0.038 
_reflns.pdbx_d_opt                                     ? 
_reflns.pdbx_number_measured_all                       ? 
_reflns.pdbx_diffrn_id                                 1 
_reflns.pdbx_ordinal                                   1 
_reflns.pdbx_CC_half                                   0.981 
_reflns.pdbx_CC_star                                   0.995 
_reflns.pdbx_R_split                                   ? 
_reflns.pdbx_aniso_diffraction_limit_axis_1_ortho[1]   ? 
_reflns.pdbx_aniso_diffraction_limit_axis_1_ortho[2]   ? 
_reflns.pdbx_aniso_diffraction_limit_axis_1_ortho[3]   ? 
_reflns.pdbx_aniso_diffraction_limit_axis_2_ortho[1]   ? 
_reflns.pdbx_aniso_diffraction_limit_axis_2_ortho[2]   ? 
_reflns.pdbx_aniso_diffraction_limit_axis_2_ortho[3]   ? 
_reflns.pdbx_aniso_diffraction_limit_axis_3_ortho[1]   ? 
_reflns.pdbx_aniso_diffraction_limit_axis_3_ortho[2]   ? 
_reflns.pdbx_aniso_diffraction_limit_axis_3_ortho[3]   ? 
_reflns.pdbx_aniso_diffraction_limit_1                 ? 
_reflns.pdbx_aniso_diffraction_limit_2                 ? 
_reflns.pdbx_aniso_diffraction_limit_3                 ? 
_reflns.pdbx_aniso_B_tensor_eigenvector_1_ortho[1]     ? 
_reflns.pdbx_aniso_B_tensor_eigenvector_1_ortho[2]     ? 
_reflns.pdbx_aniso_B_tensor_eigenvector_1_ortho[3]     ? 
_reflns.pdbx_aniso_B_tensor_eigenvector_2_ortho[1]     ? 
_reflns.pdbx_aniso_B_tensor_eigenvector_2_ortho[2]     ? 
_reflns.pdbx_aniso_B_tensor_eigenvector_2_ortho[3]     ? 
_reflns.pdbx_aniso_B_tensor_eigenvector_3_ortho[1]     ? 
_reflns.pdbx_aniso_B_tensor_eigenvector_3_ortho[2]     ? 
_reflns.pdbx_aniso_B_tensor_eigenvector_3_ortho[3]     ? 
_reflns.pdbx_aniso_B_tensor_eigenvalue_1               ? 
_reflns.pdbx_aniso_B_tensor_eigenvalue_2               ? 
_reflns.pdbx_aniso_B_tensor_eigenvalue_3               ? 
_reflns.pdbx_orthogonalization_convention              ? 
_reflns.pdbx_percent_possible_ellipsoidal              ? 
_reflns.pdbx_percent_possible_spherical                ? 
_reflns.pdbx_percent_possible_ellipsoidal_anomalous    ? 
_reflns.pdbx_percent_possible_spherical_anomalous      ? 
_reflns.pdbx_redundancy_anomalous                      ? 
_reflns.pdbx_CC_half_anomalous                         ? 
_reflns.pdbx_absDiff_over_sigma_anomalous              ? 
_reflns.pdbx_percent_possible_anomalous                ? 
_reflns.pdbx_observed_signal_threshold                 ? 
_reflns.pdbx_signal_type                               ? 
_reflns.pdbx_signal_details                            ? 
_reflns.pdbx_signal_software_id                        ? 
# 
_reflns_shell.d_res_high                                    1.65 
_reflns_shell.d_res_low                                     1.71 
_reflns_shell.meanI_over_sigI_all                           ? 
_reflns_shell.meanI_over_sigI_obs                           4.333 
_reflns_shell.number_measured_all                           ? 
_reflns_shell.number_measured_obs                           ? 
_reflns_shell.number_possible                               ? 
_reflns_shell.number_unique_all                             ? 
_reflns_shell.number_unique_obs                             2200 
_reflns_shell.percent_possible_all                          98.6 
_reflns_shell.percent_possible_obs                          ? 
_reflns_shell.Rmerge_F_all                                  ? 
_reflns_shell.Rmerge_F_obs                                  ? 
_reflns_shell.Rmerge_I_all                                  ? 
_reflns_shell.Rmerge_I_obs                                  0.334 
_reflns_shell.meanI_over_sigI_gt                            ? 
_reflns_shell.meanI_over_uI_all                             ? 
_reflns_shell.meanI_over_uI_gt                              ? 
_reflns_shell.number_measured_gt                            ? 
_reflns_shell.number_unique_gt                              ? 
_reflns_shell.percent_possible_gt                           ? 
_reflns_shell.Rmerge_F_gt                                   ? 
_reflns_shell.Rmerge_I_gt                                   ? 
_reflns_shell.pdbx_redundancy                               7.0 
_reflns_shell.pdbx_Rsym_value                               ? 
_reflns_shell.pdbx_chi_squared                              ? 
_reflns_shell.pdbx_netI_over_sigmaI_all                     ? 
_reflns_shell.pdbx_netI_over_sigmaI_obs                     ? 
_reflns_shell.pdbx_Rrim_I_all                               0.356 
_reflns_shell.pdbx_Rpim_I_all                               0.118 
_reflns_shell.pdbx_rejects                                  ? 
_reflns_shell.pdbx_ordinal                                  1 
_reflns_shell.pdbx_diffrn_id                                1 
_reflns_shell.pdbx_CC_half                                  0.933 
_reflns_shell.pdbx_CC_star                                  0.982 
_reflns_shell.pdbx_R_split                                  ? 
_reflns_shell.pdbx_percent_possible_ellipsoidal             ? 
_reflns_shell.pdbx_percent_possible_spherical               ? 
_reflns_shell.pdbx_percent_possible_ellipsoidal_anomalous   ? 
_reflns_shell.pdbx_percent_possible_spherical_anomalous     ? 
_reflns_shell.pdbx_redundancy_anomalous                     ? 
_reflns_shell.pdbx_CC_half_anomalous                        ? 
_reflns_shell.pdbx_absDiff_over_sigma_anomalous             ? 
_reflns_shell.pdbx_percent_possible_anomalous               ? 
# 
_refine.aniso_B[1][1]                            ? 
_refine.aniso_B[1][2]                            ? 
_refine.aniso_B[1][3]                            ? 
_refine.aniso_B[2][2]                            ? 
_refine.aniso_B[2][3]                            ? 
_refine.aniso_B[3][3]                            ? 
_refine.B_iso_max                                ? 
_refine.B_iso_mean                               14.63 
_refine.B_iso_min                                ? 
_refine.correlation_coeff_Fo_to_Fc               ? 
_refine.correlation_coeff_Fo_to_Fc_free          ? 
_refine.details                                  ? 
_refine.diff_density_max                         ? 
_refine.diff_density_max_esd                     ? 
_refine.diff_density_min                         ? 
_refine.diff_density_min_esd                     ? 
_refine.diff_density_rms                         ? 
_refine.diff_density_rms_esd                     ? 
_refine.entry_id                                 7VKI 
_refine.pdbx_refine_id                           'X-RAY DIFFRACTION' 
_refine.ls_abs_structure_details                 ? 
_refine.ls_abs_structure_Flack                   ? 
_refine.ls_abs_structure_Flack_esd               ? 
_refine.ls_abs_structure_Rogers                  ? 
_refine.ls_abs_structure_Rogers_esd              ? 
_refine.ls_d_res_high                            1.65 
_refine.ls_d_res_low                             28.25 
_refine.ls_extinction_coef                       ? 
_refine.ls_extinction_coef_esd                   ? 
_refine.ls_extinction_expression                 ? 
_refine.ls_extinction_method                     ? 
_refine.ls_goodness_of_fit_all                   ? 
_refine.ls_goodness_of_fit_all_esd               ? 
_refine.ls_goodness_of_fit_obs                   ? 
_refine.ls_goodness_of_fit_obs_esd               ? 
_refine.ls_hydrogen_treatment                    ? 
_refine.ls_matrix_type                           ? 
_refine.ls_number_constraints                    ? 
_refine.ls_number_parameters                     ? 
_refine.ls_number_reflns_all                     ? 
_refine.ls_number_reflns_obs                     21026 
_refine.ls_number_reflns_R_free                  1043 
_refine.ls_number_reflns_R_work                  19983 
_refine.ls_number_restraints                     ? 
_refine.ls_percent_reflns_obs                    92.63 
_refine.ls_percent_reflns_R_free                 4.96 
_refine.ls_R_factor_all                          ? 
_refine.ls_R_factor_obs                          0.1958 
_refine.ls_R_factor_R_free                       0.2204 
_refine.ls_R_factor_R_free_error                 ? 
_refine.ls_R_factor_R_free_error_details         ? 
_refine.ls_R_factor_R_work                       0.1945 
_refine.ls_R_Fsqd_factor_obs                     ? 
_refine.ls_R_I_factor_obs                        ? 
_refine.ls_redundancy_reflns_all                 ? 
_refine.ls_redundancy_reflns_obs                 ? 
_refine.ls_restrained_S_all                      ? 
_refine.ls_restrained_S_obs                      ? 
_refine.ls_shift_over_esd_max                    ? 
_refine.ls_shift_over_esd_mean                   ? 
_refine.ls_structure_factor_coef                 ? 
_refine.ls_weighting_details                     ? 
_refine.ls_weighting_scheme                      ? 
_refine.ls_wR_factor_all                         ? 
_refine.ls_wR_factor_obs                         ? 
_refine.ls_wR_factor_R_free                      ? 
_refine.ls_wR_factor_R_work                      ? 
_refine.occupancy_max                            ? 
_refine.occupancy_min                            ? 
_refine.solvent_model_details                    'FLAT BULK SOLVENT MODEL' 
_refine.solvent_model_param_bsol                 ? 
_refine.solvent_model_param_ksol                 ? 
_refine.pdbx_R_complete                          ? 
_refine.ls_R_factor_gt                           ? 
_refine.ls_goodness_of_fit_gt                    ? 
_refine.ls_goodness_of_fit_ref                   ? 
_refine.ls_shift_over_su_max                     ? 
_refine.ls_shift_over_su_max_lt                  ? 
_refine.ls_shift_over_su_mean                    ? 
_refine.ls_shift_over_su_mean_lt                 ? 
_refine.pdbx_ls_sigma_I                          ? 
_refine.pdbx_ls_sigma_F                          1.53 
_refine.pdbx_ls_sigma_Fsqd                       ? 
_refine.pdbx_data_cutoff_high_absF               ? 
_refine.pdbx_data_cutoff_high_rms_absF           ? 
_refine.pdbx_data_cutoff_low_absF                ? 
_refine.pdbx_isotropic_thermal_model             ? 
_refine.pdbx_ls_cross_valid_method               'FREE R-VALUE' 
_refine.pdbx_method_to_determine_struct          'MOLECULAR REPLACEMENT' 
_refine.pdbx_starting_model                      2RVJ 
_refine.pdbx_stereochemistry_target_values       'GeoStd + Monomer Library + CDL v1.2' 
_refine.pdbx_R_Free_selection_details            ? 
_refine.pdbx_stereochem_target_val_spec_case     ? 
_refine.pdbx_overall_ESU_R                       ? 
_refine.pdbx_overall_ESU_R_Free                  ? 
_refine.pdbx_solvent_vdw_probe_radii             1.1100 
_refine.pdbx_solvent_ion_probe_radii             ? 
_refine.pdbx_solvent_shrinkage_radii             0.9000 
_refine.pdbx_real_space_R                        ? 
_refine.pdbx_density_correlation                 ? 
_refine.pdbx_pd_number_of_powder_patterns        ? 
_refine.pdbx_pd_number_of_points                 ? 
_refine.pdbx_pd_meas_number_of_points            ? 
_refine.pdbx_pd_proc_ls_prof_R_factor            ? 
_refine.pdbx_pd_proc_ls_prof_wR_factor           ? 
_refine.pdbx_pd_Marquardt_correlation_coeff      ? 
_refine.pdbx_pd_Fsqrd_R_factor                   ? 
_refine.pdbx_pd_ls_matrix_band_width             ? 
_refine.pdbx_overall_phase_error                 21.5284 
_refine.pdbx_overall_SU_R_free_Cruickshank_DPI   ? 
_refine.pdbx_overall_SU_R_free_Blow_DPI          ? 
_refine.pdbx_overall_SU_R_Blow_DPI               ? 
_refine.pdbx_TLS_residual_ADP_flag               ? 
_refine.pdbx_diffrn_id                           1 
_refine.overall_SU_B                             ? 
_refine.overall_SU_ML                            0.1769 
_refine.overall_SU_R_Cruickshank_DPI             ? 
_refine.overall_SU_R_free                        ? 
_refine.overall_FOM_free_R_set                   ? 
_refine.overall_FOM_work_R_set                   ? 
_refine.pdbx_average_fsc_overall                 ? 
_refine.pdbx_average_fsc_work                    ? 
_refine.pdbx_average_fsc_free                    ? 
# 
_refine_hist.pdbx_refine_id                   'X-RAY DIFFRACTION' 
_refine_hist.cycle_id                         LAST 
_refine_hist.details                          ? 
_refine_hist.d_res_high                       1.65 
_refine_hist.d_res_low                        28.25 
_refine_hist.number_atoms_solvent             128 
_refine_hist.number_atoms_total               1081 
_refine_hist.number_reflns_all                ? 
_refine_hist.number_reflns_obs                ? 
_refine_hist.number_reflns_R_free             ? 
_refine_hist.number_reflns_R_work             ? 
_refine_hist.R_factor_all                     ? 
_refine_hist.R_factor_obs                     ? 
_refine_hist.R_factor_R_free                  ? 
_refine_hist.R_factor_R_work                  ? 
_refine_hist.pdbx_number_residues_total       ? 
_refine_hist.pdbx_B_iso_mean_ligand           ? 
_refine_hist.pdbx_B_iso_mean_solvent          ? 
_refine_hist.pdbx_number_atoms_protein        887 
_refine_hist.pdbx_number_atoms_nucleic_acid   66 
_refine_hist.pdbx_number_atoms_ligand         0 
_refine_hist.pdbx_number_atoms_lipid          ? 
_refine_hist.pdbx_number_atoms_carb           ? 
_refine_hist.pdbx_pseudo_atom_details         ? 
# 
loop_
_refine_ls_restr.pdbx_refine_id 
_refine_ls_restr.criterion 
_refine_ls_restr.dev_ideal 
_refine_ls_restr.dev_ideal_target 
_refine_ls_restr.number 
_refine_ls_restr.rejects 
_refine_ls_restr.type 
_refine_ls_restr.weight 
_refine_ls_restr.pdbx_restraint_function 
'X-RAY DIFFRACTION' ? 0.0066  ? 979  ? f_bond_d           ? ? 
'X-RAY DIFFRACTION' ? 0.8642  ? 1338 ? f_angle_d          ? ? 
'X-RAY DIFFRACTION' ? 0.0563  ? 152  ? f_chiral_restr     ? ? 
'X-RAY DIFFRACTION' ? 0.0101  ? 164  ? f_plane_restr      ? ? 
'X-RAY DIFFRACTION' ? 26.3154 ? 155  ? f_dihedral_angle_d ? ? 
# 
loop_
_refine_ls_shell.pdbx_refine_id 
_refine_ls_shell.d_res_high 
_refine_ls_shell.d_res_low 
_refine_ls_shell.number_reflns_all 
_refine_ls_shell.number_reflns_obs 
_refine_ls_shell.number_reflns_R_free 
_refine_ls_shell.number_reflns_R_work 
_refine_ls_shell.percent_reflns_obs 
_refine_ls_shell.percent_reflns_R_free 
_refine_ls_shell.R_factor_all 
_refine_ls_shell.R_factor_obs 
_refine_ls_shell.R_factor_R_free 
_refine_ls_shell.R_factor_R_free_error 
_refine_ls_shell.R_factor_R_work 
_refine_ls_shell.redundancy_reflns_all 
_refine_ls_shell.redundancy_reflns_obs 
_refine_ls_shell.wR_factor_all 
_refine_ls_shell.wR_factor_obs 
_refine_ls_shell.wR_factor_R_free 
_refine_ls_shell.wR_factor_R_work 
_refine_ls_shell.pdbx_R_complete 
_refine_ls_shell.pdbx_total_number_of_bins_used 
_refine_ls_shell.pdbx_phase_error 
_refine_ls_shell.pdbx_fsc_work 
_refine_ls_shell.pdbx_fsc_free 
'X-RAY DIFFRACTION' 1.65 1.73  . . 104 1779 58.94 . . . 0.2588 . 0.2426 . . . . . . . . . . . 
'X-RAY DIFFRACTION' 1.73 1.84  . . 152 2728 90.03 . . . 0.3055 . 0.2302 . . . . . . . . . . . 
'X-RAY DIFFRACTION' 1.84 1.98  . . 159 3041 99.41 . . . 0.2188 . 0.2061 . . . . . . . . . . . 
'X-RAY DIFFRACTION' 1.98 2.18  . . 147 3071 99.69 . . . 0.2072 . 0.1917 . . . . . . . . . . . 
'X-RAY DIFFRACTION' 2.18 2.50  . . 169 3063 99.94 . . . 0.2172 . 0.2021 . . . . . . . . . . . 
'X-RAY DIFFRACTION' 2.50 3.15  . . 178 3069 99.88 . . . 0.2324 . 0.1987 . . . . . . . . . . . 
'X-RAY DIFFRACTION' 3.15 28.25 . . 134 3232 99.82 . . . 0.1845 . 0.1708 . . . . . . . . . . . 
# 
_struct.entry_id                     7VKI 
_struct.title                        'ESRP1 qRRM2 in complex with 12mer-RNA' 
_struct.pdbx_model_details           ? 
_struct.pdbx_formula_weight          ? 
_struct.pdbx_formula_weight_method   ? 
_struct.pdbx_model_type_details      ? 
_struct.pdbx_CASP_flag               N 
# 
_struct_keywords.entry_id        7VKI 
_struct_keywords.text            'qRRM domain, RNA binding, circRNA, complex, RNA BINDING PROTEIN, RNA BINDING PROTEIN-RNA complex' 
_struct_keywords.pdbx_keywords   'RNA BINDING PROTEIN/RNA' 
# 
loop_
_struct_asym.id 
_struct_asym.pdbx_blank_PDB_chainid_flag 
_struct_asym.pdbx_modified 
_struct_asym.entity_id 
_struct_asym.details 
A N N 1 ? 
B N N 2 ? 
C N N 3 ? 
D N N 3 ? 
# 
loop_
_struct_ref.id 
_struct_ref.db_name 
_struct_ref.db_code 
_struct_ref.pdbx_db_accession 
_struct_ref.pdbx_db_isoform 
_struct_ref.entity_id 
_struct_ref.pdbx_seq_one_letter_code 
_struct_ref.pdbx_align_begin 
1 UNP ESRP1_HUMAN Q6NXG1 ? 1 
;TSNEVAQFLSKENQVIVRMRGLPFTATAEEVVAFFGQHCPITGGKEGILFVTYPDGRPTGDAFVLFACEEYAQNALRKHK
DLLGKRYIELFRSTAAEVQQVLNRFSSAPLIPLPTPPII
;
312 
2 PDB 7VKI        7VKI   ? 2 ? 1   
# 
loop_
_struct_ref_seq.align_id 
_struct_ref_seq.ref_id 
_struct_ref_seq.pdbx_PDB_id_code 
_struct_ref_seq.pdbx_strand_id 
_struct_ref_seq.seq_align_beg 
_struct_ref_seq.pdbx_seq_align_beg_ins_code 
_struct_ref_seq.seq_align_end 
_struct_ref_seq.pdbx_seq_align_end_ins_code 
_struct_ref_seq.pdbx_db_accession 
_struct_ref_seq.db_align_beg 
_struct_ref_seq.pdbx_db_align_beg_ins_code 
_struct_ref_seq.db_align_end 
_struct_ref_seq.pdbx_db_align_end_ins_code 
_struct_ref_seq.pdbx_auth_seq_align_beg 
_struct_ref_seq.pdbx_auth_seq_align_end 
1 1 7VKI A 1 ? 119 ? Q6NXG1 312 ? 430 ? 312 430 
2 2 7VKI B 1 ? 12  ? 7VKI   0   ? 11  ? 0   11  
# 
_pdbx_struct_assembly.id                   1 
_pdbx_struct_assembly.details              author_defined_assembly 
_pdbx_struct_assembly.method_details       ? 
_pdbx_struct_assembly.oligomeric_details   dimeric 
_pdbx_struct_assembly.oligomeric_count     2 
# 
loop_
_pdbx_struct_assembly_prop.biol_id 
_pdbx_struct_assembly_prop.type 
_pdbx_struct_assembly_prop.value 
_pdbx_struct_assembly_prop.details 
1 'ABSA (A^2)' 630  ? 
1 MORE         2    ? 
1 'SSA (A^2)'  7230 ? 
# 
_pdbx_struct_assembly_gen.assembly_id       1 
_pdbx_struct_assembly_gen.oper_expression   1 
_pdbx_struct_assembly_gen.asym_id_list      A,B,C,D 
# 
_pdbx_struct_assembly_auth_evidence.id                     1 
_pdbx_struct_assembly_auth_evidence.assembly_id            1 
_pdbx_struct_assembly_auth_evidence.experimental_support   'isothermal titration calorimetry' 
_pdbx_struct_assembly_auth_evidence.details                ? 
# 
_pdbx_struct_oper_list.id                   1 
_pdbx_struct_oper_list.type                 'identity operation' 
_pdbx_struct_oper_list.name                 1_555 
_pdbx_struct_oper_list.symmetry_operation   x,y,z 
_pdbx_struct_oper_list.matrix[1][1]         1.0000000000 
_pdbx_struct_oper_list.matrix[1][2]         0.0000000000 
_pdbx_struct_oper_list.matrix[1][3]         0.0000000000 
_pdbx_struct_oper_list.vector[1]            0.0000000000 
_pdbx_struct_oper_list.matrix[2][1]         0.0000000000 
_pdbx_struct_oper_list.matrix[2][2]         1.0000000000 
_pdbx_struct_oper_list.matrix[2][3]         0.0000000000 
_pdbx_struct_oper_list.vector[2]            0.0000000000 
_pdbx_struct_oper_list.matrix[3][1]         0.0000000000 
_pdbx_struct_oper_list.matrix[3][2]         0.0000000000 
_pdbx_struct_oper_list.matrix[3][3]         1.0000000000 
_pdbx_struct_oper_list.vector[3]            0.0000000000 
# 
loop_
_struct_conf.conf_type_id 
_struct_conf.id 
_struct_conf.pdbx_PDB_helix_id 
_struct_conf.beg_label_comp_id 
_struct_conf.beg_label_asym_id 
_struct_conf.beg_label_seq_id 
_struct_conf.pdbx_beg_PDB_ins_code 
_struct_conf.end_label_comp_id 
_struct_conf.end_label_asym_id 
_struct_conf.end_label_seq_id 
_struct_conf.pdbx_end_PDB_ins_code 
_struct_conf.beg_auth_comp_id 
_struct_conf.beg_auth_asym_id 
_struct_conf.beg_auth_seq_id 
_struct_conf.end_auth_comp_id 
_struct_conf.end_auth_asym_id 
_struct_conf.end_auth_seq_id 
_struct_conf.pdbx_PDB_helix_class 
_struct_conf.details 
_struct_conf.pdbx_PDB_helix_length 
HELX_P HELX_P1 AA1 THR A 1  ? LYS A 11  ? THR A 312 LYS A 322 1 ? 11 
HELX_P HELX_P2 AA2 THR A 27 ? GLY A 36  ? THR A 338 GLY A 347 1 ? 10 
HELX_P HELX_P3 AA3 GLY A 43 ? GLU A 46  ? GLY A 354 GLU A 357 5 ? 4  
HELX_P HELX_P4 AA4 CYS A 68 ? ARG A 77  ? CYS A 379 ARG A 388 1 ? 10 
HELX_P HELX_P5 AA5 THR A 94 ? SER A 106 ? THR A 405 SER A 417 1 ? 13 
# 
_struct_conf_type.id          HELX_P 
_struct_conf_type.criteria    ? 
_struct_conf_type.reference   ? 
# 
_struct_conn.id                            disulf1 
_struct_conn.conn_type_id                  disulf 
_struct_conn.pdbx_leaving_atom_flag        ? 
_struct_conn.pdbx_PDB_id                   ? 
_struct_conn.ptnr1_label_asym_id           A 
_struct_conn.ptnr1_label_comp_id           CYS 
_struct_conn.ptnr1_label_seq_id            68 
_struct_conn.ptnr1_label_atom_id           SG 
_struct_conn.pdbx_ptnr1_label_alt_id       ? 
_struct_conn.pdbx_ptnr1_PDB_ins_code       ? 
_struct_conn.pdbx_ptnr1_standard_comp_id   ? 
_struct_conn.ptnr1_symmetry                1_555 
_struct_conn.ptnr2_label_asym_id           A 
_struct_conn.ptnr2_label_comp_id           CYS 
_struct_conn.ptnr2_label_seq_id            68 
_struct_conn.ptnr2_label_atom_id           SG 
_struct_conn.pdbx_ptnr2_label_alt_id       ? 
_struct_conn.pdbx_ptnr2_PDB_ins_code       ? 
_struct_conn.ptnr1_auth_asym_id            A 
_struct_conn.ptnr1_auth_comp_id            CYS 
_struct_conn.ptnr1_auth_seq_id             379 
_struct_conn.ptnr2_auth_asym_id            A 
_struct_conn.ptnr2_auth_comp_id            CYS 
_struct_conn.ptnr2_auth_seq_id             379 
_struct_conn.ptnr2_symmetry                5_555 
_struct_conn.pdbx_ptnr3_label_atom_id      ? 
_struct_conn.pdbx_ptnr3_label_seq_id       ? 
_struct_conn.pdbx_ptnr3_label_comp_id      ? 
_struct_conn.pdbx_ptnr3_label_asym_id      ? 
_struct_conn.pdbx_ptnr3_label_alt_id       ? 
_struct_conn.pdbx_ptnr3_PDB_ins_code       ? 
_struct_conn.details                       ? 
_struct_conn.pdbx_dist_value               2.040 
_struct_conn.pdbx_value_order              ? 
_struct_conn.pdbx_role                     ? 
# 
_struct_conn_type.id          disulf 
_struct_conn_type.criteria    ? 
_struct_conn_type.reference   ? 
# 
_pdbx_modification_feature.ordinal                            1 
_pdbx_modification_feature.label_comp_id                      CYS 
_pdbx_modification_feature.label_asym_id                      A 
_pdbx_modification_feature.label_seq_id                       68 
_pdbx_modification_feature.label_alt_id                       ? 
_pdbx_modification_feature.modified_residue_label_comp_id     CYS 
_pdbx_modification_feature.modified_residue_label_asym_id     A 
_pdbx_modification_feature.modified_residue_label_seq_id      68 
_pdbx_modification_feature.modified_residue_label_alt_id      ? 
_pdbx_modification_feature.auth_comp_id                       CYS 
_pdbx_modification_feature.auth_asym_id                       A 
_pdbx_modification_feature.auth_seq_id                        379 
_pdbx_modification_feature.PDB_ins_code                       ? 
_pdbx_modification_feature.symmetry                           1_555 
_pdbx_modification_feature.modified_residue_auth_comp_id      CYS 
_pdbx_modification_feature.modified_residue_auth_asym_id      A 
_pdbx_modification_feature.modified_residue_auth_seq_id       379 
_pdbx_modification_feature.modified_residue_PDB_ins_code      ? 
_pdbx_modification_feature.modified_residue_symmetry          5_555 
_pdbx_modification_feature.comp_id_linking_atom               SG 
_pdbx_modification_feature.modified_residue_id_linking_atom   SG 
_pdbx_modification_feature.modified_residue_id                . 
_pdbx_modification_feature.ref_pcm_id                         . 
_pdbx_modification_feature.ref_comp_id                        . 
_pdbx_modification_feature.type                               None 
_pdbx_modification_feature.category                           'Disulfide bridge' 
# 
loop_
_struct_sheet.id 
_struct_sheet.type 
_struct_sheet.number_strands 
_struct_sheet.details 
AA1 ? 4 ? 
AA2 ? 2 ? 
# 
loop_
_struct_sheet_order.sheet_id 
_struct_sheet_order.range_id_1 
_struct_sheet_order.range_id_2 
_struct_sheet_order.offset 
_struct_sheet_order.sense 
AA1 1 2 ? anti-parallel 
AA1 2 3 ? anti-parallel 
AA1 3 4 ? anti-parallel 
AA2 1 2 ? anti-parallel 
# 
loop_
_struct_sheet_range.sheet_id 
_struct_sheet_range.id 
_struct_sheet_range.beg_label_comp_id 
_struct_sheet_range.beg_label_asym_id 
_struct_sheet_range.beg_label_seq_id 
_struct_sheet_range.pdbx_beg_PDB_ins_code 
_struct_sheet_range.end_label_comp_id 
_struct_sheet_range.end_label_asym_id 
_struct_sheet_range.end_label_seq_id 
_struct_sheet_range.pdbx_end_PDB_ins_code 
_struct_sheet_range.beg_auth_comp_id 
_struct_sheet_range.beg_auth_asym_id 
_struct_sheet_range.beg_auth_seq_id 
_struct_sheet_range.end_auth_comp_id 
_struct_sheet_range.end_auth_asym_id 
_struct_sheet_range.end_auth_seq_id 
AA1 1 ILE A 48 ? THR A 52 ? ILE A 359 THR A 363 
AA1 2 PRO A 58 ? PHE A 66 ? PRO A 369 PHE A 377 
AA1 3 VAL A 15 ? ARG A 20 ? VAL A 326 ARG A 331 
AA1 4 GLU A 89 ? SER A 93 ? GLU A 400 SER A 404 
AA2 1 LEU A 82 ? LEU A 83 ? LEU A 393 LEU A 394 
AA2 2 ARG A 86 ? TYR A 87 ? ARG A 397 TYR A 398 
# 
loop_
_pdbx_struct_sheet_hbond.sheet_id 
_pdbx_struct_sheet_hbond.range_id_1 
_pdbx_struct_sheet_hbond.range_id_2 
_pdbx_struct_sheet_hbond.range_1_label_atom_id 
_pdbx_struct_sheet_hbond.range_1_label_comp_id 
_pdbx_struct_sheet_hbond.range_1_label_asym_id 
_pdbx_struct_sheet_hbond.range_1_label_seq_id 
_pdbx_struct_sheet_hbond.range_1_PDB_ins_code 
_pdbx_struct_sheet_hbond.range_1_auth_atom_id 
_pdbx_struct_sheet_hbond.range_1_auth_comp_id 
_pdbx_struct_sheet_hbond.range_1_auth_asym_id 
_pdbx_struct_sheet_hbond.range_1_auth_seq_id 
_pdbx_struct_sheet_hbond.range_2_label_atom_id 
_pdbx_struct_sheet_hbond.range_2_label_comp_id 
_pdbx_struct_sheet_hbond.range_2_label_asym_id 
_pdbx_struct_sheet_hbond.range_2_label_seq_id 
_pdbx_struct_sheet_hbond.range_2_PDB_ins_code 
_pdbx_struct_sheet_hbond.range_2_auth_atom_id 
_pdbx_struct_sheet_hbond.range_2_auth_comp_id 
_pdbx_struct_sheet_hbond.range_2_auth_asym_id 
_pdbx_struct_sheet_hbond.range_2_auth_seq_id 
AA1 1 2 N LEU A 49 ? N LEU A 360 O PHE A 63 ? O PHE A 374 
AA1 2 3 O ALA A 62 ? O ALA A 373 N MET A 19 ? N MET A 330 
AA1 3 4 N ARG A 18 ? N ARG A 329 O PHE A 91 ? O PHE A 402 
AA2 1 2 N LEU A 83 ? N LEU A 394 O ARG A 86 ? O ARG A 397 
# 
_pdbx_entry_details.entry_id                   7VKI 
_pdbx_entry_details.compound_details           ? 
_pdbx_entry_details.source_details             ? 
_pdbx_entry_details.nonpolymer_details         ? 
_pdbx_entry_details.sequence_details           ? 
_pdbx_entry_details.has_ligand_of_interest     ? 
_pdbx_entry_details.has_protein_modification   Y 
# 
_pdbx_validate_close_contact.id               1 
_pdbx_validate_close_contact.PDB_model_num    1 
_pdbx_validate_close_contact.auth_atom_id_1   O 
_pdbx_validate_close_contact.auth_asym_id_1   A 
_pdbx_validate_close_contact.auth_comp_id_1   HOH 
_pdbx_validate_close_contact.auth_seq_id_1    596 
_pdbx_validate_close_contact.PDB_ins_code_1   ? 
_pdbx_validate_close_contact.label_alt_id_1   ? 
_pdbx_validate_close_contact.auth_atom_id_2   O 
_pdbx_validate_close_contact.auth_asym_id_2   A 
_pdbx_validate_close_contact.auth_comp_id_2   HOH 
_pdbx_validate_close_contact.auth_seq_id_2    618 
_pdbx_validate_close_contact.PDB_ins_code_2   ? 
_pdbx_validate_close_contact.label_alt_id_2   ? 
_pdbx_validate_close_contact.dist             2.18 
# 
loop_
_space_group_symop.id 
_space_group_symop.operation_xyz 
1 x,y,z          
2 -y,x-y,z+1/3   
3 -x+y,-x,z+2/3  
4 x-y,-y,-z+2/3  
5 -x,-x+y,-z+1/3 
6 y,x,-z         
# 
loop_
_pdbx_unobs_or_zero_occ_residues.id 
_pdbx_unobs_or_zero_occ_residues.PDB_model_num 
_pdbx_unobs_or_zero_occ_residues.polymer_flag 
_pdbx_unobs_or_zero_occ_residues.occupancy_flag 
_pdbx_unobs_or_zero_occ_residues.auth_asym_id 
_pdbx_unobs_or_zero_occ_residues.auth_comp_id 
_pdbx_unobs_or_zero_occ_residues.auth_seq_id 
_pdbx_unobs_or_zero_occ_residues.PDB_ins_code 
_pdbx_unobs_or_zero_occ_residues.label_asym_id 
_pdbx_unobs_or_zero_occ_residues.label_comp_id 
_pdbx_unobs_or_zero_occ_residues.label_seq_id 
1  1 Y 1 A PRO 425 ? A PRO 114 
2  1 Y 1 A THR 426 ? A THR 115 
3  1 Y 1 A PRO 427 ? A PRO 116 
4  1 Y 1 A PRO 428 ? A PRO 117 
5  1 Y 1 A ILE 429 ? A ILE 118 
6  1 Y 1 A ILE 430 ? A ILE 119 
7  1 Y 1 B U   0   ? B U   1   
8  1 Y 1 B G   4   ? B G   5   
9  1 Y 1 B G   5   ? B G   6   
10 1 Y 1 B U   6   ? B U   7   
11 1 Y 1 B G   7   ? B G   8   
12 1 Y 1 B G   8   ? B G   9   
13 1 Y 1 B U   9   ? B U   10  
14 1 Y 1 B G   10  ? B G   11  
15 1 Y 1 B G   11  ? B G   12  
# 
loop_
_chem_comp_atom.comp_id 
_chem_comp_atom.atom_id 
_chem_comp_atom.type_symbol 
_chem_comp_atom.pdbx_aromatic_flag 
_chem_comp_atom.pdbx_stereo_config 
_chem_comp_atom.pdbx_ordinal 
ALA N      N N N 1   
ALA CA     C N S 2   
ALA C      C N N 3   
ALA O      O N N 4   
ALA CB     C N N 5   
ALA OXT    O N N 6   
ALA H      H N N 7   
ALA H2     H N N 8   
ALA HA     H N N 9   
ALA HB1    H N N 10  
ALA HB2    H N N 11  
ALA HB3    H N N 12  
ALA HXT    H N N 13  
ARG N      N N N 14  
ARG CA     C N S 15  
ARG C      C N N 16  
ARG O      O N N 17  
ARG CB     C N N 18  
ARG CG     C N N 19  
ARG CD     C N N 20  
ARG NE     N N N 21  
ARG CZ     C N N 22  
ARG NH1    N N N 23  
ARG NH2    N N N 24  
ARG OXT    O N N 25  
ARG H      H N N 26  
ARG H2     H N N 27  
ARG HA     H N N 28  
ARG HB2    H N N 29  
ARG HB3    H N N 30  
ARG HG2    H N N 31  
ARG HG3    H N N 32  
ARG HD2    H N N 33  
ARG HD3    H N N 34  
ARG HE     H N N 35  
ARG HH11   H N N 36  
ARG HH12   H N N 37  
ARG HH21   H N N 38  
ARG HH22   H N N 39  
ARG HXT    H N N 40  
ASN N      N N N 41  
ASN CA     C N S 42  
ASN C      C N N 43  
ASN O      O N N 44  
ASN CB     C N N 45  
ASN CG     C N N 46  
ASN OD1    O N N 47  
ASN ND2    N N N 48  
ASN OXT    O N N 49  
ASN H      H N N 50  
ASN H2     H N N 51  
ASN HA     H N N 52  
ASN HB2    H N N 53  
ASN HB3    H N N 54  
ASN HD21   H N N 55  
ASN HD22   H N N 56  
ASN HXT    H N N 57  
ASP N      N N N 58  
ASP CA     C N S 59  
ASP C      C N N 60  
ASP O      O N N 61  
ASP CB     C N N 62  
ASP CG     C N N 63  
ASP OD1    O N N 64  
ASP OD2    O N N 65  
ASP OXT    O N N 66  
ASP H      H N N 67  
ASP H2     H N N 68  
ASP HA     H N N 69  
ASP HB2    H N N 70  
ASP HB3    H N N 71  
ASP HD2    H N N 72  
ASP HXT    H N N 73  
CYS N      N N N 74  
CYS CA     C N R 75  
CYS C      C N N 76  
CYS O      O N N 77  
CYS CB     C N N 78  
CYS SG     S N N 79  
CYS OXT    O N N 80  
CYS H      H N N 81  
CYS H2     H N N 82  
CYS HA     H N N 83  
CYS HB2    H N N 84  
CYS HB3    H N N 85  
CYS HG     H N N 86  
CYS HXT    H N N 87  
G   OP3    O N N 88  
G   P      P N N 89  
G   OP1    O N N 90  
G   OP2    O N N 91  
G   "O5'"  O N N 92  
G   "C5'"  C N N 93  
G   "C4'"  C N R 94  
G   "O4'"  O N N 95  
G   "C3'"  C N S 96  
G   "O3'"  O N N 97  
G   "C2'"  C N R 98  
G   "O2'"  O N N 99  
G   "C1'"  C N R 100 
G   N9     N Y N 101 
G   C8     C Y N 102 
G   N7     N Y N 103 
G   C5     C Y N 104 
G   C6     C N N 105 
G   O6     O N N 106 
G   N1     N N N 107 
G   C2     C N N 108 
G   N2     N N N 109 
G   N3     N N N 110 
G   C4     C Y N 111 
G   HOP3   H N N 112 
G   HOP2   H N N 113 
G   "H5'"  H N N 114 
G   "H5''" H N N 115 
G   "H4'"  H N N 116 
G   "H3'"  H N N 117 
G   "HO3'" H N N 118 
G   "H2'"  H N N 119 
G   "HO2'" H N N 120 
G   "H1'"  H N N 121 
G   H8     H N N 122 
G   H1     H N N 123 
G   H21    H N N 124 
G   H22    H N N 125 
GLN N      N N N 126 
GLN CA     C N S 127 
GLN C      C N N 128 
GLN O      O N N 129 
GLN CB     C N N 130 
GLN CG     C N N 131 
GLN CD     C N N 132 
GLN OE1    O N N 133 
GLN NE2    N N N 134 
GLN OXT    O N N 135 
GLN H      H N N 136 
GLN H2     H N N 137 
GLN HA     H N N 138 
GLN HB2    H N N 139 
GLN HB3    H N N 140 
GLN HG2    H N N 141 
GLN HG3    H N N 142 
GLN HE21   H N N 143 
GLN HE22   H N N 144 
GLN HXT    H N N 145 
GLU N      N N N 146 
GLU CA     C N S 147 
GLU C      C N N 148 
GLU O      O N N 149 
GLU CB     C N N 150 
GLU CG     C N N 151 
GLU CD     C N N 152 
GLU OE1    O N N 153 
GLU OE2    O N N 154 
GLU OXT    O N N 155 
GLU H      H N N 156 
GLU H2     H N N 157 
GLU HA     H N N 158 
GLU HB2    H N N 159 
GLU HB3    H N N 160 
GLU HG2    H N N 161 
GLU HG3    H N N 162 
GLU HE2    H N N 163 
GLU HXT    H N N 164 
GLY N      N N N 165 
GLY CA     C N N 166 
GLY C      C N N 167 
GLY O      O N N 168 
GLY OXT    O N N 169 
GLY H      H N N 170 
GLY H2     H N N 171 
GLY HA2    H N N 172 
GLY HA3    H N N 173 
GLY HXT    H N N 174 
HIS N      N N N 175 
HIS CA     C N S 176 
HIS C      C N N 177 
HIS O      O N N 178 
HIS CB     C N N 179 
HIS CG     C Y N 180 
HIS ND1    N Y N 181 
HIS CD2    C Y N 182 
HIS CE1    C Y N 183 
HIS NE2    N Y N 184 
HIS OXT    O N N 185 
HIS H      H N N 186 
HIS H2     H N N 187 
HIS HA     H N N 188 
HIS HB2    H N N 189 
HIS HB3    H N N 190 
HIS HD1    H N N 191 
HIS HD2    H N N 192 
HIS HE1    H N N 193 
HIS HE2    H N N 194 
HIS HXT    H N N 195 
HOH O      O N N 196 
HOH H1     H N N 197 
HOH H2     H N N 198 
ILE N      N N N 199 
ILE CA     C N S 200 
ILE C      C N N 201 
ILE O      O N N 202 
ILE CB     C N S 203 
ILE CG1    C N N 204 
ILE CG2    C N N 205 
ILE CD1    C N N 206 
ILE OXT    O N N 207 
ILE H      H N N 208 
ILE H2     H N N 209 
ILE HA     H N N 210 
ILE HB     H N N 211 
ILE HG12   H N N 212 
ILE HG13   H N N 213 
ILE HG21   H N N 214 
ILE HG22   H N N 215 
ILE HG23   H N N 216 
ILE HD11   H N N 217 
ILE HD12   H N N 218 
ILE HD13   H N N 219 
ILE HXT    H N N 220 
LEU N      N N N 221 
LEU CA     C N S 222 
LEU C      C N N 223 
LEU O      O N N 224 
LEU CB     C N N 225 
LEU CG     C N N 226 
LEU CD1    C N N 227 
LEU CD2    C N N 228 
LEU OXT    O N N 229 
LEU H      H N N 230 
LEU H2     H N N 231 
LEU HA     H N N 232 
LEU HB2    H N N 233 
LEU HB3    H N N 234 
LEU HG     H N N 235 
LEU HD11   H N N 236 
LEU HD12   H N N 237 
LEU HD13   H N N 238 
LEU HD21   H N N 239 
LEU HD22   H N N 240 
LEU HD23   H N N 241 
LEU HXT    H N N 242 
LYS N      N N N 243 
LYS CA     C N S 244 
LYS C      C N N 245 
LYS O      O N N 246 
LYS CB     C N N 247 
LYS CG     C N N 248 
LYS CD     C N N 249 
LYS CE     C N N 250 
LYS NZ     N N N 251 
LYS OXT    O N N 252 
LYS H      H N N 253 
LYS H2     H N N 254 
LYS HA     H N N 255 
LYS HB2    H N N 256 
LYS HB3    H N N 257 
LYS HG2    H N N 258 
LYS HG3    H N N 259 
LYS HD2    H N N 260 
LYS HD3    H N N 261 
LYS HE2    H N N 262 
LYS HE3    H N N 263 
LYS HZ1    H N N 264 
LYS HZ2    H N N 265 
LYS HZ3    H N N 266 
LYS HXT    H N N 267 
MET N      N N N 268 
MET CA     C N S 269 
MET C      C N N 270 
MET O      O N N 271 
MET CB     C N N 272 
MET CG     C N N 273 
MET SD     S N N 274 
MET CE     C N N 275 
MET OXT    O N N 276 
MET H      H N N 277 
MET H2     H N N 278 
MET HA     H N N 279 
MET HB2    H N N 280 
MET HB3    H N N 281 
MET HG2    H N N 282 
MET HG3    H N N 283 
MET HE1    H N N 284 
MET HE2    H N N 285 
MET HE3    H N N 286 
MET HXT    H N N 287 
PHE N      N N N 288 
PHE CA     C N S 289 
PHE C      C N N 290 
PHE O      O N N 291 
PHE CB     C N N 292 
PHE CG     C Y N 293 
PHE CD1    C Y N 294 
PHE CD2    C Y N 295 
PHE CE1    C Y N 296 
PHE CE2    C Y N 297 
PHE CZ     C Y N 298 
PHE OXT    O N N 299 
PHE H      H N N 300 
PHE H2     H N N 301 
PHE HA     H N N 302 
PHE HB2    H N N 303 
PHE HB3    H N N 304 
PHE HD1    H N N 305 
PHE HD2    H N N 306 
PHE HE1    H N N 307 
PHE HE2    H N N 308 
PHE HZ     H N N 309 
PHE HXT    H N N 310 
PRO N      N N N 311 
PRO CA     C N S 312 
PRO C      C N N 313 
PRO O      O N N 314 
PRO CB     C N N 315 
PRO CG     C N N 316 
PRO CD     C N N 317 
PRO OXT    O N N 318 
PRO H      H N N 319 
PRO HA     H N N 320 
PRO HB2    H N N 321 
PRO HB3    H N N 322 
PRO HG2    H N N 323 
PRO HG3    H N N 324 
PRO HD2    H N N 325 
PRO HD3    H N N 326 
PRO HXT    H N N 327 
SER N      N N N 328 
SER CA     C N S 329 
SER C      C N N 330 
SER O      O N N 331 
SER CB     C N N 332 
SER OG     O N N 333 
SER OXT    O N N 334 
SER H      H N N 335 
SER H2     H N N 336 
SER HA     H N N 337 
SER HB2    H N N 338 
SER HB3    H N N 339 
SER HG     H N N 340 
SER HXT    H N N 341 
THR N      N N N 342 
THR CA     C N S 343 
THR C      C N N 344 
THR O      O N N 345 
THR CB     C N R 346 
THR OG1    O N N 347 
THR CG2    C N N 348 
THR OXT    O N N 349 
THR H      H N N 350 
THR H2     H N N 351 
THR HA     H N N 352 
THR HB     H N N 353 
THR HG1    H N N 354 
THR HG21   H N N 355 
THR HG22   H N N 356 
THR HG23   H N N 357 
THR HXT    H N N 358 
TYR N      N N N 359 
TYR CA     C N S 360 
TYR C      C N N 361 
TYR O      O N N 362 
TYR CB     C N N 363 
TYR CG     C Y N 364 
TYR CD1    C Y N 365 
TYR CD2    C Y N 366 
TYR CE1    C Y N 367 
TYR CE2    C Y N 368 
TYR CZ     C Y N 369 
TYR OH     O N N 370 
TYR OXT    O N N 371 
TYR H      H N N 372 
TYR H2     H N N 373 
TYR HA     H N N 374 
TYR HB2    H N N 375 
TYR HB3    H N N 376 
TYR HD1    H N N 377 
TYR HD2    H N N 378 
TYR HE1    H N N 379 
TYR HE2    H N N 380 
TYR HH     H N N 381 
TYR HXT    H N N 382 
U   OP3    O N N 383 
U   P      P N N 384 
U   OP1    O N N 385 
U   OP2    O N N 386 
U   "O5'"  O N N 387 
U   "C5'"  C N N 388 
U   "C4'"  C N R 389 
U   "O4'"  O N N 390 
U   "C3'"  C N S 391 
U   "O3'"  O N N 392 
U   "C2'"  C N R 393 
U   "O2'"  O N N 394 
U   "C1'"  C N R 395 
U   N1     N N N 396 
U   C2     C N N 397 
U   O2     O N N 398 
U   N3     N N N 399 
U   C4     C N N 400 
U   O4     O N N 401 
U   C5     C N N 402 
U   C6     C N N 403 
U   HOP3   H N N 404 
U   HOP2   H N N 405 
U   "H5'"  H N N 406 
U   "H5''" H N N 407 
U   "H4'"  H N N 408 
U   "H3'"  H N N 409 
U   "HO3'" H N N 410 
U   "H2'"  H N N 411 
U   "HO2'" H N N 412 
U   "H1'"  H N N 413 
U   H3     H N N 414 
U   H5     H N N 415 
U   H6     H N N 416 
VAL N      N N N 417 
VAL CA     C N S 418 
VAL C      C N N 419 
VAL O      O N N 420 
VAL CB     C N N 421 
VAL CG1    C N N 422 
VAL CG2    C N N 423 
VAL OXT    O N N 424 
VAL H      H N N 425 
VAL H2     H N N 426 
VAL HA     H N N 427 
VAL HB     H N N 428 
VAL HG11   H N N 429 
VAL HG12   H N N 430 
VAL HG13   H N N 431 
VAL HG21   H N N 432 
VAL HG22   H N N 433 
VAL HG23   H N N 434 
VAL HXT    H N N 435 
# 
loop_
_chem_comp_bond.comp_id 
_chem_comp_bond.atom_id_1 
_chem_comp_bond.atom_id_2 
_chem_comp_bond.value_order 
_chem_comp_bond.pdbx_aromatic_flag 
_chem_comp_bond.pdbx_stereo_config 
_chem_comp_bond.pdbx_ordinal 
ALA N     CA     sing N N 1   
ALA N     H      sing N N 2   
ALA N     H2     sing N N 3   
ALA CA    C      sing N N 4   
ALA CA    CB     sing N N 5   
ALA CA    HA     sing N N 6   
ALA C     O      doub N N 7   
ALA C     OXT    sing N N 8   
ALA CB    HB1    sing N N 9   
ALA CB    HB2    sing N N 10  
ALA CB    HB3    sing N N 11  
ALA OXT   HXT    sing N N 12  
ARG N     CA     sing N N 13  
ARG N     H      sing N N 14  
ARG N     H2     sing N N 15  
ARG CA    C      sing N N 16  
ARG CA    CB     sing N N 17  
ARG CA    HA     sing N N 18  
ARG C     O      doub N N 19  
ARG C     OXT    sing N N 20  
ARG CB    CG     sing N N 21  
ARG CB    HB2    sing N N 22  
ARG CB    HB3    sing N N 23  
ARG CG    CD     sing N N 24  
ARG CG    HG2    sing N N 25  
ARG CG    HG3    sing N N 26  
ARG CD    NE     sing N N 27  
ARG CD    HD2    sing N N 28  
ARG CD    HD3    sing N N 29  
ARG NE    CZ     sing N N 30  
ARG NE    HE     sing N N 31  
ARG CZ    NH1    sing N N 32  
ARG CZ    NH2    doub N N 33  
ARG NH1   HH11   sing N N 34  
ARG NH1   HH12   sing N N 35  
ARG NH2   HH21   sing N N 36  
ARG NH2   HH22   sing N N 37  
ARG OXT   HXT    sing N N 38  
ASN N     CA     sing N N 39  
ASN N     H      sing N N 40  
ASN N     H2     sing N N 41  
ASN CA    C      sing N N 42  
ASN CA    CB     sing N N 43  
ASN CA    HA     sing N N 44  
ASN C     O      doub N N 45  
ASN C     OXT    sing N N 46  
ASN CB    CG     sing N N 47  
ASN CB    HB2    sing N N 48  
ASN CB    HB3    sing N N 49  
ASN CG    OD1    doub N N 50  
ASN CG    ND2    sing N N 51  
ASN ND2   HD21   sing N N 52  
ASN ND2   HD22   sing N N 53  
ASN OXT   HXT    sing N N 54  
ASP N     CA     sing N N 55  
ASP N     H      sing N N 56  
ASP N     H2     sing N N 57  
ASP CA    C      sing N N 58  
ASP CA    CB     sing N N 59  
ASP CA    HA     sing N N 60  
ASP C     O      doub N N 61  
ASP C     OXT    sing N N 62  
ASP CB    CG     sing N N 63  
ASP CB    HB2    sing N N 64  
ASP CB    HB3    sing N N 65  
ASP CG    OD1    doub N N 66  
ASP CG    OD2    sing N N 67  
ASP OD2   HD2    sing N N 68  
ASP OXT   HXT    sing N N 69  
CYS N     CA     sing N N 70  
CYS N     H      sing N N 71  
CYS N     H2     sing N N 72  
CYS CA    C      sing N N 73  
CYS CA    CB     sing N N 74  
CYS CA    HA     sing N N 75  
CYS C     O      doub N N 76  
CYS C     OXT    sing N N 77  
CYS CB    SG     sing N N 78  
CYS CB    HB2    sing N N 79  
CYS CB    HB3    sing N N 80  
CYS SG    HG     sing N N 81  
CYS OXT   HXT    sing N N 82  
G   OP3   P      sing N N 83  
G   OP3   HOP3   sing N N 84  
G   P     OP1    doub N N 85  
G   P     OP2    sing N N 86  
G   P     "O5'"  sing N N 87  
G   OP2   HOP2   sing N N 88  
G   "O5'" "C5'"  sing N N 89  
G   "C5'" "C4'"  sing N N 90  
G   "C5'" "H5'"  sing N N 91  
G   "C5'" "H5''" sing N N 92  
G   "C4'" "O4'"  sing N N 93  
G   "C4'" "C3'"  sing N N 94  
G   "C4'" "H4'"  sing N N 95  
G   "O4'" "C1'"  sing N N 96  
G   "C3'" "O3'"  sing N N 97  
G   "C3'" "C2'"  sing N N 98  
G   "C3'" "H3'"  sing N N 99  
G   "O3'" "HO3'" sing N N 100 
G   "C2'" "O2'"  sing N N 101 
G   "C2'" "C1'"  sing N N 102 
G   "C2'" "H2'"  sing N N 103 
G   "O2'" "HO2'" sing N N 104 
G   "C1'" N9     sing N N 105 
G   "C1'" "H1'"  sing N N 106 
G   N9    C8     sing Y N 107 
G   N9    C4     sing Y N 108 
G   C8    N7     doub Y N 109 
G   C8    H8     sing N N 110 
G   N7    C5     sing Y N 111 
G   C5    C6     sing N N 112 
G   C5    C4     doub Y N 113 
G   C6    O6     doub N N 114 
G   C6    N1     sing N N 115 
G   N1    C2     sing N N 116 
G   N1    H1     sing N N 117 
G   C2    N2     sing N N 118 
G   C2    N3     doub N N 119 
G   N2    H21    sing N N 120 
G   N2    H22    sing N N 121 
G   N3    C4     sing N N 122 
GLN N     CA     sing N N 123 
GLN N     H      sing N N 124 
GLN N     H2     sing N N 125 
GLN CA    C      sing N N 126 
GLN CA    CB     sing N N 127 
GLN CA    HA     sing N N 128 
GLN C     O      doub N N 129 
GLN C     OXT    sing N N 130 
GLN CB    CG     sing N N 131 
GLN CB    HB2    sing N N 132 
GLN CB    HB3    sing N N 133 
GLN CG    CD     sing N N 134 
GLN CG    HG2    sing N N 135 
GLN CG    HG3    sing N N 136 
GLN CD    OE1    doub N N 137 
GLN CD    NE2    sing N N 138 
GLN NE2   HE21   sing N N 139 
GLN NE2   HE22   sing N N 140 
GLN OXT   HXT    sing N N 141 
GLU N     CA     sing N N 142 
GLU N     H      sing N N 143 
GLU N     H2     sing N N 144 
GLU CA    C      sing N N 145 
GLU CA    CB     sing N N 146 
GLU CA    HA     sing N N 147 
GLU C     O      doub N N 148 
GLU C     OXT    sing N N 149 
GLU CB    CG     sing N N 150 
GLU CB    HB2    sing N N 151 
GLU CB    HB3    sing N N 152 
GLU CG    CD     sing N N 153 
GLU CG    HG2    sing N N 154 
GLU CG    HG3    sing N N 155 
GLU CD    OE1    doub N N 156 
GLU CD    OE2    sing N N 157 
GLU OE2   HE2    sing N N 158 
GLU OXT   HXT    sing N N 159 
GLY N     CA     sing N N 160 
GLY N     H      sing N N 161 
GLY N     H2     sing N N 162 
GLY CA    C      sing N N 163 
GLY CA    HA2    sing N N 164 
GLY CA    HA3    sing N N 165 
GLY C     O      doub N N 166 
GLY C     OXT    sing N N 167 
GLY OXT   HXT    sing N N 168 
HIS N     CA     sing N N 169 
HIS N     H      sing N N 170 
HIS N     H2     sing N N 171 
HIS CA    C      sing N N 172 
HIS CA    CB     sing N N 173 
HIS CA    HA     sing N N 174 
HIS C     O      doub N N 175 
HIS C     OXT    sing N N 176 
HIS CB    CG     sing N N 177 
HIS CB    HB2    sing N N 178 
HIS CB    HB3    sing N N 179 
HIS CG    ND1    sing Y N 180 
HIS CG    CD2    doub Y N 181 
HIS ND1   CE1    doub Y N 182 
HIS ND1   HD1    sing N N 183 
HIS CD2   NE2    sing Y N 184 
HIS CD2   HD2    sing N N 185 
HIS CE1   NE2    sing Y N 186 
HIS CE1   HE1    sing N N 187 
HIS NE2   HE2    sing N N 188 
HIS OXT   HXT    sing N N 189 
HOH O     H1     sing N N 190 
HOH O     H2     sing N N 191 
ILE N     CA     sing N N 192 
ILE N     H      sing N N 193 
ILE N     H2     sing N N 194 
ILE CA    C      sing N N 195 
ILE CA    CB     sing N N 196 
ILE CA    HA     sing N N 197 
ILE C     O      doub N N 198 
ILE C     OXT    sing N N 199 
ILE CB    CG1    sing N N 200 
ILE CB    CG2    sing N N 201 
ILE CB    HB     sing N N 202 
ILE CG1   CD1    sing N N 203 
ILE CG1   HG12   sing N N 204 
ILE CG1   HG13   sing N N 205 
ILE CG2   HG21   sing N N 206 
ILE CG2   HG22   sing N N 207 
ILE CG2   HG23   sing N N 208 
ILE CD1   HD11   sing N N 209 
ILE CD1   HD12   sing N N 210 
ILE CD1   HD13   sing N N 211 
ILE OXT   HXT    sing N N 212 
LEU N     CA     sing N N 213 
LEU N     H      sing N N 214 
LEU N     H2     sing N N 215 
LEU CA    C      sing N N 216 
LEU CA    CB     sing N N 217 
LEU CA    HA     sing N N 218 
LEU C     O      doub N N 219 
LEU C     OXT    sing N N 220 
LEU CB    CG     sing N N 221 
LEU CB    HB2    sing N N 222 
LEU CB    HB3    sing N N 223 
LEU CG    CD1    sing N N 224 
LEU CG    CD2    sing N N 225 
LEU CG    HG     sing N N 226 
LEU CD1   HD11   sing N N 227 
LEU CD1   HD12   sing N N 228 
LEU CD1   HD13   sing N N 229 
LEU CD2   HD21   sing N N 230 
LEU CD2   HD22   sing N N 231 
LEU CD2   HD23   sing N N 232 
LEU OXT   HXT    sing N N 233 
LYS N     CA     sing N N 234 
LYS N     H      sing N N 235 
LYS N     H2     sing N N 236 
LYS CA    C      sing N N 237 
LYS CA    CB     sing N N 238 
LYS CA    HA     sing N N 239 
LYS C     O      doub N N 240 
LYS C     OXT    sing N N 241 
LYS CB    CG     sing N N 242 
LYS CB    HB2    sing N N 243 
LYS CB    HB3    sing N N 244 
LYS CG    CD     sing N N 245 
LYS CG    HG2    sing N N 246 
LYS CG    HG3    sing N N 247 
LYS CD    CE     sing N N 248 
LYS CD    HD2    sing N N 249 
LYS CD    HD3    sing N N 250 
LYS CE    NZ     sing N N 251 
LYS CE    HE2    sing N N 252 
LYS CE    HE3    sing N N 253 
LYS NZ    HZ1    sing N N 254 
LYS NZ    HZ2    sing N N 255 
LYS NZ    HZ3    sing N N 256 
LYS OXT   HXT    sing N N 257 
MET N     CA     sing N N 258 
MET N     H      sing N N 259 
MET N     H2     sing N N 260 
MET CA    C      sing N N 261 
MET CA    CB     sing N N 262 
MET CA    HA     sing N N 263 
MET C     O      doub N N 264 
MET C     OXT    sing N N 265 
MET CB    CG     sing N N 266 
MET CB    HB2    sing N N 267 
MET CB    HB3    sing N N 268 
MET CG    SD     sing N N 269 
MET CG    HG2    sing N N 270 
MET CG    HG3    sing N N 271 
MET SD    CE     sing N N 272 
MET CE    HE1    sing N N 273 
MET CE    HE2    sing N N 274 
MET CE    HE3    sing N N 275 
MET OXT   HXT    sing N N 276 
PHE N     CA     sing N N 277 
PHE N     H      sing N N 278 
PHE N     H2     sing N N 279 
PHE CA    C      sing N N 280 
PHE CA    CB     sing N N 281 
PHE CA    HA     sing N N 282 
PHE C     O      doub N N 283 
PHE C     OXT    sing N N 284 
PHE CB    CG     sing N N 285 
PHE CB    HB2    sing N N 286 
PHE CB    HB3    sing N N 287 
PHE CG    CD1    doub Y N 288 
PHE CG    CD2    sing Y N 289 
PHE CD1   CE1    sing Y N 290 
PHE CD1   HD1    sing N N 291 
PHE CD2   CE2    doub Y N 292 
PHE CD2   HD2    sing N N 293 
PHE CE1   CZ     doub Y N 294 
PHE CE1   HE1    sing N N 295 
PHE CE2   CZ     sing Y N 296 
PHE CE2   HE2    sing N N 297 
PHE CZ    HZ     sing N N 298 
PHE OXT   HXT    sing N N 299 
PRO N     CA     sing N N 300 
PRO N     CD     sing N N 301 
PRO N     H      sing N N 302 
PRO CA    C      sing N N 303 
PRO CA    CB     sing N N 304 
PRO CA    HA     sing N N 305 
PRO C     O      doub N N 306 
PRO C     OXT    sing N N 307 
PRO CB    CG     sing N N 308 
PRO CB    HB2    sing N N 309 
PRO CB    HB3    sing N N 310 
PRO CG    CD     sing N N 311 
PRO CG    HG2    sing N N 312 
PRO CG    HG3    sing N N 313 
PRO CD    HD2    sing N N 314 
PRO CD    HD3    sing N N 315 
PRO OXT   HXT    sing N N 316 
SER N     CA     sing N N 317 
SER N     H      sing N N 318 
SER N     H2     sing N N 319 
SER CA    C      sing N N 320 
SER CA    CB     sing N N 321 
SER CA    HA     sing N N 322 
SER C     O      doub N N 323 
SER C     OXT    sing N N 324 
SER CB    OG     sing N N 325 
SER CB    HB2    sing N N 326 
SER CB    HB3    sing N N 327 
SER OG    HG     sing N N 328 
SER OXT   HXT    sing N N 329 
THR N     CA     sing N N 330 
THR N     H      sing N N 331 
THR N     H2     sing N N 332 
THR CA    C      sing N N 333 
THR CA    CB     sing N N 334 
THR CA    HA     sing N N 335 
THR C     O      doub N N 336 
THR C     OXT    sing N N 337 
THR CB    OG1    sing N N 338 
THR CB    CG2    sing N N 339 
THR CB    HB     sing N N 340 
THR OG1   HG1    sing N N 341 
THR CG2   HG21   sing N N 342 
THR CG2   HG22   sing N N 343 
THR CG2   HG23   sing N N 344 
THR OXT   HXT    sing N N 345 
TYR N     CA     sing N N 346 
TYR N     H      sing N N 347 
TYR N     H2     sing N N 348 
TYR CA    C      sing N N 349 
TYR CA    CB     sing N N 350 
TYR CA    HA     sing N N 351 
TYR C     O      doub N N 352 
TYR C     OXT    sing N N 353 
TYR CB    CG     sing N N 354 
TYR CB    HB2    sing N N 355 
TYR CB    HB3    sing N N 356 
TYR CG    CD1    doub Y N 357 
TYR CG    CD2    sing Y N 358 
TYR CD1   CE1    sing Y N 359 
TYR CD1   HD1    sing N N 360 
TYR CD2   CE2    doub Y N 361 
TYR CD2   HD2    sing N N 362 
TYR CE1   CZ     doub Y N 363 
TYR CE1   HE1    sing N N 364 
TYR CE2   CZ     sing Y N 365 
TYR CE2   HE2    sing N N 366 
TYR CZ    OH     sing N N 367 
TYR OH    HH     sing N N 368 
TYR OXT   HXT    sing N N 369 
U   OP3   P      sing N N 370 
U   OP3   HOP3   sing N N 371 
U   P     OP1    doub N N 372 
U   P     OP2    sing N N 373 
U   P     "O5'"  sing N N 374 
U   OP2   HOP2   sing N N 375 
U   "O5'" "C5'"  sing N N 376 
U   "C5'" "C4'"  sing N N 377 
U   "C5'" "H5'"  sing N N 378 
U   "C5'" "H5''" sing N N 379 
U   "C4'" "O4'"  sing N N 380 
U   "C4'" "C3'"  sing N N 381 
U   "C4'" "H4'"  sing N N 382 
U   "O4'" "C1'"  sing N N 383 
U   "C3'" "O3'"  sing N N 384 
U   "C3'" "C2'"  sing N N 385 
U   "C3'" "H3'"  sing N N 386 
U   "O3'" "HO3'" sing N N 387 
U   "C2'" "O2'"  sing N N 388 
U   "C2'" "C1'"  sing N N 389 
U   "C2'" "H2'"  sing N N 390 
U   "O2'" "HO2'" sing N N 391 
U   "C1'" N1     sing N N 392 
U   "C1'" "H1'"  sing N N 393 
U   N1    C2     sing N N 394 
U   N1    C6     sing N N 395 
U   C2    O2     doub N N 396 
U   C2    N3     sing N N 397 
U   N3    C4     sing N N 398 
U   N3    H3     sing N N 399 
U   C4    O4     doub N N 400 
U   C4    C5     sing N N 401 
U   C5    C6     doub N N 402 
U   C5    H5     sing N N 403 
U   C6    H6     sing N N 404 
VAL N     CA     sing N N 405 
VAL N     H      sing N N 406 
VAL N     H2     sing N N 407 
VAL CA    C      sing N N 408 
VAL CA    CB     sing N N 409 
VAL CA    HA     sing N N 410 
VAL C     O      doub N N 411 
VAL C     OXT    sing N N 412 
VAL CB    CG1    sing N N 413 
VAL CB    CG2    sing N N 414 
VAL CB    HB     sing N N 415 
VAL CG1   HG11   sing N N 416 
VAL CG1   HG12   sing N N 417 
VAL CG1   HG13   sing N N 418 
VAL CG2   HG21   sing N N 419 
VAL CG2   HG22   sing N N 420 
VAL CG2   HG23   sing N N 421 
VAL OXT   HXT    sing N N 422 
# 
_pdbx_audit_support.funding_organization   'Not funded' 
_pdbx_audit_support.country                ? 
_pdbx_audit_support.grant_number           ? 
_pdbx_audit_support.ordinal                1 
# 
_pdbx_initial_refinement_model.id               1 
_pdbx_initial_refinement_model.entity_id_list   ? 
_pdbx_initial_refinement_model.type             'experimental model' 
_pdbx_initial_refinement_model.source_name      PDB 
_pdbx_initial_refinement_model.accession_code   2RVJ 
_pdbx_initial_refinement_model.details          ? 
# 
_space_group.name_H-M_alt     'P 31 2 1' 
_space_group.name_Hall        
;P 31 2"
;
_space_group.IT_number        152 
_space_group.crystal_system   trigonal 
_space_group.id               1 
# 
_atom_sites.entry_id                    7VKI 
_atom_sites.Cartn_transf_matrix[1][1]   ? 
_atom_sites.Cartn_transf_matrix[1][2]   ? 
_atom_sites.Cartn_transf_matrix[1][3]   ? 
_atom_sites.Cartn_transf_matrix[2][1]   ? 
_atom_sites.Cartn_transf_matrix[2][2]   ? 
_atom_sites.Cartn_transf_matrix[2][3]   ? 
_atom_sites.Cartn_transf_matrix[3][1]   ? 
_atom_sites.Cartn_transf_matrix[3][2]   ? 
_atom_sites.Cartn_transf_matrix[3][3]   ? 
_atom_sites.Cartn_transf_vector[1]      ? 
_atom_sites.Cartn_transf_vector[2]      ? 
_atom_sites.Cartn_transf_vector[3]      ? 
_atom_sites.fract_transf_matrix[1][1]   0.00074810 
_atom_sites.fract_transf_matrix[1][2]   -0.01060103 
_atom_sites.fract_transf_matrix[1][3]   -0.00817561 
_atom_sites.fract_transf_matrix[2][1]   0.00237359 
_atom_sites.fract_transf_matrix[2][2]   -0.01219678 
_atom_sites.fract_transf_matrix[2][3]   0.00503777 
_atom_sites.fract_transf_matrix[3][1]   -0.02272332 
_atom_sites.fract_transf_matrix[3][2]   -0.00343907 
_atom_sites.fract_transf_matrix[3][3]   0.00238006 
_atom_sites.fract_transf_vector[1]      0.460373 
_atom_sites.fract_transf_vector[2]      -0.145633 
_atom_sites.fract_transf_vector[3]      0.088538 
_atom_sites.solution_primary            ? 
_atom_sites.solution_secondary          ? 
_atom_sites.solution_hydrogens          ? 
_atom_sites.special_details             ? 
# 
loop_
_atom_type.symbol 
_atom_type.scat_dispersion_real 
_atom_type.scat_dispersion_imag 
_atom_type.scat_Cromer_Mann_a1 
_atom_type.scat_Cromer_Mann_a2 
_atom_type.scat_Cromer_Mann_a3 
_atom_type.scat_Cromer_Mann_a4 
_atom_type.scat_Cromer_Mann_b1 
_atom_type.scat_Cromer_Mann_b2 
_atom_type.scat_Cromer_Mann_b3 
_atom_type.scat_Cromer_Mann_b4 
_atom_type.scat_Cromer_Mann_c 
_atom_type.scat_source 
_atom_type.scat_dispersion_source 
C ? ? 3.54356 2.42580 ? ? 25.62398 1.50364  ? ? 0.0 
;2-Gaussian fit: Grosse-Kunstleve RW, Sauter NK, Adams PD: Newsletter of the IUCr Commission on Crystallographic Computing 2004, 3, 22-31.
;
? 
N ? ? 4.01032 2.96436 ? ? 19.97189 1.75589  ? ? 0.0 
;2-Gaussian fit: Grosse-Kunstleve RW, Sauter NK, Adams PD: Newsletter of the IUCr Commission on Crystallographic Computing 2004, 3, 22-31.
;
? 
O ? ? 4.49882 3.47563 ? ? 15.80542 1.70748  ? ? 0.0 
;2-Gaussian fit: Grosse-Kunstleve RW, Sauter NK, Adams PD: Newsletter of the IUCr Commission on Crystallographic Computing 2004, 3, 22-31.
;
? 
P ? ? 9.51135 5.44231 ? ? 1.42069  35.72801 ? ? 0.0 
;2-Gaussian fit: Grosse-Kunstleve RW, Sauter NK, Adams PD: Newsletter of the IUCr Commission on Crystallographic Computing 2004, 3, 22-31.
;
? 
S ? ? 9.55732 6.39887 ? ? 1.23737  29.19336 ? ? 0.0 
;2-Gaussian fit: Grosse-Kunstleve RW, Sauter NK, Adams PD: Newsletter of the IUCr Commission on Crystallographic Computing 2004, 3, 22-31.
;
? 
# 
loop_
_atom_site.group_PDB 
_atom_site.id 
_atom_site.type_symbol 
_atom_site.label_atom_id 
_atom_site.label_alt_id 
_atom_site.label_comp_id 
_atom_site.label_asym_id 
_atom_site.label_entity_id 
_atom_site.label_seq_id 
_atom_site.pdbx_PDB_ins_code 
_atom_site.Cartn_x 
_atom_site.Cartn_y 
_atom_site.Cartn_z 
_atom_site.occupancy 
_atom_site.B_iso_or_equiv 
_atom_site.pdbx_formal_charge 
_atom_site.auth_seq_id 
_atom_site.auth_comp_id 
_atom_site.auth_asym_id 
_atom_site.auth_atom_id 
_atom_site.pdbx_PDB_model_num 
ATOM   1    N N     . THR A 1 1   ? -2.50998  -2.91337  -12.50061 1.000 42.49877 ? 312 THR A N     1 
ATOM   2    C CA    . THR A 1 1   ? -3.43419  -3.88935  -13.07466 1.000 44.55538 ? 312 THR A CA    1 
ATOM   3    C C     . THR A 1 1   ? -4.84934  -3.68206  -12.53975 1.000 45.64578 ? 312 THR A C     1 
ATOM   4    O O     . THR A 1 1   ? -5.07315  -3.72307  -11.32676 1.000 41.55514 ? 312 THR A O     1 
ATOM   5    C CB    . THR A 1 1   ? -2.99472  -5.33252  -12.76888 1.000 49.09692 ? 312 THR A CB    1 
ATOM   6    O OG1   . THR A 1 1   ? -1.67454  -5.55489  -13.28038 1.000 55.62679 ? 312 THR A OG1   1 
ATOM   7    C CG2   . THR A 1 1   ? -3.96243  -6.33860  -13.39594 1.000 46.82506 ? 312 THR A CG2   1 
ATOM   8    N N     . SER A 1 2   ? -5.80317  -3.46570  -13.45093 1.000 46.89521 ? 313 SER A N     1 
ATOM   9    C CA    . SER A 1 2   ? -7.17994  -3.21104  -13.03501 1.000 41.20288 ? 313 SER A CA    1 
ATOM   10   C C     . SER A 1 2   ? -7.72001  -4.34890  -12.18082 1.000 38.71563 ? 313 SER A C     1 
ATOM   11   O O     . SER A 1 2   ? -8.45998  -4.11525  -11.21973 1.000 37.41863 ? 313 SER A O     1 
ATOM   12   C CB    . SER A 1 2   ? -8.07040  -2.98885  -14.25806 1.000 46.51039 ? 313 SER A CB    1 
ATOM   13   O OG    . SER A 1 2   ? -8.12155  -1.61584  -14.61309 1.000 47.83925 ? 313 SER A OG    1 
ATOM   14   N N     . ASN A 1 3   ? -7.35896  -5.58852  -12.50934 1.000 41.42226 ? 314 ASN A N     1 
ATOM   15   C CA    . ASN A 1 3   ? -7.75797  -6.70622  -11.66283 1.000 41.68414 ? 314 ASN A CA    1 
ATOM   16   C C     . ASN A 1 3   ? -7.05601  -6.62975  -10.30763 1.000 39.63676 ? 314 ASN A C     1 
ATOM   17   O O     . ASN A 1 3   ? -7.64633  -6.96147  -9.27106  1.000 37.96880 ? 314 ASN A O     1 
ATOM   18   C CB    . ASN A 1 3   ? -7.45016  -8.02501  -12.37749 1.000 45.12307 ? 314 ASN A CB    1 
ATOM   19   C CG    . ASN A 1 3   ? -7.51232  -9.23405  -11.45355 1.000 51.81567 ? 314 ASN A CG    1 
ATOM   20   O OD1   . ASN A 1 3   ? -8.29831  -9.27418  -10.50428 1.000 51.47531 ? 314 ASN A OD1   1 
ATOM   21   N ND2   . ASN A 1 3   ? -6.66753  -10.22574 -11.72503 1.000 58.27298 ? 314 ASN A ND2   1 
ATOM   22   N N     . GLU A 1 4   ? -5.80026  -6.17737  -10.29735 1.000 39.03938 ? 315 GLU A N     1 
ATOM   23   C CA    . GLU A 1 4   ? -5.05698  -6.04916  -9.04769  1.000 37.86793 ? 315 GLU A CA    1 
ATOM   24   C C     . GLU A 1 4   ? -5.68131  -4.98775  -8.15107  1.000 32.64162 ? 315 GLU A C     1 
ATOM   25   O O     . GLU A 1 4   ? -5.91044  -5.22039  -6.95733  1.000 28.99207 ? 315 GLU A O     1 
ATOM   26   C CB    . GLU A 1 4   ? -3.60254  -5.69733  -9.35115  1.000 41.97657 ? 315 GLU A CB    1 
ATOM   27   C CG    . GLU A 1 4   ? -2.56263  -6.52226  -8.62750  1.000 46.77325 ? 315 GLU A CG    1 
ATOM   28   C CD    . GLU A 1 4   ? -1.21052  -6.43021  -9.30744  1.000 52.63879 ? 315 GLU A CD    1 
ATOM   29   O OE1   . GLU A 1 4   ? -1.04302  -5.52390  -10.15481 1.000 53.25489 ? 315 GLU A OE1   1 
ATOM   30   O OE2   . GLU A 1 4   ? -0.32159  -7.25664  -9.00207  1.000 53.46189 ? 315 GLU A OE2   1 
ATOM   31   N N     . VAL A 1 5   ? -5.94419  -3.80578  -8.71363  1.000 28.67862 ? 316 VAL A N     1 
ATOM   32   C CA    . VAL A 1 5   ? -6.62409  -2.74563  -7.97440  1.000 28.59170 ? 316 VAL A CA    1 
ATOM   33   C C     . VAL A 1 5   ? -7.97545  -3.22990  -7.46717  1.000 27.78799 ? 316 VAL A C     1 
ATOM   34   O O     . VAL A 1 5   ? -8.32059  -3.04784  -6.29437  1.000 21.54349 ? 316 VAL A O     1 
ATOM   35   C CB    . VAL A 1 5   ? -6.77762  -1.49495  -8.85569  1.000 24.77522 ? 316 VAL A CB    1 
ATOM   36   C CG1   . VAL A 1 5   ? -7.62232  -0.45145  -8.14371  1.000 23.81184 ? 316 VAL A CG1   1 
ATOM   37   C CG2   . VAL A 1 5   ? -5.41286  -0.93306  -9.21677  1.000 29.85089 ? 316 VAL A CG2   1 
ATOM   38   N N     . ALA A 1 6   ? -8.75670  -3.85875  -8.34654  1.000 27.45581 ? 317 ALA A N     1 
ATOM   39   C CA    . ALA A 1 6   ? -10.08646 -4.31670  -7.96643  1.000 25.62764 ? 317 ALA A CA    1 
ATOM   40   C C     . ALA A 1 6   ? -10.01509 -5.33129  -6.83291  1.000 26.29257 ? 317 ALA A C     1 
ATOM   41   O O     . ALA A 1 6   ? -10.76398 -5.23656  -5.85232  1.000 23.63826 ? 317 ALA A O     1 
ATOM   42   C CB    . ALA A 1 6   ? -10.79997 -4.90979  -9.18184  1.000 26.01901 ? 317 ALA A CB    1 
ATOM   43   N N     . GLN A 1 7   ? -9.12505  -6.32064  -6.95904  1.000 27.59509 ? 318 GLN A N     1 
ATOM   44   C CA    . GLN A 1 7   ? -8.91833  -7.28213  -5.88099  1.000 28.34621 ? 318 GLN A CA    1 
ATOM   45   C C     . GLN A 1 7   ? -8.56760  -6.57605  -4.57977  1.000 25.31934 ? 318 GLN A C     1 
ATOM   46   O O     . GLN A 1 7   ? -9.13043  -6.88153  -3.52205  1.000 24.74924 ? 318 GLN A O     1 
ATOM   47   C CB    . GLN A 1 7   ? -7.81653  -8.26881  -6.26531  1.000 34.15411 ? 318 GLN A CB    1 
ATOM   48   C CG    . GLN A 1 7   ? -8.28951  -9.40889  -7.14035  1.000 38.63573 ? 318 GLN A CG    1 
ATOM   49   C CD    . GLN A 1 7   ? -9.43474  -10.16670 -6.50381  1.000 43.35282 ? 318 GLN A CD    1 
ATOM   50   O OE1   . GLN A 1 7   ? -10.59206 -10.02737 -6.91097  1.000 47.82294 ? 318 GLN A OE1   1 
ATOM   51   N NE2   . GLN A 1 7   ? -9.12074  -10.96516 -5.48429  1.000 40.45208 ? 318 GLN A NE2   1 
ATOM   52   N N     . PHE A 1 8   ? -7.65016  -5.61034  -4.65056  1.000 22.61724 ? 319 PHE A N     1 
ATOM   53   C CA    . PHE A 1 8   ? -7.19698  -4.90248  -3.45726  1.000 20.12500 ? 319 PHE A CA    1 
ATOM   54   C C     . PHE A 1 8   ? -8.34992  -4.18399  -2.76878  1.000 15.72522 ? 319 PHE A C     1 
ATOM   55   O O     . PHE A 1 8   ? -8.53211  -4.29801  -1.55200  1.000 15.54100 ? 319 PHE A O     1 
ATOM   56   C CB    . PHE A 1 8   ? -6.09592  -3.91919  -3.84752  1.000 16.44369 ? 319 PHE A CB    1 
ATOM   57   C CG    . PHE A 1 8   ? -5.55249  -3.10848  -2.70014  1.000 16.32455 ? 319 PHE A CG    1 
ATOM   58   C CD1   . PHE A 1 8   ? -4.48265  -3.57848  -1.94693  1.000 11.49060 ? 319 PHE A CD1   1 
ATOM   59   C CD2   . PHE A 1 8   ? -6.07227  -1.85643  -2.40489  1.000 14.78656 ? 319 PHE A CD2   1 
ATOM   60   C CE1   . PHE A 1 8   ? -3.96812  -2.82172  -0.90248  1.000 8.92213  ? 319 PHE A CE1   1 
ATOM   61   C CE2   . PHE A 1 8   ? -5.55787  -1.09765  -1.35040  1.000 10.91097 ? 319 PHE A CE2   1 
ATOM   62   C CZ    . PHE A 1 8   ? -4.50314  -1.58291  -0.60838  1.000 9.63681  ? 319 PHE A CZ    1 
ATOM   63   N N     . LEU A 1 9   ? -9.14862  -3.44100  -3.53359  1.000 15.62924 ? 320 LEU A N     1 
ATOM   64   C CA    . LEU A 1 9   ? -10.25622 -2.68913  -2.95878  1.000 15.76445 ? 320 LEU A CA    1 
ATOM   65   C C     . LEU A 1 9   ? -11.47820 -3.54764  -2.63084  1.000 17.04350 ? 320 LEU A C     1 
ATOM   66   O O     . LEU A 1 9   ? -12.39322 -3.05326  -1.96177  1.000 18.11162 ? 320 LEU A O     1 
ATOM   67   C CB    . LEU A 1 9   ? -10.65784 -1.56206  -3.90787  1.000 17.06888 ? 320 LEU A CB    1 
ATOM   68   C CG    . LEU A 1 9   ? -9.59933  -0.46598  -4.05232  1.000 18.03170 ? 320 LEU A CG    1 
ATOM   69   C CD1   . LEU A 1 9   ? -10.04687 0.61463   -5.02378  1.000 17.98800 ? 320 LEU A CD1   1 
ATOM   70   C CD2   . LEU A 1 9   ? -9.24858  0.13127   -2.70233  1.000 15.07160 ? 320 LEU A CD2   1 
ATOM   71   N N     . SER A 1 10  ? -11.51120 -4.80900  -3.06422  1.000 18.06273 ? 321 SER A N     1 
ATOM   72   C CA    . SER A 1 10  ? -12.63980 -5.69316  -2.77659  1.000 18.54941 ? 321 SER A CA    1 
ATOM   73   C C     . SER A 1 10  ? -12.62702 -6.23041  -1.35202  1.000 21.76834 ? 321 SER A C     1 
ATOM   74   O O     . SER A 1 10  ? -13.66721 -6.69281  -0.86456  1.000 20.06695 ? 321 SER A O     1 
ATOM   75   C CB    . SER A 1 10  ? -12.64646 -6.86601  -3.75888  1.000 19.18604 ? 321 SER A CB    1 
ATOM   76   O OG    . SER A 1 10  ? -11.54174 -7.72993  -3.54706  1.000 24.66512 ? 321 SER A OG    1 
ATOM   77   N N     . LYS A 1 11  ? -11.48492 -6.17618  -0.67623  1.000 17.43619 ? 322 LYS A N     1 
ATOM   78   C CA    . LYS A 1 11  ? -11.36830 -6.73043  0.66162   1.000 16.17064 ? 322 LYS A CA    1 
ATOM   79   C C     . LYS A 1 11  ? -12.10933 -5.84852  1.65823   1.000 16.90700 ? 322 LYS A C     1 
ATOM   80   O O     . LYS A 1 11  ? -11.81701 -4.65318  1.79082   1.000 15.41850 ? 322 LYS A O     1 
ATOM   81   C CB    . LYS A 1 11  ? -9.89142  -6.86485  1.02816   1.000 14.60795 ? 322 LYS A CB    1 
ATOM   82   C CG    . LYS A 1 11  ? -9.17868  -7.84895  0.13748   1.000 18.18706 ? 322 LYS A CG    1 
ATOM   83   C CD    . LYS A 1 11  ? -9.73542  -9.24218  0.36286   1.000 20.33184 ? 322 LYS A CD    1 
ATOM   84   C CE    . LYS A 1 11  ? -8.79783  -10.31626 -0.13205  1.000 26.37097 ? 322 LYS A CE    1 
ATOM   85   N NZ    . LYS A 1 11  ? -9.02568  -10.61158 -1.57495  1.000 30.30896 ? 322 LYS A NZ    1 
ATOM   86   N N     . GLU A 1 12  ? -13.05996 -6.43749  2.37180   1.000 13.85099 ? 323 GLU A N     1 
ATOM   87   C CA    . GLU A 1 12  ? -13.91232 -5.66457  3.25672   1.000 14.27400 ? 323 GLU A CA    1 
ATOM   88   C C     . GLU A 1 12  ? -13.31250 -5.58020  4.65176   1.000 11.25114 ? 323 GLU A C     1 
ATOM   89   O O     . GLU A 1 12  ? -12.50881 -6.41928  5.06056   1.000 10.86976 ? 323 GLU A O     1 
ATOM   90   C CB    . GLU A 1 12  ? -15.30890 -6.29457  3.32455   1.000 13.92368 ? 323 GLU A CB    1 
ATOM   91   C CG    . GLU A 1 12  ? -15.98630 -6.31931  1.98663   1.000 18.43002 ? 323 GLU A CG    1 
ATOM   92   C CD    . GLU A 1 12  ? -17.45439 -6.61802  2.09903   1.000 26.57768 ? 323 GLU A CD    1 
ATOM   93   O OE1   . GLU A 1 12  ? -18.21011 -6.11278  1.24852   1.000 36.47943 ? 323 GLU A OE1   1 
ATOM   94   O OE2   . GLU A 1 12  ? -17.85471 -7.32846  3.04817   1.000 25.36501 ? 323 GLU A OE2   1 
ATOM   95   N N     . ASN A 1 13  ? -13.70260 -4.53432  5.37787   1.000 10.07344 ? 324 ASN A N     1 
ATOM   96   C CA    . ASN A 1 13  ? -13.36983 -4.39715  6.79787   1.000 11.12507 ? 324 ASN A CA    1 
ATOM   97   C C     . ASN A 1 13  ? -11.86281 -4.28072  7.02649   1.000 10.39036 ? 324 ASN A C     1 
ATOM   98   O O     . ASN A 1 13  ? -11.32688 -4.79202  8.00969   1.000 10.25909 ? 324 ASN A O     1 
ATOM   99   C CB    . ASN A 1 13  ? -13.94307 -5.56370  7.60820   1.000 10.19194 ? 324 ASN A CB    1 
ATOM   100  C CG    . ASN A 1 13  ? -15.40821 -5.78150  7.33295   1.000 12.96481 ? 324 ASN A CG    1 
ATOM   101  O OD1   . ASN A 1 13  ? -15.80904 -6.82147  6.81934   1.000 17.41723 ? 324 ASN A OD1   1 
ATOM   102  N ND2   . ASN A 1 13  ? -16.21337 -4.79810  7.67359   1.000 14.67083 ? 324 ASN A ND2   1 
ATOM   103  N N     . GLN A 1 14  ? -11.18186 -3.58580  6.12590   1.000 9.43126  ? 325 GLN A N     1 
ATOM   104  C CA    . GLN A 1 14  ? -9.74472  -3.38020  6.21696   1.000 9.10265  ? 325 GLN A CA    1 
ATOM   105  C C     . GLN A 1 14  ? -9.42632  -1.94988  6.62704   1.000 10.65718 ? 325 GLN A C     1 
ATOM   106  O O     . GLN A 1 14  ? -10.19074 -1.02250  6.34283   1.000 11.19291 ? 325 GLN A O     1 
ATOM   107  C CB    . GLN A 1 14  ? -9.06555  -3.66320  4.87895   1.000 8.36198  ? 325 GLN A CB    1 
ATOM   108  C CG    . GLN A 1 14  ? -9.34974  -5.01315  4.31102   1.000 8.82266  ? 325 GLN A CG    1 
ATOM   109  C CD    . GLN A 1 14  ? -8.77831  -6.10433  5.16110   1.000 9.71524  ? 325 GLN A CD    1 
ATOM   110  O OE1   . GLN A 1 14  ? -7.60751  -6.05759  5.53268   1.000 8.35767  ? 325 GLN A OE1   1 
ATOM   111  N NE2   . GLN A 1 14  ? -9.60273  -7.10630  5.48375   1.000 9.28135  ? 325 GLN A NE2   1 
ATOM   112  N N     . VAL A 1 15  ? -8.28209  -1.78905  7.29121   1.000 7.42840  ? 326 VAL A N     1 
ATOM   113  C CA    . VAL A 1 15  ? -7.63722  -0.49317  7.47016   1.000 8.05902  ? 326 VAL A CA    1 
ATOM   114  C C     . VAL A 1 15  ? -6.56611  -0.38104  6.40045   1.000 7.38953  ? 326 VAL A C     1 
ATOM   115  O O     . VAL A 1 15  ? -5.76483  -1.30622  6.21789   1.000 7.38004  ? 326 VAL A O     1 
ATOM   116  C CB    . VAL A 1 15  ? -7.01650  -0.35238  8.87133   1.000 7.74285  ? 326 VAL A CB    1 
ATOM   117  C CG1   . VAL A 1 15  ? -6.21841  0.96551   9.00210   1.000 7.53038  ? 326 VAL A CG1   1 
ATOM   118  C CG2   . VAL A 1 15  ? -8.09804  -0.48053  9.94222   1.000 12.71829 ? 326 VAL A CG2   1 
ATOM   119  N N     . ILE A 1 16  ? -6.55413  0.73299   5.67657   1.000 5.94203  ? 327 ILE A N     1 
ATOM   120  C CA    . ILE A 1 16  ? -5.57215  0.94048   4.61989   1.000 4.98640  ? 327 ILE A CA    1 
ATOM   121  C C     . ILE A 1 16  ? -4.49753  1.87261   5.14142   1.000 5.41135  ? 327 ILE A C     1 
ATOM   122  O O     . ILE A 1 16  ? -4.79979  2.92690   5.71954   1.000 5.67235  ? 327 ILE A O     1 
ATOM   123  C CB    . ILE A 1 16  ? -6.22787  1.51170   3.34940   1.000 5.94085  ? 327 ILE A CB    1 
ATOM   124  C CG1   . ILE A 1 16  ? -7.40810  0.62813   2.92684   1.000 8.88788  ? 327 ILE A CG1   1 
ATOM   125  C CG2   . ILE A 1 16  ? -5.18682  1.65559   2.22988   1.000 6.31921  ? 327 ILE A CG2   1 
ATOM   126  C CD1   . ILE A 1 16  ? -8.10068  1.09287   1.66756   1.000 7.78340  ? 327 ILE A CD1   1 
ATOM   127  N N     . VAL A 1 17  ? -3.23911  1.49100   4.94670   1.000 4.03597  ? 328 VAL A N     1 
ATOM   128  C CA    . VAL A 1 17  ? -2.11146  2.33788   5.29766   1.000 5.77301  ? 328 VAL A CA    1 
ATOM   129  C C     . VAL A 1 17  ? -1.38555  2.72371   4.01756   1.000 5.99806  ? 328 VAL A C     1 
ATOM   130  O O     . VAL A 1 17  ? -1.15701  1.88007   3.14245   1.000 5.24691  ? 328 VAL A O     1 
ATOM   131  C CB    . VAL A 1 17  ? -1.18107  1.64545   6.30274   1.000 4.29822  ? 328 VAL A CB    1 
ATOM   132  C CG1   . VAL A 1 17  ? 0.17343   2.34481   6.37717   1.000 5.53037  ? 328 VAL A CG1   1 
ATOM   133  C CG2   . VAL A 1 17  ? -1.85676  1.67200   7.66545   1.000 7.13584  ? 328 VAL A CG2   1 
ATOM   134  N N     . ARG A 1 18  ? -1.09257  4.01265   3.87900   1.000 5.27854  ? 329 ARG A N     1 
ATOM   135  C CA    . ARG A 1 18  ? -0.31071  4.51705   2.76233   1.000 4.86829  ? 329 ARG A CA    1 
ATOM   136  C C     . ARG A 1 18  ? 1.16031   4.60782   3.16361   1.000 2.95156  ? 329 ARG A C     1 
ATOM   137  O O     . ARG A 1 18  ? 1.49364   5.12257   4.23510   1.000 5.12694  ? 329 ARG A O     1 
ATOM   138  C CB    . ARG A 1 18  ? -0.84381  5.88940   2.32711   1.000 5.55688  ? 329 ARG A CB    1 
ATOM   139  C CG    . ARG A 1 18  ? -0.13884  6.46559   1.09872   1.000 9.11481  ? 329 ARG A CG    1 
ATOM   140  C CD    . ARG A 1 18  ? -0.75737  7.80885   0.72752   1.000 12.89441 ? 329 ARG A CD    1 
ATOM   141  N NE    . ARG A 1 18  ? -0.22146  8.33843   -0.52452  1.000 16.42389 ? 329 ARG A NE    1 
ATOM   142  C CZ    . ARG A 1 18  ? -0.68434  9.42776   -1.12086  1.000 19.49187 ? 329 ARG A CZ    1 
ATOM   143  N NH1   . ARG A 1 18  ? -1.69583  10.11343  -0.61088  1.000 20.75381 ? 329 ARG A NH1   1 
ATOM   144  N NH2   . ARG A 1 18  ? -0.11575  9.84072   -2.25439  1.000 18.87511 ? 329 ARG A NH2   1 
ATOM   145  N N     . MET A 1 19  ? 2.03303   4.10975   2.29442   1.000 3.73493  ? 330 MET A N     1 
ATOM   146  C CA    . MET A 1 19  ? 3.48187   4.17686   2.45126   1.000 3.88374  ? 330 MET A CA    1 
ATOM   147  C C     . MET A 1 19  ? 3.96966   5.26070   1.50099   1.000 3.90669  ? 330 MET A C     1 
ATOM   148  O O     . MET A 1 19  ? 3.55600   5.28271   0.34075   1.000 5.53274  ? 330 MET A O     1 
ATOM   149  C CB    . MET A 1 19  ? 4.08701   2.84581   2.02502   1.000 3.58943  ? 330 MET A CB    1 
ATOM   150  C CG    . MET A 1 19  ? 3.52745   1.67757   2.78223   1.000 5.36963  ? 330 MET A CG    1 
ATOM   151  S SD    . MET A 1 19  ? 4.44080   0.15087   2.52765   1.000 5.69844  ? 330 MET A SD    1 
ATOM   152  C CE    . MET A 1 19  ? 5.95595   0.40858   3.39526   1.000 7.32931  ? 330 MET A CE    1 
ATOM   153  N N     . ARG A 1 20  ? 4.85645   6.12755   1.96964   1.000 5.45351  ? 331 ARG A N     1 
ATOM   154  C CA    . ARG A 1 20  ? 5.45509   7.14089   1.10678   1.000 7.07566  ? 331 ARG A CA    1 
ATOM   155  C C     . ARG A 1 20  ? 6.95997   7.05804   1.24757   1.000 5.86526  ? 331 ARG A C     1 
ATOM   156  O O     . ARG A 1 20  ? 7.47052   6.81744   2.34156   1.000 6.54879  ? 331 ARG A O     1 
ATOM   157  C CB    . ARG A 1 20  ? 5.04263   8.57023   1.48668   1.000 9.24746  ? 331 ARG A CB    1 
ATOM   158  C CG    . ARG A 1 20  ? 3.56494   8.85060   1.57015   1.000 16.50392 ? 331 ARG A CG    1 
ATOM   159  C CD    . ARG A 1 20  ? 2.95377   8.83823   0.21854   1.000 22.49419 ? 331 ARG A CD    1 
ATOM   160  N NE    . ARG A 1 20  ? 2.82018   10.16164  -0.37643  1.000 29.27351 ? 331 ARG A NE    1 
ATOM   161  C CZ    . ARG A 1 20  ? 2.13511   11.18403  0.12049   1.000 30.85558 ? 331 ARG A CZ    1 
ATOM   162  N NH1   . ARG A 1 20  ? 2.05561   12.32546  -0.53272  1.000 29.21894 ? 331 ARG A NH1   1 
ATOM   163  N NH2   . ARG A 1 20  ? 1.50317   11.05237  1.28873   1.000 29.31575 ? 331 ARG A NH2   1 
ATOM   164  N N     . GLY A 1 21  ? 7.67282   7.30436   0.15428   1.000 5.41409  ? 332 GLY A N     1 
ATOM   165  C CA    . GLY A 1 21  ? 9.12202   7.34038   0.21964   1.000 6.70649  ? 332 GLY A CA    1 
ATOM   166  C C     . GLY A 1 21  ? 9.81389   6.02235   -0.04705  1.000 6.21203  ? 332 GLY A C     1 
ATOM   167  O O     . GLY A 1 21  ? 11.01442  5.90232   0.23389   1.000 7.67025  ? 332 GLY A O     1 
ATOM   168  N N     . LEU A 1 22  ? 9.11144   5.04474   -0.60694  1.000 7.50835  ? 333 LEU A N     1 
ATOM   169  C CA    . LEU A 1 22  ? 9.72410   3.73463   -0.82141  1.000 6.41013  ? 333 LEU A CA    1 
ATOM   170  C C     . LEU A 1 22  ? 10.88584  3.83527   -1.80378  1.000 8.47091  ? 333 LEU A C     1 
ATOM   171  O O     . LEU A 1 22  ? 10.79589  4.56563   -2.80072  1.000 8.59909  ? 333 LEU A O     1 
ATOM   172  C CB    . LEU A 1 22  ? 8.71814   2.74024   -1.38157  1.000 6.72123  ? 333 LEU A CB    1 
ATOM   173  C CG    . LEU A 1 22  ? 7.60637   2.28334   -0.45480  1.000 6.06297  ? 333 LEU A CG    1 
ATOM   174  C CD1   . LEU A 1 22  ? 6.51962   1.55745   -1.25284  1.000 8.26548  ? 333 LEU A CD1   1 
ATOM   175  C CD2   . LEU A 1 22  ? 8.20023   1.38358   0.61703   1.000 7.17647  ? 333 LEU A CD2   1 
ATOM   176  N N     . PRO A 1 23  ? 11.96054  3.08021   -1.58651  1.000 8.07837  ? 334 PRO A N     1 
ATOM   177  C CA    . PRO A 1 23  ? 12.90029  2.80635   -2.67571  1.000 7.04940  ? 334 PRO A CA    1 
ATOM   178  C C     . PRO A 1 23  ? 12.13900  2.40896   -3.93206  1.000 6.83413  ? 334 PRO A C     1 
ATOM   179  O O     . PRO A 1 23  ? 11.14775  1.67290   -3.87360  1.000 7.12266  ? 334 PRO A O     1 
ATOM   180  C CB    . PRO A 1 23  ? 13.72929  1.63279   -2.14138  1.000 8.19446  ? 334 PRO A CB    1 
ATOM   181  C CG    . PRO A 1 23  ? 13.61339  1.72917   -0.65899  1.000 7.45214  ? 334 PRO A CG    1 
ATOM   182  C CD    . PRO A 1 23  ? 12.21175  2.23228   -0.40970  1.000 6.91964  ? 334 PRO A CD    1 
ATOM   183  N N     . PHE A 1 24  ? 12.59423  2.91589   -5.07662  1.000 8.89243  ? 335 PHE A N     1 
ATOM   184  C CA    . PHE A 1 24  ? 11.94149  2.56323   -6.32733  1.000 10.71166 ? 335 PHE A CA    1 
ATOM   185  C C     . PHE A 1 24  ? 12.05656  1.07275   -6.61602  1.000 10.28985 ? 335 PHE A C     1 
ATOM   186  O O     . PHE A 1 24  ? 11.19950  0.51824   -7.31256  1.000 10.17315 ? 335 PHE A O     1 
ATOM   187  C CB    . PHE A 1 24  ? 12.53076  3.38109   -7.47771  1.000 9.59616  ? 335 PHE A CB    1 
ATOM   188  C CG    . PHE A 1 24  ? 12.20952  4.84907   -7.40676  1.000 11.45035 ? 335 PHE A CG    1 
ATOM   189  C CD1   . PHE A 1 24  ? 10.93070  5.28954   -7.09419  1.000 9.63489  ? 335 PHE A CD1   1 
ATOM   190  C CD2   . PHE A 1 24  ? 13.19899  5.79297   -7.64849  1.000 14.00295 ? 335 PHE A CD2   1 
ATOM   191  C CE1   . PHE A 1 24  ? 10.64685  6.64489   -7.02085  1.000 9.09656  ? 335 PHE A CE1   1 
ATOM   192  C CE2   . PHE A 1 24  ? 12.92226  7.14716   -7.57774  1.000 12.38282 ? 335 PHE A CE2   1 
ATOM   193  C CZ    . PHE A 1 24  ? 11.64906  7.57219   -7.26454  1.000 10.97707 ? 335 PHE A CZ    1 
ATOM   194  N N     . THR A 1 25  ? 13.07015  0.41411   -6.05929  1.000 10.25027 ? 336 THR A N     1 
ATOM   195  C CA    . THR A 1 25  ? 13.26701  -1.02648  -6.18522  1.000 10.33685 ? 336 THR A CA    1 
ATOM   196  C C     . THR A 1 25  ? 12.50424  -1.84740  -5.15144  1.000 12.57240 ? 336 THR A C     1 
ATOM   197  O O     . THR A 1 25  ? 12.64085  -3.07640  -5.14633  1.000 11.32048 ? 336 THR A O     1 
ATOM   198  C CB    . THR A 1 25  ? 14.75077  -1.35463  -6.05920  1.000 11.22093 ? 336 THR A CB    1 
ATOM   199  O OG1   . THR A 1 25  ? 15.21641  -0.90180  -4.77934  1.000 12.02207 ? 336 THR A OG1   1 
ATOM   200  C CG2   . THR A 1 25  ? 15.51980  -0.66143  -7.15954  1.000 15.74396 ? 336 THR A CG2   1 
ATOM   201  N N     . ALA A 1 26  ? 11.71978  -1.21611  -4.27638  1.000 9.18384  ? 337 ALA A N     1 
ATOM   202  C CA    . ALA A 1 26  ? 11.05132  -1.95957  -3.21257  1.000 8.00566  ? 337 ALA A CA    1 
ATOM   203  C C     . ALA A 1 26  ? 10.14731  -3.04873  -3.78101  1.000 9.41632  ? 337 ALA A C     1 
ATOM   204  O O     . ALA A 1 26  ? 9.43657   -2.84762  -4.77011  1.000 9.53494  ? 337 ALA A O     1 
ATOM   205  C CB    . ALA A 1 26  ? 10.23068  -1.02133  -2.32436  1.000 9.60390  ? 337 ALA A CB    1 
ATOM   206  N N     . THR A 1 27  ? 10.19012  -4.21296  -3.14726  1.000 8.54522  ? 338 THR A N     1 
ATOM   207  C CA    . THR A 1 27  ? 9.40157   -5.36929  -3.54165  1.000 10.57449 ? 338 THR A CA    1 
ATOM   208  C C     . THR A 1 27  ? 8.35375   -5.70065  -2.48898  1.000 7.16776  ? 338 THR A C     1 
ATOM   209  O O     . THR A 1 27  ? 8.45847   -5.31297  -1.32315  1.000 8.52968  ? 338 THR A O     1 
ATOM   210  C CB    . THR A 1 27  ? 10.29903  -6.59057  -3.74267  1.000 10.14523 ? 338 THR A CB    1 
ATOM   211  O OG1   . THR A 1 27  ? 10.80119  -6.99794  -2.46300  1.000 9.07375  ? 338 THR A OG1   1 
ATOM   212  C CG2   . THR A 1 27  ? 11.47037  -6.24809  -4.67321  1.000 12.81970 ? 338 THR A CG2   1 
ATOM   213  N N     . ALA A 1 28  ? 7.34485   -6.46292  -2.91140  1.000 8.63141  ? 339 ALA A N     1 
ATOM   214  C CA    . ALA A 1 28  ? 6.33303   -6.90389  -1.95948  1.000 11.18912 ? 339 ALA A CA    1 
ATOM   215  C C     . ALA A 1 28  ? 6.96082   -7.66664  -0.79512  1.000 9.65883  ? 339 ALA A C     1 
ATOM   216  O O     . ALA A 1 28  ? 6.54530   -7.50522  0.35450   1.000 8.04012  ? 339 ALA A O     1 
ATOM   217  C CB    . ALA A 1 28  ? 5.28138   -7.75860  -2.66446  1.000 11.01728 ? 339 ALA A CB    1 
ATOM   218  N N     . GLU A 1 29  ? 7.98334   -8.48339  -1.06713  1.000 12.39050 ? 340 GLU A N     1 
ATOM   219  C CA    . GLU A 1 29  ? 8.64692   -9.22085  0.01021   1.000 11.27463 ? 340 GLU A CA    1 
ATOM   220  C C     . GLU A 1 29  ? 9.30087   -8.27874  1.01444   1.000 8.28123  ? 340 GLU A C     1 
ATOM   221  O O     . GLU A 1 29  ? 9.24367   -8.50734  2.23016   1.000 9.02251  ? 340 GLU A O     1 
ATOM   222  C CB    . GLU A 1 29  ? 9.68677   -10.17266 -0.58209  1.000 16.33233 ? 340 GLU A CB    1 
ATOM   223  C CG    . GLU A 1 29  ? 9.08349   -11.36481 -1.33930  1.000 18.98457 ? 340 GLU A CG    1 
ATOM   224  C CD    . GLU A 1 29  ? 8.54840   -11.01957 -2.73530  1.000 26.04530 ? 340 GLU A CD    1 
ATOM   225  O OE1   . GLU A 1 29  ? 8.69813   -9.86106  -3.20421  1.000 21.77433 ? 340 GLU A OE1   1 
ATOM   226  O OE2   . GLU A 1 29  ? 7.98035   -11.93297 -3.38002  1.000 28.88384 ? 340 GLU A OE2   1 
ATOM   227  N N     . GLU A 1 30  ? 9.92506   -7.20574  0.52650   1.000 8.74745  ? 341 GLU A N     1 
ATOM   228  C CA    . GLU A 1 30  ? 10.53487  -6.24213  1.43826   1.000 7.49504  ? 341 GLU A CA    1 
ATOM   229  C C     . GLU A 1 30  ? 9.48880   -5.49473  2.25129   1.000 6.71110  ? 341 GLU A C     1 
ATOM   230  O O     . GLU A 1 30  ? 9.72451   -5.17550  3.41936   1.000 7.36221  ? 341 GLU A O     1 
ATOM   231  C CB    . GLU A 1 30  ? 11.42482  -5.26965  0.65534   1.000 8.78291  ? 341 GLU A CB    1 
ATOM   232  C CG    . GLU A 1 30  ? 12.64673  -5.99409  0.07544   1.000 10.26052 ? 341 GLU A CG    1 
ATOM   233  C CD    . GLU A 1 30  ? 13.45097  -5.14641  -0.86422  1.000 16.34463 ? 341 GLU A CD    1 
ATOM   234  O OE1   . GLU A 1 30  ? 12.87962  -4.24183  -1.50448  1.000 11.28325 ? 341 GLU A OE1   1 
ATOM   235  O OE2   . GLU A 1 30  ? 14.67184  -5.37824  -0.95430  1.000 15.01708 ? 341 GLU A OE2   1 
ATOM   236  N N     . VAL A 1 31  ? 8.32437   -5.20496  1.66463   1.000 6.26397  ? 342 VAL A N     1 
ATOM   237  C CA    . VAL A 1 31  ? 7.26225   -4.54281  2.42210   1.000 5.04662  ? 342 VAL A CA    1 
ATOM   238  C C     . VAL A 1 31  ? 6.70458   -5.46354  3.50719   1.000 6.12255  ? 342 VAL A C     1 
ATOM   239  O O     . VAL A 1 31  ? 6.49990   -5.05386  4.66352   1.000 6.17150  ? 342 VAL A O     1 
ATOM   240  C CB    . VAL A 1 31  ? 6.16497   -4.07012  1.45199   1.000 5.98157  ? 342 VAL A CB    1 
ATOM   241  C CG1   . VAL A 1 31  ? 4.91388   -3.64566  2.22090   1.000 7.01336  ? 342 VAL A CG1   1 
ATOM   242  C CG2   . VAL A 1 31  ? 6.70404   -2.94987  0.56671   1.000 6.55961  ? 342 VAL A CG2   1 
ATOM   243  N N     . VAL A 1 32  ? 6.46091   -6.72724  3.15453   1.000 8.04449  ? 343 VAL A N     1 
ATOM   244  C CA    . VAL A 1 32  ? 6.07811   -7.71853  4.15939   1.000 8.57890  ? 343 VAL A CA    1 
ATOM   245  C C     . VAL A 1 32  ? 7.09083   -7.73032  5.29906   1.000 8.30998  ? 343 VAL A C     1 
ATOM   246  O O     . VAL A 1 32  ? 6.73103   -7.68821  6.48519   1.000 9.39451  ? 343 VAL A O     1 
ATOM   247  C CB    . VAL A 1 32  ? 5.94806   -9.10511  3.50579   1.000 9.07672  ? 343 VAL A CB    1 
ATOM   248  C CG1   . VAL A 1 32  ? 5.88897   -10.19016 4.56481   1.000 8.20050  ? 343 VAL A CG1   1 
ATOM   249  C CG2   . VAL A 1 32  ? 4.72202   -9.15204  2.62016   1.000 8.76560  ? 343 VAL A CG2   1 
ATOM   250  N N     . ALA A 1 33  ? 8.38147   -7.74853  4.95242   1.000 6.68858  ? 344 ALA A N     1 
ATOM   251  C CA    . ALA A 1 33  ? 9.42264   -7.79521  5.97095   1.000 8.09508  ? 344 ALA A CA    1 
ATOM   252  C C     . ALA A 1 33  ? 9.41624   -6.53911  6.83079   1.000 7.80703  ? 344 ALA A C     1 
ATOM   253  O O     . ALA A 1 33  ? 9.59724   -6.61281  8.05106   1.000 8.77232  ? 344 ALA A O     1 
ATOM   254  C CB    . ALA A 1 33  ? 10.78777  -7.98942  5.30521   1.000 7.27259  ? 344 ALA A CB    1 
ATOM   255  N N     . PHE A 1 34  ? 9.20616   -5.37550  6.20286   1.000 7.24287  ? 345 PHE A N     1 
ATOM   256  C CA    . PHE A 1 34  ? 9.17647   -4.09918  6.91329   1.000 9.10610  ? 345 PHE A CA    1 
ATOM   257  C C     . PHE A 1 34  ? 8.13503   -4.11942  8.01680   1.000 7.39758  ? 345 PHE A C     1 
ATOM   258  O O     . PHE A 1 34  ? 8.38283   -3.65168  9.13877   1.000 8.56827  ? 345 PHE A O     1 
ATOM   259  C CB    . PHE A 1 34  ? 8.88218   -2.96778  5.90831   1.000 6.30842  ? 345 PHE A CB    1 
ATOM   260  C CG    . PHE A 1 34  ? 8.73639   -1.59690  6.52606   1.000 7.03825  ? 345 PHE A CG    1 
ATOM   261  C CD1   . PHE A 1 34  ? 9.84733   -0.77350  6.69642   1.000 7.09447  ? 345 PHE A CD1   1 
ATOM   262  C CD2   . PHE A 1 34  ? 7.48019   -1.10826  6.87794   1.000 7.82046  ? 345 PHE A CD2   1 
ATOM   263  C CE1   . PHE A 1 34  ? 9.71119   0.49296   7.26108   1.000 8.03574  ? 345 PHE A CE1   1 
ATOM   264  C CE2   . PHE A 1 34  ? 7.33072   0.17148   7.44195   1.000 6.95513  ? 345 PHE A CE2   1 
ATOM   265  C CZ    . PHE A 1 34  ? 8.45171   0.97291   7.60962   1.000 6.69436  ? 345 PHE A CZ    1 
ATOM   266  N N     . PHE A 1 35  ? 6.93969   -4.62925  7.70615   1.000 7.23642  ? 346 PHE A N     1 
ATOM   267  C CA    . PHE A 1 35  ? 5.91153   -4.65778  8.74216   1.000 6.24796  ? 346 PHE A CA    1 
ATOM   268  C C     . PHE A 1 35  ? 6.08269   -5.82638  9.70766   1.000 8.94734  ? 346 PHE A C     1 
ATOM   269  O O     . PHE A 1 35  ? 5.77579   -5.68799  10.89788  1.000 10.83124 ? 346 PHE A O     1 
ATOM   270  C CB    . PHE A 1 35  ? 4.53310   -4.65873  8.09608   1.000 6.46508  ? 346 PHE A CB    1 
ATOM   271  C CG    . PHE A 1 35  ? 4.18669   -3.32160  7.50788   1.000 4.11847  ? 346 PHE A CG    1 
ATOM   272  C CD1   . PHE A 1 35  ? 4.00363   -2.24559  8.35424   1.000 5.40714  ? 346 PHE A CD1   1 
ATOM   273  C CD2   . PHE A 1 35  ? 4.09823   -3.12744  6.13730   1.000 5.10513  ? 346 PHE A CD2   1 
ATOM   274  C CE1   . PHE A 1 35  ? 3.71686   -0.99275  7.85373   1.000 5.49323  ? 346 PHE A CE1   1 
ATOM   275  C CE2   . PHE A 1 35  ? 3.80986   -1.86839  5.62096   1.000 6.30765  ? 346 PHE A CE2   1 
ATOM   276  C CZ    . PHE A 1 35  ? 3.61527   -0.81083  6.49094   1.000 4.79263  ? 346 PHE A CZ    1 
ATOM   277  N N     . GLY A 1 36  ? 6.56512   -6.96134  9.23438   1.000 10.71447 ? 347 GLY A N     1 
ATOM   278  C CA    . GLY A 1 36  ? 6.83441   -8.06870  10.12762  1.000 12.25462 ? 347 GLY A CA    1 
ATOM   279  C C     . GLY A 1 36  ? 5.57662   -8.78443  10.57928  1.000 15.24627 ? 347 GLY A C     1 
ATOM   280  O O     . GLY A 1 36  ? 4.45145   -8.46573  10.19307  1.000 11.57323 ? 347 GLY A O     1 
ATOM   281  N N     . GLN A 1 37  ? 5.78723   -9.78549  11.43617  1.000 17.55449 ? 348 GLN A N     1 
ATOM   282  C CA    . GLN A 1 37  ? 4.68781   -10.64647 11.86192  1.000 23.38755 ? 348 GLN A CA    1 
ATOM   283  C C     . GLN A 1 37  ? 3.73362   -9.97749  12.84225  1.000 17.84837 ? 348 GLN A C     1 
ATOM   284  O O     . GLN A 1 37  ? 2.61706   -10.47370 13.01709  1.000 22.15391 ? 348 GLN A O     1 
ATOM   285  C CB    . GLN A 1 37  ? 5.23508   -11.94013 12.46898  1.000 22.45175 ? 348 GLN A CB    1 
ATOM   286  C CG    . GLN A 1 37  ? 5.42504   -13.06982 11.46171  1.000 27.03971 ? 348 GLN A CG    1 
ATOM   287  C CD    . GLN A 1 37  ? 4.10528   -13.52271 10.83602  1.000 32.34689 ? 348 GLN A CD    1 
ATOM   288  O OE1   . GLN A 1 37  ? 3.56125   -12.86990 9.93847   1.000 35.77802 ? 348 GLN A OE1   1 
ATOM   289  N NE2   . GLN A 1 37  ? 3.57509   -14.64063 11.32675  1.000 36.73228 ? 348 GLN A NE2   1 
ATOM   290  N N     . HIS A 1 38  ? 4.12498   -8.87113  13.47428  1.000 19.04049 ? 349 HIS A N     1 
ATOM   291  C CA    . HIS A 1 38  ? 3.20683   -8.14093  14.34428  1.000 23.18096 ? 349 HIS A CA    1 
ATOM   292  C C     . HIS A 1 38  ? 2.28921   -7.18919  13.58367  1.000 17.96186 ? 349 HIS A C     1 
ATOM   293  O O     . HIS A 1 38  ? 1.39659   -6.58552  14.19460  1.000 20.05373 ? 349 HIS A O     1 
ATOM   294  C CB    . HIS A 1 38  ? 3.99093   -7.37160  15.41000  1.000 26.84550 ? 349 HIS A CB    1 
ATOM   295  C CG    . HIS A 1 38  ? 4.74185   -8.25842  16.35749  1.000 33.81117 ? 349 HIS A CG    1 
ATOM   296  N ND1   . HIS A 1 38  ? 5.83501   -7.82716  17.07909  1.000 38.55285 ? 349 HIS A ND1   1 
ATOM   297  C CD2   . HIS A 1 38  ? 4.55365   -9.55581  16.70045  1.000 36.97891 ? 349 HIS A CD2   1 
ATOM   298  C CE1   . HIS A 1 38  ? 6.29017   -8.82178  17.82124  1.000 33.16161 ? 349 HIS A CE1   1 
ATOM   299  N NE2   . HIS A 1 38  ? 5.53012   -9.88152  17.60999  1.000 38.87359 ? 349 HIS A NE2   1 
ATOM   300  N N     . CYS A 1 39  ? 2.48775   -7.03127  12.27962  1.000 15.20205 ? 350 CYS A N     1 
ATOM   301  C CA    . CYS A 1 39  ? 1.56724   -6.29482  11.41897  1.000 11.82210 ? 350 CYS A CA    1 
ATOM   302  C C     . CYS A 1 39  ? 1.36527   -7.12862  10.17180  1.000 9.53126  ? 350 CYS A C     1 
ATOM   303  O O     . CYS A 1 39  ? 1.86965   -6.77384  9.10550   1.000 10.10039 ? 350 CYS A O     1 
ATOM   304  C CB    . CYS A 1 39  ? 2.10527   -4.92571  10.99555  1.000 14.24045 ? 350 CYS A CB    1 
ATOM   305  S SG    . CYS A 1 39  ? 3.01280   -3.95895  12.17976  1.000 17.65033 ? 350 CYS A SG    1 
ATOM   306  N N     . PRO A 1 40  ? 0.64536   -8.24497  10.26220  1.000 10.15380 ? 351 PRO A N     1 
ATOM   307  C CA    . PRO A 1 40  ? 0.45567   -9.06869  9.06518   1.000 8.60739  ? 351 PRO A CA    1 
ATOM   308  C C     . PRO A 1 40  ? -0.46572  -8.37325  8.07924   1.000 7.41393  ? 351 PRO A C     1 
ATOM   309  O O     . PRO A 1 40  ? -1.50842  -7.84630  8.45711   1.000 8.57752  ? 351 PRO A O     1 
ATOM   310  C CB    . PRO A 1 40  ? -0.17318  -10.35635 9.60819   1.000 14.17750 ? 351 PRO A CB    1 
ATOM   311  C CG    . PRO A 1 40  ? -0.77571  -9.97845  10.87135  1.000 11.92209 ? 351 PRO A CG    1 
ATOM   312  C CD    . PRO A 1 40  ? 0.00476   -8.83964  11.44738  1.000 12.34986 ? 351 PRO A CD    1 
ATOM   313  N N     . ILE A 1 41  ? -0.06733  -8.37606  6.82418   1.000 8.93265  ? 352 ILE A N     1 
ATOM   314  C CA    . ILE A 1 41  ? -0.84575  -7.76983  5.74783   1.000 8.73804  ? 352 ILE A CA    1 
ATOM   315  C C     . ILE A 1 41  ? -1.88909  -8.76518  5.27056   1.000 10.95702 ? 352 ILE A C     1 
ATOM   316  O O     . ILE A 1 41  ? -1.60530  -9.95982  5.08834   1.000 9.27206  ? 352 ILE A O     1 
ATOM   317  C CB    . ILE A 1 41  ? 0.08498   -7.33246  4.60056   1.000 9.65922  ? 352 ILE A CB    1 
ATOM   318  C CG1   . ILE A 1 41  ? 1.05504   -6.25540  5.09791   1.000 5.96545  ? 352 ILE A CG1   1 
ATOM   319  C CG2   . ILE A 1 41  ? -0.69144  -6.79076  3.39227   1.000 7.77566  ? 352 ILE A CG2   1 
ATOM   320  C CD1   . ILE A 1 41  ? 2.22965   -6.02423  4.14549   1.000 8.07702  ? 352 ILE A CD1   1 
ATOM   321  N N     . THR A 1 42  ? -3.10678  -8.27815  5.07652   1.000 8.26716  ? 353 THR A N     1 
ATOM   322  C CA    . THR A 1 42  ? -4.18927  -9.14018  4.61226   1.000 9.33331  ? 353 THR A CA    1 
ATOM   323  C C     . THR A 1 42  ? -3.86320  -9.72024  3.25343   1.000 10.86872 ? 353 THR A C     1 
ATOM   324  O O     . THR A 1 42  ? -3.70294  -8.98913  2.27720   1.000 9.25424  ? 353 THR A O     1 
ATOM   325  C CB    . THR A 1 42  ? -5.49038  -8.35313  4.55542   1.000 6.13441  ? 353 THR A CB    1 
ATOM   326  O OG1   . THR A 1 42  ? -5.76285  -7.85494  5.86347   1.000 6.48804  ? 353 THR A OG1   1 
ATOM   327  C CG2   . THR A 1 42  ? -6.64349  -9.25290  4.07961   1.000 9.23543  ? 353 THR A CG2   1 
ATOM   328  N N     . GLY A 1 43  ? -3.75500  -11.04514 3.18486   1.000 11.79427 ? 354 GLY A N     1 
ATOM   329  C CA    . GLY A 1 43  ? -3.37104  -11.66080 1.93326   1.000 11.54180 ? 354 GLY A CA    1 
ATOM   330  C C     . GLY A 1 43  ? -1.88520  -11.68700 1.66613   1.000 13.57742 ? 354 GLY A C     1 
ATOM   331  O O     . GLY A 1 43  ? -1.47747  -12.08007 0.56941   1.000 15.74390 ? 354 GLY A O     1 
ATOM   332  N N     . GLY A 1 44  ? -1.06447  -11.30116 2.63771   1.000 12.68010 ? 355 GLY A N     1 
ATOM   333  C CA    . GLY A 1 44  ? 0.37167   -11.28860 2.42567   1.000 11.15217 ? 355 GLY A CA    1 
ATOM   334  C C     . GLY A 1 44  ? 0.72000   -10.31549 1.31855   1.000 13.91733 ? 355 GLY A C     1 
ATOM   335  O O     . GLY A 1 44  ? 0.24082   -9.17865  1.28855   1.000 14.45490 ? 355 GLY A O     1 
ATOM   336  N N     . LYS A 1 45  ? 1.54844   -10.76757 0.37945   1.000 16.00350 ? 356 LYS A N     1 
ATOM   337  C CA    . LYS A 1 45  ? 1.91164   -9.91152  -0.74174  1.000 13.87496 ? 356 LYS A CA    1 
ATOM   338  C C     . LYS A 1 45  ? 0.70461   -9.44808  -1.55259  1.000 14.72909 ? 356 LYS A C     1 
ATOM   339  O O     . LYS A 1 45  ? 0.78008   -8.39783  -2.20601  1.000 16.62472 ? 356 LYS A O     1 
ATOM   340  C CB    . LYS A 1 45  ? 2.92727   -10.62518 -1.63420  1.000 18.52817 ? 356 LYS A CB    1 
ATOM   341  C CG    . LYS A 1 45  ? 4.20258   -11.03470 -0.89071  1.000 17.70180 ? 356 LYS A CG    1 
ATOM   342  C CD    . LYS A 1 45  ? 5.14763   -11.86353 -1.76728  1.000 22.97351 ? 356 LYS A CD    1 
ATOM   343  C CE    . LYS A 1 45  ? 5.00220   -13.35467 -1.51235  1.000 24.43441 ? 356 LYS A CE    1 
ATOM   344  N NZ    . LYS A 1 45  ? 3.64308   -13.85835 -1.85563  1.000 36.59394 ? 356 LYS A NZ    1 
ATOM   345  N N     . GLU A 1 46  ? -0.41744  -10.17261 -1.52177  1.000 13.58886 ? 357 GLU A N     1 
ATOM   346  C CA    . GLU A 1 46  ? -1.56974  -9.69163  -2.27321  1.000 16.26621 ? 357 GLU A CA    1 
ATOM   347  C C     . GLU A 1 46  ? -2.23315  -8.47868  -1.63861  1.000 12.79759 ? 357 GLU A C     1 
ATOM   348  O O     . GLU A 1 46  ? -3.04461  -7.82688  -2.30022  1.000 15.69596 ? 357 GLU A O     1 
ATOM   349  C CB    . GLU A 1 46  ? -2.62619  -10.78315 -2.45553  1.000 22.39481 ? 357 GLU A CB    1 
ATOM   350  C CG    . GLU A 1 46  ? -2.11983  -12.20407 -2.49453  1.000 26.08164 ? 357 GLU A CG    1 
ATOM   351  C CD    . GLU A 1 46  ? -3.25248  -13.19027 -2.76092  1.000 34.53513 ? 357 GLU A CD    1 
ATOM   352  O OE1   . GLU A 1 46  ? -4.43777  -12.77972 -2.67643  1.000 30.27717 ? 357 GLU A OE1   1 
ATOM   353  O OE2   . GLU A 1 46  ? -2.95641  -14.36993 -3.05264  1.000 44.98778 ? 357 GLU A OE2   1 
ATOM   354  N N     . GLY A 1 47  ? -1.92632  -8.15730  -0.38704  1.000 10.12288 ? 358 GLY A N     1 
ATOM   355  C CA    . GLY A 1 47  ? -2.54222  -6.99016  0.20495   1.000 10.66414 ? 358 GLY A CA    1 
ATOM   356  C C     . GLY A 1 47  ? -1.69968  -5.74145  0.04328   1.000 8.63759  ? 358 GLY A C     1 
ATOM   357  O O     . GLY A 1 47  ? -1.87359  -4.78996  0.80692   1.000 7.15655  ? 358 GLY A O     1 
ATOM   358  N N     . ILE A 1 48  ? -0.77485  -5.74928  -0.91812  1.000 7.90893  ? 359 ILE A N     1 
ATOM   359  C CA    . ILE A 1 48  ? 0.10816   -4.61753  -1.20396  1.000 7.29073  ? 359 ILE A CA    1 
ATOM   360  C C     . ILE A 1 48  ? -0.19020  -4.11383  -2.60665  1.000 7.96384  ? 359 ILE A C     1 
ATOM   361  O O     . ILE A 1 48  ? -0.10283  -4.87510  -3.57428  1.000 11.27909 ? 359 ILE A O     1 
ATOM   362  C CB    . ILE A 1 48  ? 1.59290   -5.00139  -1.07860  1.000 10.28452 ? 359 ILE A CB    1 
ATOM   363  C CG1   . ILE A 1 48  ? 1.86110   -5.61792  0.29431   1.000 9.33911  ? 359 ILE A CG1   1 
ATOM   364  C CG2   . ILE A 1 48  ? 2.47769   -3.76851  -1.32909  1.000 9.61820  ? 359 ILE A CG2   1 
ATOM   365  C CD1   . ILE A 1 48  ? 3.21162   -6.28526  0.41183   1.000 11.44508 ? 359 ILE A CD1   1 
ATOM   366  N N     . LEU A 1 49  ? -0.53937  -2.83267  -2.71908  1.000 7.76084  ? 360 LEU A N     1 
ATOM   367  C CA    . LEU A 1 49  ? -0.76875  -2.17742  -4.00320  1.000 7.31010  ? 360 LEU A CA    1 
ATOM   368  C C     . LEU A 1 49  ? 0.32079   -1.14027  -4.21409  1.000 5.89980  ? 360 LEU A C     1 
ATOM   369  O O     . LEU A 1 49  ? 0.31026   -0.08465  -3.57377  1.000 6.94531  ? 360 LEU A O     1 
ATOM   370  C CB    . LEU A 1 49  ? -2.14360  -1.51517  -4.05129  1.000 8.20480  ? 360 LEU A CB    1 
ATOM   371  C CG    . LEU A 1 49  ? -2.61218  -1.03982  -5.42819  1.000 11.91955 ? 360 LEU A CG    1 
ATOM   372  C CD1   . LEU A 1 49  ? -2.71406  -2.18428  -6.43089  1.000 20.39938 ? 360 LEU A CD1   1 
ATOM   373  C CD2   . LEU A 1 49  ? -3.92601  -0.29283  -5.30257  1.000 9.00579  ? 360 LEU A CD2   1 
ATOM   374  N N     . PHE A 1 50  ? 1.26890   -1.44159  -5.08810  1.000 7.56705  ? 361 PHE A N     1 
ATOM   375  C CA    . PHE A 1 50  ? 2.28176   -0.46222  -5.44413  1.000 6.87353  ? 361 PHE A CA    1 
ATOM   376  C C     . PHE A 1 50  ? 1.68920   0.51193   -6.45271  1.000 8.80768  ? 361 PHE A C     1 
ATOM   377  O O     . PHE A 1 50  ? 1.09166   0.09630   -7.44756  1.000 11.55495 ? 361 PHE A O     1 
ATOM   378  C CB    . PHE A 1 50  ? 3.50594   -1.15945  -6.03268  1.000 7.07682  ? 361 PHE A CB    1 
ATOM   379  C CG    . PHE A 1 50  ? 4.35550   -1.85178  -5.01783  1.000 9.84379  ? 361 PHE A CG    1 
ATOM   380  C CD1   . PHE A 1 50  ? 5.33058   -1.15895  -4.31639  1.000 8.62838  ? 361 PHE A CD1   1 
ATOM   381  C CD2   . PHE A 1 50  ? 4.18675   -3.20149  -4.77016  1.000 10.76049 ? 361 PHE A CD2   1 
ATOM   382  C CE1   . PHE A 1 50  ? 6.13148   -1.81184  -3.38736  1.000 10.55499 ? 361 PHE A CE1   1 
ATOM   383  C CE2   . PHE A 1 50  ? 4.97900   -3.85745  -3.83841  1.000 12.03682 ? 361 PHE A CE2   1 
ATOM   384  C CZ    . PHE A 1 50  ? 5.95092   -3.15853  -3.14643  1.000 10.19907 ? 361 PHE A CZ    1 
ATOM   385  N N     . VAL A 1 51  ? 1.83292   1.80280   -6.19211  1.000 6.17394  ? 362 VAL A N     1 
ATOM   386  C CA    . VAL A 1 51  ? 1.34522   2.80286   -7.13995  1.000 7.35250  ? 362 VAL A CA    1 
ATOM   387  C C     . VAL A 1 51  ? 2.39339   2.95023   -8.23575  1.000 8.53719  ? 362 VAL A C     1 
ATOM   388  O O     . VAL A 1 51  ? 3.56521   3.21126   -7.95055  1.000 9.04225  ? 362 VAL A O     1 
ATOM   389  C CB    . VAL A 1 51  ? 1.07362   4.13716   -6.43393  1.000 8.21689  ? 362 VAL A CB    1 
ATOM   390  C CG1   . VAL A 1 51  ? 0.55392   5.18085   -7.41565  1.000 8.95917  ? 362 VAL A CG1   1 
ATOM   391  C CG2   . VAL A 1 51  ? 0.07388   3.93582   -5.28684  1.000 9.15644  ? 362 VAL A CG2   1 
ATOM   392  N N     . THR A 1 52  ? 1.98336   2.76157   -9.49029  1.000 8.19096  ? 363 THR A N     1 
ATOM   393  C CA    . THR A 1 52  ? 2.90950   2.84139   -10.61053 1.000 6.95073  ? 363 THR A CA    1 
ATOM   394  C C     . THR A 1 52  ? 2.34320   3.75291   -11.68981 1.000 8.03760  ? 363 THR A C     1 
ATOM   395  O O     . THR A 1 52  ? 1.13621   4.00499   -11.76012 1.000 7.50297  ? 363 THR A O     1 
ATOM   396  C CB    . THR A 1 52  ? 3.19211   1.46073   -11.21858 1.000 11.66112 ? 363 THR A CB    1 
ATOM   397  O OG1   . THR A 1 52  ? 1.95553   0.85845   -11.59238 1.000 14.80599 ? 363 THR A OG1   1 
ATOM   398  C CG2   . THR A 1 52  ? 3.90355   0.56495   -10.21197 1.000 10.92139 ? 363 THR A CG2   1 
ATOM   399  N N     . TYR A 1 53  ? 3.25069   4.25053   -12.52417 1.000 7.88166  ? 364 TYR A N     1 
ATOM   400  C CA    . TYR A 1 53  ? 2.88693   4.95092   -13.74585 1.000 8.84625  ? 364 TYR A CA    1 
ATOM   401  C C     . TYR A 1 53  ? 2.32702   3.94920   -14.75668 1.000 8.45201  ? 364 TYR A C     1 
ATOM   402  O O     . TYR A 1 53  ? 2.37576   2.73679   -14.53972 1.000 10.56500 ? 364 TYR A O     1 
ATOM   403  C CB    . TYR A 1 53  ? 4.11443   5.68586   -14.28605 1.000 6.57853  ? 364 TYR A CB    1 
ATOM   404  C CG    . TYR A 1 53  ? 4.46812   6.87227   -13.42684 1.000 7.48479  ? 364 TYR A CG    1 
ATOM   405  C CD1   . TYR A 1 53  ? 3.78763   8.06458   -13.56846 1.000 8.13532  ? 364 TYR A CD1   1 
ATOM   406  C CD2   . TYR A 1 53  ? 5.48147   6.79471   -12.47315 1.000 6.42244  ? 364 TYR A CD2   1 
ATOM   407  C CE1   . TYR A 1 53  ? 4.09130   9.15818   -12.76735 1.000 6.16291  ? 364 TYR A CE1   1 
ATOM   408  C CE2   . TYR A 1 53  ? 5.80922   7.89008   -11.67082 1.000 8.20402  ? 364 TYR A CE2   1 
ATOM   409  C CZ    . TYR A 1 53  ? 5.10735   9.06605   -11.83381 1.000 6.51165  ? 364 TYR A CZ    1 
ATOM   410  O OH    . TYR A 1 53  ? 5.40455   10.16119  -11.04747 1.000 9.79477  ? 364 TYR A OH    1 
ATOM   411  N N     . PRO A 1 54  ? 1.75681   4.42423   -15.86547 1.000 9.07111  ? 365 PRO A N     1 
ATOM   412  C CA    . PRO A 1 54  ? 1.12934   3.48883   -16.81165 1.000 11.16579 ? 365 PRO A CA    1 
ATOM   413  C C     . PRO A 1 54  ? 2.08641   2.47942   -17.40416 1.000 13.41448 ? 365 PRO A C     1 
ATOM   414  O O     . PRO A 1 54  ? 1.62863   1.41824   -17.83957 1.000 17.44160 ? 365 PRO A O     1 
ATOM   415  C CB    . PRO A 1 54  ? 0.56143   4.41236   -17.88933 1.000 11.43849 ? 365 PRO A CB    1 
ATOM   416  C CG    . PRO A 1 54  ? 0.31353   5.68668   -17.16986 1.000 11.40840 ? 365 PRO A CG    1 
ATOM   417  C CD    . PRO A 1 54  ? 1.41601   5.82297   -16.17799 1.000 9.51121  ? 365 PRO A CD    1 
ATOM   418  N N     . ASP A 1 55  ? 3.38718   2.77075   -17.44097 1.000 11.62017 ? 366 ASP A N     1 
ATOM   419  C CA    . ASP A 1 55  ? 4.40107   1.84700   -17.92469 1.000 11.66442 ? 366 ASP A CA    1 
ATOM   420  C C     . ASP A 1 55  ? 4.99099   0.98651   -16.81772 1.000 13.33240 ? 366 ASP A C     1 
ATOM   421  O O     . ASP A 1 55  ? 5.98897   0.29725   -17.05051 1.000 14.43295 ? 366 ASP A O     1 
ATOM   422  C CB    . ASP A 1 55  ? 5.52265   2.60874   -18.62641 1.000 12.23809 ? 366 ASP A CB    1 
ATOM   423  C CG    . ASP A 1 55  ? 6.13353   3.69551   -17.75565 1.000 13.62068 ? 366 ASP A CG    1 
ATOM   424  O OD1   . ASP A 1 55  ? 5.82002   3.77150   -16.54114 1.000 12.39138 ? 366 ASP A OD1   1 
ATOM   425  O OD2   . ASP A 1 55  ? 6.92786   4.48387   -18.29959 1.000 12.99679 ? 366 ASP A OD2   1 
ATOM   426  N N     . GLY A 1 56  ? 4.41428   1.02491   -15.62155 1.000 12.75464 ? 367 GLY A N     1 
ATOM   427  C CA    . GLY A 1 56  ? 4.92715   0.23722   -14.52458 1.000 13.34438 ? 367 GLY A CA    1 
ATOM   428  C C     . GLY A 1 56  ? 6.05333   0.86972   -13.74553 1.000 12.44843 ? 367 GLY A C     1 
ATOM   429  O O     . GLY A 1 56  ? 6.52938   0.26005   -12.78235 1.000 13.84699 ? 367 GLY A O     1 
ATOM   430  N N     . ARG A 1 57  ? 6.48739   2.07269   -14.10802 1.000 11.55196 ? 368 ARG A N     1 
ATOM   431  C CA    . ARG A 1 57  ? 7.54837   2.71186   -13.35067 1.000 10.54148 ? 368 ARG A CA    1 
ATOM   432  C C     . ARG A 1 57  ? 7.06114   3.02309   -11.93700 1.000 8.84290  ? 368 ARG A C     1 
ATOM   433  O O     . ARG A 1 57  ? 5.90050   3.40052   -11.74360 1.000 8.97576  ? 368 ARG A O     1 
ATOM   434  C CB    . ARG A 1 57  ? 8.02096   3.98731   -14.05426 1.000 10.28962 ? 368 ARG A CB    1 
ATOM   435  C CG    . ARG A 1 57  ? 8.84174   3.72274   -15.32133 1.000 12.56782 ? 368 ARG A CG    1 
ATOM   436  C CD    . ARG A 1 57  ? 9.23188   5.02673   -16.02634 1.000 15.14118 ? 368 ARG A CD    1 
ATOM   437  N NE    . ARG A 1 57  ? 10.51087  4.90512   -16.72132 1.000 17.98908 ? 368 ARG A NE    1 
ATOM   438  C CZ    . ARG A 1 57  ? 10.65105  4.38310   -17.93117 1.000 15.97479 ? 368 ARG A CZ    1 
ATOM   439  N NH1   . ARG A 1 57  ? 9.60982   3.96126   -18.62390 1.000 22.13919 ? 368 ARG A NH1   1 
ATOM   440  N NH2   . ARG A 1 57  ? 11.86715  4.28166   -18.46024 1.000 20.23889 ? 368 ARG A NH2   1 
ATOM   441  N N     . PRO A 1 58  ? 7.90891   2.86231   -10.93169 1.000 11.00328 ? 369 PRO A N     1 
ATOM   442  C CA    . PRO A 1 58  ? 7.45946   3.06716   -9.55254  1.000 11.32601 ? 369 PRO A CA    1 
ATOM   443  C C     . PRO A 1 58  ? 7.30268   4.54362   -9.23257  1.000 13.27763 ? 369 PRO A C     1 
ATOM   444  O O     . PRO A 1 58  ? 7.89522   5.41890   -9.86381  1.000 12.59974 ? 369 PRO A O     1 
ATOM   445  C CB    . PRO A 1 58  ? 8.58482   2.44496   -8.72226  1.000 12.38083 ? 369 PRO A CB    1 
ATOM   446  C CG    . PRO A 1 58  ? 9.80844   2.64918   -9.57569  1.000 13.43025 ? 369 PRO A CG    1 
ATOM   447  C CD    . PRO A 1 58  ? 9.33740   2.51147   -11.00982 1.000 15.66948 ? 369 PRO A CD    1 
ATOM   448  N N     . THR A 1 59  ? 6.48717   4.80823   -8.21159  1.000 10.86825 ? 370 THR A N     1 
ATOM   449  C CA    . THR A 1 59  ? 6.26715   6.16349   -7.73184  1.000 9.98036  ? 370 THR A CA    1 
ATOM   450  C C     . THR A 1 59  ? 6.89088   6.44134   -6.37855  1.000 10.66075 ? 370 THR A C     1 
ATOM   451  O O     . THR A 1 59  ? 7.06119   7.61328   -6.02837  1.000 14.02729 ? 370 THR A O     1 
ATOM   452  C CB    . THR A 1 59  ? 4.76647   6.46976   -7.62391  1.000 11.10962 ? 370 THR A CB    1 
ATOM   453  O OG1   . THR A 1 59  ? 4.18731   5.64308   -6.60180  1.000 10.10670 ? 370 THR A OG1   1 
ATOM   454  C CG2   . THR A 1 59  ? 4.05312   6.21240   -8.93840  1.000 10.03713 ? 370 THR A CG2   1 
ATOM   455  N N     . GLY A 1 60  ? 7.23562   5.40662   -5.61239  1.000 6.24799  ? 371 GLY A N     1 
ATOM   456  C CA    . GLY A 1 60  ? 7.58683   5.55506   -4.21896  1.000 7.52788  ? 371 GLY A CA    1 
ATOM   457  C C     . GLY A 1 60  ? 6.42923   5.34287   -3.26985  1.000 7.05475  ? 371 GLY A C     1 
ATOM   458  O O     . GLY A 1 60  ? 6.63991   5.32505   -2.04750  1.000 7.08479  ? 371 GLY A O     1 
ATOM   459  N N     . ASP A 1 61  ? 5.22763   5.15724   -3.78811  1.000 6.55437  ? 372 ASP A N     1 
ATOM   460  C CA    . ASP A 1 61  ? 4.02934   5.07348   -2.97287  1.000 7.54763  ? 372 ASP A CA    1 
ATOM   461  C C     . ASP A 1 61  ? 3.48886   3.65048   -3.01666  1.000 5.78365  ? 372 ASP A C     1 
ATOM   462  O O     . ASP A 1 61  ? 3.61503   2.95710   -4.03059  1.000 5.62350  ? 372 ASP A O     1 
ATOM   463  C CB    . ASP A 1 61  ? 2.96559   6.02563   -3.52037  1.000 8.41759  ? 372 ASP A CB    1 
ATOM   464  C CG    . ASP A 1 61  ? 3.42649   7.47801   -3.50297  1.000 17.81985 ? 372 ASP A CG    1 
ATOM   465  O OD1   . ASP A 1 61  ? 3.80965   7.98743   -2.44481  1.000 15.74400 ? 372 ASP A OD1   1 
ATOM   466  O OD2   . ASP A 1 61  ? 3.41176   8.11876   -4.58006  1.000 26.66652 ? 372 ASP A OD2   1 
ATOM   467  N N     . ALA A 1 62  ? 2.84283   3.23172   -1.92806  1.000 5.25098  ? 373 ALA A N     1 
ATOM   468  C CA    . ALA A 1 62  ? 2.10702   1.97721   -1.90964  1.000 5.48138  ? 373 ALA A CA    1 
ATOM   469  C C     . ALA A 1 62  ? 1.01322   2.05784   -0.85715  1.000 4.99981  ? 373 ALA A C     1 
ATOM   470  O O     . ALA A 1 62  ? 1.07443   2.87127   0.07168   1.000 5.70368  ? 373 ALA A O     1 
ATOM   471  C CB    . ALA A 1 62  ? 3.01188   0.76804   -1.61596  1.000 5.54876  ? 373 ALA A CB    1 
ATOM   472  N N     . PHE A 1 63  ? 0.01013   1.19211   -1.01080  1.000 5.20280  ? 374 PHE A N     1 
ATOM   473  C CA    . PHE A 1 63  ? -1.02776  1.00982   -0.00552  1.000 4.15246  ? 374 PHE A CA    1 
ATOM   474  C C     . PHE A 1 63  ? -1.01673  -0.43333  0.48080   1.000 4.62523  ? 374 PHE A C     1 
ATOM   475  O O     . PHE A 1 63  ? -0.74987  -1.34327  -0.30341  1.000 5.40482  ? 374 PHE A O     1 
ATOM   476  C CB    . PHE A 1 63  ? -2.39647  1.35048   -0.58199  1.000 6.61293  ? 374 PHE A CB    1 
ATOM   477  C CG    . PHE A 1 63  ? -2.52702  2.77553   -1.00822  1.000 5.35940  ? 374 PHE A CG    1 
ATOM   478  C CD1   . PHE A 1 63  ? -2.85658  3.74964   -0.08519  1.000 5.92825  ? 374 PHE A CD1   1 
ATOM   479  C CD2   . PHE A 1 63  ? -2.33105  3.13685   -2.33703  1.000 6.94721  ? 374 PHE A CD2   1 
ATOM   480  C CE1   . PHE A 1 63  ? -3.00005  5.07617   -0.46484  1.000 7.78810  ? 374 PHE A CE1   1 
ATOM   481  C CE2   . PHE A 1 63  ? -2.46937  4.45833   -2.73336  1.000 7.36333  ? 374 PHE A CE2   1 
ATOM   482  C CZ    . PHE A 1 63  ? -2.80825  5.43148   -1.79512  1.000 5.71289  ? 374 PHE A CZ    1 
ATOM   483  N N     . VAL A 1 64  ? -1.30073  -0.63943  1.77410   1.000 5.08771  ? 375 VAL A N     1 
ATOM   484  C CA    . VAL A 1 64  ? -1.36350  -1.98871  2.33947   1.000 5.37243  ? 375 VAL A CA    1 
ATOM   485  C C     . VAL A 1 64  ? -2.62288  -2.13973  3.17986   1.000 5.83887  ? 375 VAL A C     1 
ATOM   486  O O     . VAL A 1 64  ? -3.12663  -1.18026  3.77560   1.000 5.45817  ? 375 VAL A O     1 
ATOM   487  C CB    . VAL A 1 64  ? -0.11571  -2.34754  3.18427   1.000 5.30918  ? 375 VAL A CB    1 
ATOM   488  C CG1   . VAL A 1 64  ? 1.14749   -2.13323  2.37373   1.000 6.70073  ? 375 VAL A CG1   1 
ATOM   489  C CG2   . VAL A 1 64  ? -0.07561  -1.51682  4.41581   1.000 7.38176  ? 375 VAL A CG2   1 
ATOM   490  N N     . LEU A 1 65  ? -3.09030  -3.38190  3.27185   1.000 5.16743  ? 376 LEU A N     1 
ATOM   491  C CA    . LEU A 1 65  ? -4.30672  -3.74142  3.98810   1.000 5.81349  ? 376 LEU A CA    1 
ATOM   492  C C     . LEU A 1 65  ? -3.97813  -4.40337  5.32068   1.000 6.62867  ? 376 LEU A C     1 
ATOM   493  O O     . LEU A 1 65  ? -3.22707  -5.38400  5.36168   1.000 5.98558  ? 376 LEU A O     1 
ATOM   494  C CB    . LEU A 1 65  ? -5.15113  -4.70304  3.15425   1.000 6.28616  ? 376 LEU A CB    1 
ATOM   495  C CG    . LEU A 1 65  ? -5.56911  -4.27545  1.75592   1.000 7.62558  ? 376 LEU A CG    1 
ATOM   496  C CD1   . LEU A 1 65  ? -6.23090  -5.43300  1.03135   1.000 10.76261 ? 376 LEU A CD1   1 
ATOM   497  C CD2   . LEU A 1 65  ? -6.49550  -3.07527  1.82826   1.000 7.81341  ? 376 LEU A CD2   1 
ATOM   498  N N     . PHE A 1 66  ? -4.57641  -3.88963  6.39288   1.000 5.56882  ? 377 PHE A N     1 
ATOM   499  C CA    . PHE A 1 66  ? -4.51603  -4.49947  7.71428   1.000 6.58336  ? 377 PHE A CA    1 
ATOM   500  C C     . PHE A 1 66  ? -5.92715  -4.84508  8.16496   1.000 7.03375  ? 377 PHE A C     1 
ATOM   501  O O     . PHE A 1 66  ? -6.83833  -4.01690  8.07979   1.000 7.14567  ? 377 PHE A O     1 
ATOM   502  C CB    . PHE A 1 66  ? -3.85241  -3.57476  8.71412   1.000 5.51442  ? 377 PHE A CB    1 
ATOM   503  C CG    . PHE A 1 66  ? -2.41009  -3.35401  8.43314   1.000 6.48573  ? 377 PHE A CG    1 
ATOM   504  C CD1   . PHE A 1 66  ? -1.52223  -4.41290  8.45859   1.000 5.34548  ? 377 PHE A CD1   1 
ATOM   505  C CD2   . PHE A 1 66  ? -1.94148  -2.08842  8.10205   1.000 5.82534  ? 377 PHE A CD2   1 
ATOM   506  C CE1   . PHE A 1 66  ? -0.17796  -4.21763  8.18626   1.000 7.23991  ? 377 PHE A CE1   1 
ATOM   507  C CE2   . PHE A 1 66  ? -0.60000  -1.88737  7.83094   1.000 6.40302  ? 377 PHE A CE2   1 
ATOM   508  C CZ    . PHE A 1 66  ? 0.28134   -2.94925  7.85864   1.000 7.40100  ? 377 PHE A CZ    1 
ATOM   509  N N     . ALA A 1 67  ? -6.10572  -6.07154  8.64693   1.000 6.47644  ? 378 ALA A N     1 
ATOM   510  C CA    . ALA A 1 67  ? -7.43699  -6.53633  9.00713   1.000 6.36361  ? 378 ALA A CA    1 
ATOM   511  C C     . ALA A 1 67  ? -7.87902  -6.05871  10.38106  1.000 8.67849  ? 378 ALA A C     1 
ATOM   512  O O     . ALA A 1 67  ? -9.08191  -6.05581  10.66898  1.000 10.62683 ? 378 ALA A O     1 
ATOM   513  C CB    . ALA A 1 67  ? -7.46953  -8.06872  8.94335   1.000 7.25717  ? 378 ALA A CB    1 
ATOM   514  N N     . CYS A 1 68  ? -6.94813  -5.67069  11.24153  1.000 8.24524  ? 379 CYS A N     1 
ATOM   515  C CA    . CYS A 1 68  ? -7.25348  -5.35457  12.62539  1.000 8.12231  ? 379 CYS A CA    1 
ATOM   516  C C     . CYS A 1 68  ? -6.64453  -4.01462  12.99356  1.000 11.67147 ? 379 CYS A C     1 
ATOM   517  O O     . CYS A 1 68  ? -5.53074  -3.69015  12.56873  1.000 9.87759  ? 379 CYS A O     1 
ATOM   518  C CB    . CYS A 1 68  ? -6.71904  -6.42904  13.58295  1.000 10.81882 ? 379 CYS A CB    1 
ATOM   519  S SG    . CYS A 1 68  ? -7.15154  -8.08383  13.08593  1.000 11.35424 ? 379 CYS A SG    1 
ATOM   520  N N     . GLU A 1 69  ? -7.37048  -3.26078  13.81927  1.000 10.41868 ? 380 GLU A N     1 
ATOM   521  C CA    . GLU A 1 69  ? -6.89455  -1.95204  14.25052  1.000 9.96382  ? 380 GLU A CA    1 
ATOM   522  C C     . GLU A 1 69  ? -5.56860  -2.05518  14.99752  1.000 11.56951 ? 380 GLU A C     1 
ATOM   523  O O     . GLU A 1 69  ? -4.70393  -1.18667  14.85494  1.000 10.57556 ? 380 GLU A O     1 
ATOM   524  C CB    . GLU A 1 69  ? -7.96120  -1.28082  15.11800  1.000 10.11342 ? 380 GLU A CB    1 
ATOM   525  C CG    . GLU A 1 69  ? -7.50768  0.02327   15.73948  1.000 14.99898 ? 380 GLU A CG    1 
ATOM   526  C CD    . GLU A 1 69  ? -7.37304  1.14203   14.72577  1.000 14.53509 ? 380 GLU A CD    1 
ATOM   527  O OE1   . GLU A 1 69  ? -6.75890  2.16940   15.08867  1.000 16.85256 ? 380 GLU A OE1   1 
ATOM   528  O OE2   . GLU A 1 69  ? -7.88551  0.99806   13.59025  1.000 13.79137 ? 380 GLU A OE2   1 
ATOM   529  N N     . GLU A 1 70  ? -5.39070  -3.10841  15.80633  1.000 9.77794  ? 381 GLU A N     1 
ATOM   530  C CA    . GLU A 1 70  ? -4.11416  -3.31194  16.48366  1.000 13.98161 ? 381 GLU A CA    1 
ATOM   531  C C     . GLU A 1 70  ? -2.96856  -3.37982  15.48649  1.000 10.48826 ? 381 GLU A C     1 
ATOM   532  O O     . GLU A 1 70  ? -1.87980  -2.84642  15.74297  1.000 12.10371 ? 381 GLU A O     1 
ATOM   533  C CB    . GLU A 1 70  ? -4.15858  -4.59517  17.31194  1.000 16.44151 ? 381 GLU A CB    1 
ATOM   534  C CG    . GLU A 1 70  ? -2.90950  -4.84933  18.13826  1.000 23.93714 ? 381 GLU A CG    1 
ATOM   535  C CD    . GLU A 1 70  ? -3.04479  -6.09200  19.01767  1.000 36.26935 ? 381 GLU A CD    1 
ATOM   536  O OE1   . GLU A 1 70  ? -3.95367  -6.91618  18.75261  1.000 40.10438 ? 381 GLU A OE1   1 
ATOM   537  O OE2   . GLU A 1 70  ? -2.24246  -6.24245  19.96685  1.000 43.21318 ? 381 GLU A OE2   1 
ATOM   538  N N     . TYR A 1 71  ? -3.18779  -4.05809  14.35297  1.000 10.55359 ? 382 TYR A N     1 
ATOM   539  C CA    . TYR A 1 71  ? -2.15543  -4.12169  13.32329  1.000 9.30260  ? 382 TYR A CA    1 
ATOM   540  C C     . TYR A 1 71  ? -1.84237  -2.73131  12.79644  1.000 9.18372  ? 382 TYR A C     1 
ATOM   541  O O     . TYR A 1 71  ? -0.67680  -2.38487  12.58122  1.000 7.75960  ? 382 TYR A O     1 
ATOM   542  C CB    . TYR A 1 71  ? -2.59634  -4.99155  12.14736  1.000 7.93512  ? 382 TYR A CB    1 
ATOM   543  C CG    . TYR A 1 71  ? -2.88414  -6.44848  12.43649  1.000 10.10991 ? 382 TYR A CG    1 
ATOM   544  C CD1   . TYR A 1 71  ? -2.49300  -7.04173  13.63292  1.000 10.49507 ? 382 TYR A CD1   1 
ATOM   545  C CD2   . TYR A 1 71  ? -3.54192  -7.23533  11.49508  1.000 9.28744  ? 382 TYR A CD2   1 
ATOM   546  C CE1   . TYR A 1 71  ? -2.76436  -8.38074  13.88832  1.000 9.75469  ? 382 TYR A CE1   1 
ATOM   547  C CE2   . TYR A 1 71  ? -3.81187  -8.57929  11.74395  1.000 9.32041  ? 382 TYR A CE2   1 
ATOM   548  C CZ    . TYR A 1 71  ? -3.42051  -9.13784  12.94149  1.000 11.00740 ? 382 TYR A CZ    1 
ATOM   549  O OH    . TYR A 1 71  ? -3.67745  -10.47455 13.19030  1.000 12.56823 ? 382 TYR A OH    1 
ATOM   550  N N     . ALA A 1 72  ? -2.88107  -1.93247  12.55181  1.000 8.91792  ? 383 ALA A N     1 
ATOM   551  C CA    . ALA A 1 72  ? -2.65398  -0.59003  12.02347  1.000 8.64789  ? 383 ALA A CA    1 
ATOM   552  C C     . ALA A 1 72  ? -1.89672  0.27310   13.02000  1.000 10.37106 ? 383 ALA A C     1 
ATOM   553  O O     . ALA A 1 72  ? -1.02969  1.05159   12.62820  1.000 10.27340 ? 383 ALA A O     1 
ATOM   554  C CB    . ALA A 1 72  ? -3.98258  0.06570   11.64459  1.000 9.11098  ? 383 ALA A CB    1 
ATOM   555  N N     . GLN A 1 73  ? -2.21608  0.16073   14.31426  1.000 8.87601  ? 384 GLN A N     1 
ATOM   556  C CA    . GLN A 1 73  ? -1.47339  0.90258   15.33346  1.000 10.69798 ? 384 GLN A CA    1 
ATOM   557  C C     . GLN A 1 73  ? -0.00556  0.48410   15.35394  1.000 12.75912 ? 384 GLN A C     1 
ATOM   558  O O     . GLN A 1 73  ? 0.90419   1.33277   15.35352  1.000 13.62833 ? 384 GLN A O     1 
ATOM   559  C CB    . GLN A 1 73  ? -2.12219  0.68229   16.70348  1.000 11.90687 ? 384 GLN A CB    1 
ATOM   560  C CG    . GLN A 1 73  ? -3.46071  1.35636   16.84996  1.000 14.72198 ? 384 GLN A CG    1 
ATOM   561  C CD    . GLN A 1 73  ? -3.38171  2.82434   16.50891  1.000 19.11472 ? 384 GLN A CD    1 
ATOM   562  O OE1   . GLN A 1 73  ? -2.60520  3.56964   17.11382  1.000 23.78967 ? 384 GLN A OE1   1 
ATOM   563  N NE2   . GLN A 1 73  ? -4.15114  3.24442   15.50694  1.000 15.72005 ? 384 GLN A NE2   1 
ATOM   564  N N     . ASN A 1 74  ? 0.24525   -0.83052  15.36284  1.000 11.29830 ? 385 ASN A N     1 
ATOM   565  C CA    . ASN A 1 74  ? 1.61864   -1.31086  15.30018  1.000 11.85617 ? 385 ASN A CA    1 
ATOM   566  C C     . ASN A 1 74  ? 2.32300   -0.76778  14.06263  1.000 11.71545 ? 385 ASN A C     1 
ATOM   567  O O     . ASN A 1 74  ? 3.48877   -0.35655  14.12630  1.000 10.77644 ? 385 ASN A O     1 
ATOM   568  C CB    . ASN A 1 74  ? 1.63890   -2.83819  15.29273  1.000 15.12187 ? 385 ASN A CB    1 
ATOM   569  C CG    . ASN A 1 74  ? 1.18937   -3.43532  16.60997  1.000 18.35879 ? 385 ASN A CG    1 
ATOM   570  O OD1   . ASN A 1 74  ? 1.16901   -2.75939  17.63678  1.000 20.16990 ? 385 ASN A OD1   1 
ATOM   571  N ND2   . ASN A 1 74  ? 0.83764   -4.72015  16.58820  1.000 20.46657 ? 385 ASN A ND2   1 
ATOM   572  N N     . ALA A 1 75  ? 1.62515   -0.77859  12.92071  1.000 9.62034  ? 386 ALA A N     1 
ATOM   573  C CA    . ALA A 1 75  ? 2.20836   -0.33802  11.66130  1.000 9.82580  ? 386 ALA A CA    1 
ATOM   574  C C     . ALA A 1 75  ? 2.53108   1.14624   11.69946  1.000 8.83857  ? 386 ALA A C     1 
ATOM   575  O O     . ALA A 1 75  ? 3.61325   1.55973   11.27297  1.000 9.15450  ? 386 ALA A O     1 
ATOM   576  C CB    . ALA A 1 75  ? 1.25489   -0.65786  10.50803  1.000 8.70268  ? 386 ALA A CB    1 
ATOM   577  N N     . LEU A 1 76  ? 1.62529   1.95312   12.24379  1.000 7.79167  ? 387 LEU A N     1 
ATOM   578  C CA    . LEU A 1 76  ? 1.84844   3.39037   12.26193  1.000 9.38714  ? 387 LEU A CA    1 
ATOM   579  C C     . LEU A 1 76  ? 2.99419   3.74618   13.18748  1.000 8.33543  ? 387 LEU A C     1 
ATOM   580  O O     . LEU A 1 76  ? 3.69660   4.73620   12.94988  1.000 9.11298  ? 387 LEU A O     1 
ATOM   581  C CB    . LEU A 1 76  ? 0.56246   4.11655   12.66050  1.000 9.87426  ? 387 LEU A CB    1 
ATOM   582  C CG    . LEU A 1 76  ? -0.53223  3.99167   11.60184  1.000 12.08401 ? 387 LEU A CG    1 
ATOM   583  C CD1   . LEU A 1 76  ? -1.89894  4.29724   12.22160  1.000 12.97375 ? 387 LEU A CD1   1 
ATOM   584  C CD2   . LEU A 1 76  ? -0.24866  4.92000   10.40309  1.000 9.41781  ? 387 LEU A CD2   1 
ATOM   585  N N     . ARG A 1 77  ? 3.23776   2.92013   14.20991  1.000 10.25493 ? 388 ARG A N     1 
ATOM   586  C CA    . ARG A 1 77  ? 4.41825   3.14630   15.03699  1.000 10.81209 ? 388 ARG A CA    1 
ATOM   587  C C     . ARG A 1 77  ? 5.72811   2.96809   14.27718  1.000 10.07068 ? 388 ARG A C     1 
ATOM   588  O O     . ARG A 1 77  ? 6.77734   3.37245   14.79011  1.000 12.07157 ? 388 ARG A O     1 
ATOM   589  C CB    . ARG A 1 77  ? 4.37347   2.22637   16.25425  1.000 12.87084 ? 388 ARG A CB    1 
ATOM   590  C CG    . ARG A 1 77  ? 3.38611   2.73140   17.29755  1.000 18.38825 ? 388 ARG A CG    1 
ATOM   591  C CD    . ARG A 1 77  ? 3.53633   2.03055   18.63915  1.000 23.95055 ? 388 ARG A CD    1 
ATOM   592  N NE    . ARG A 1 77  ? 2.72460   0.82517   18.64469  1.000 21.81211 ? 388 ARG A NE    1 
ATOM   593  C CZ    . ARG A 1 77  ? 1.44661   0.79239   18.99660  1.000 23.99724 ? 388 ARG A CZ    1 
ATOM   594  N NH1   . ARG A 1 77  ? 0.80169   1.88936   19.36540  1.000 27.59541 ? 388 ARG A NH1   1 
ATOM   595  N NH2   . ARG A 1 77  ? 0.79229   -0.36325  18.95127  1.000 27.35680 ? 388 ARG A NH2   1 
ATOM   596  N N     . LYS A 1 78  ? 5.70743   2.38444   13.08151  1.000 8.06591  ? 389 LYS A N     1 
ATOM   597  C CA    . LYS A 1 78  ? 6.91008   2.25145   12.26855  1.000 8.52058  ? 389 LYS A CA    1 
ATOM   598  C C     . LYS A 1 78  ? 7.11965   3.43865   11.33925  1.000 10.14698 ? 389 LYS A C     1 
ATOM   599  O O     . LYS A 1 78  ? 7.96216   3.37033   10.43407  1.000 9.13338  ? 389 LYS A O     1 
ATOM   600  C CB    . LYS A 1 78  ? 6.85915   0.96210   11.44998  1.000 9.12512  ? 389 LYS A CB    1 
ATOM   601  C CG    . LYS A 1 78  ? 6.68136   -0.26511  12.32016  1.000 11.83468 ? 389 LYS A CG    1 
ATOM   602  C CD    . LYS A 1 78  ? 6.65576   -1.54504  11.50204  1.000 10.11802 ? 389 LYS A CD    1 
ATOM   603  C CE    . LYS A 1 78  ? 6.65942   -2.76861  12.41171  1.000 17.15562 ? 389 LYS A CE    1 
ATOM   604  N NZ    . LYS A 1 78  ? 7.85604   -2.75378  13.30192  1.000 20.11952 ? 389 LYS A NZ    1 
ATOM   605  N N     . HIS A 1 79  ? 6.37406   4.51967   11.54520  1.000 8.21857  ? 390 HIS A N     1 
ATOM   606  C CA    . HIS A 1 79  ? 6.56107   5.72453   10.74996  1.000 7.24387  ? 390 HIS A CA    1 
ATOM   607  C C     . HIS A 1 79  ? 8.00723   6.19221   10.84504  1.000 8.55438  ? 390 HIS A C     1 
ATOM   608  O O     . HIS A 1 79  ? 8.53993   6.38340   11.94723  1.000 9.90090  ? 390 HIS A O     1 
ATOM   609  C CB    . HIS A 1 79  ? 5.61022   6.80430   11.25760  1.000 8.90375  ? 390 HIS A CB    1 
ATOM   610  C CG    . HIS A 1 79  ? 5.76062   8.12506   10.58057  1.000 9.11511  ? 390 HIS A CG    1 
ATOM   611  N ND1   . HIS A 1 79  ? 5.41872   8.33187   9.25987   1.000 8.67810  ? 390 HIS A ND1   1 
ATOM   612  C CD2   . HIS A 1 79  ? 6.15201   9.32799   11.06235  1.000 11.62871 ? 390 HIS A CD2   1 
ATOM   613  C CE1   . HIS A 1 79  ? 5.62432   9.59988   8.95268   1.000 10.99928 ? 390 HIS A CE1   1 
ATOM   614  N NE2   . HIS A 1 79  ? 6.06504   10.22478  10.02964  1.000 10.87110 ? 390 HIS A NE2   1 
ATOM   615  N N     . LYS A 1 80  ? 8.63505   6.35872   9.68086   1.000 8.19388  ? 391 LYS A N     1 
ATOM   616  C CA    . LYS A 1 80  ? 10.01346  6.80118   9.49689   1.000 8.03943  ? 391 LYS A CA    1 
ATOM   617  C C     . LYS A 1 80  ? 11.04328  5.72634   9.82807   1.000 9.60360  ? 391 LYS A C     1 
ATOM   618  O O     . LYS A 1 80  ? 12.25102  6.01366   9.84062   1.000 9.98162  ? 391 LYS A O     1 
ATOM   619  C CB    . LYS A 1 80  ? 10.29142  8.10061   10.27215  1.000 10.81168 ? 391 LYS A CB    1 
ATOM   620  C CG    . LYS A 1 80  ? 9.60999   9.29801   9.60033   1.000 12.12251 ? 391 LYS A CG    1 
ATOM   621  C CD    . LYS A 1 80  ? 9.88931   10.59798  10.29768  1.000 13.26995 ? 391 LYS A CD    1 
ATOM   622  C CE    . LYS A 1 80  ? 9.60737   11.77277  9.37385   1.000 23.15344 ? 391 LYS A CE    1 
ATOM   623  N NZ    . LYS A 1 80  ? 9.51037   13.03258  10.15141  1.000 24.19752 ? 391 LYS A NZ    1 
ATOM   624  N N     . ASP A 1 81  ? 10.61736  4.48695   10.05664  1.000 9.00984  ? 392 ASP A N     1 
ATOM   625  C CA    . ASP A 1 81  ? 11.55216  3.37268   9.98058   1.000 10.44358 ? 392 ASP A CA    1 
ATOM   626  C C     . ASP A 1 81  ? 12.10438  3.25479   8.56381   1.000 8.72384  ? 392 ASP A C     1 
ATOM   627  O O     . ASP A 1 81  ? 11.52122  3.74413   7.59497   1.000 9.81315  ? 392 ASP A O     1 
ATOM   628  C CB    . ASP A 1 81  ? 10.86887  2.05709   10.36695  1.000 9.45856  ? 392 ASP A CB    1 
ATOM   629  C CG    . ASP A 1 81  ? 10.67376  1.91758   11.86507  1.000 13.39895 ? 392 ASP A CG    1 
ATOM   630  O OD1   . ASP A 1 81  ? 11.13738  2.80758   12.60011  1.000 14.97705 ? 392 ASP A OD1   1 
ATOM   631  O OD2   . ASP A 1 81  ? 10.05595  0.92322   12.30346  1.000 15.80011 ? 392 ASP A OD2   1 
ATOM   632  N N     . LEU A 1 82  ? 13.23922  2.57398   8.43468   1.000 9.09285  ? 393 LEU A N     1 
ATOM   633  C CA    . LEU A 1 82  ? 13.87559  2.45007   7.13553   1.000 9.02188  ? 393 LEU A CA    1 
ATOM   634  C C     . LEU A 1 82  ? 13.41340  1.19789   6.41134   1.000 10.25526 ? 393 LEU A C     1 
ATOM   635  O O     . LEU A 1 82  ? 13.22429  0.13912   7.01870   1.000 10.67388 ? 393 LEU A O     1 
ATOM   636  C CB    . LEU A 1 82  ? 15.40097  2.40821   7.26245   1.000 11.68765 ? 393 LEU A CB    1 
ATOM   637  C CG    . LEU A 1 82  ? 16.16693  3.48100   8.03235   1.000 14.15975 ? 393 LEU A CG    1 
ATOM   638  C CD1   . LEU A 1 82  ? 17.65801  3.31496   7.77789   1.000 17.29106 ? 393 LEU A CD1   1 
ATOM   639  C CD2   . LEU A 1 82  ? 15.72244  4.85817   7.65909   1.000 12.98790 ? 393 LEU A CD2   1 
ATOM   640  N N     . LEU A 1 83  ? 13.22612  1.33403   5.10410   1.000 8.20739  ? 394 LEU A N     1 
ATOM   641  C CA    . LEU A 1 83  ? 13.16816  0.21571   4.17223   1.000 8.80758  ? 394 LEU A CA    1 
ATOM   642  C C     . LEU A 1 83  ? 14.31068  0.46209   3.20207   1.000 12.32464 ? 394 LEU A C     1 
ATOM   643  O O     . LEU A 1 83  ? 14.31989  1.47651   2.49619   1.000 11.63789 ? 394 LEU A O     1 
ATOM   644  C CB    . LEU A 1 83  ? 11.81492  0.13455   3.44942   1.000 8.58150  ? 394 LEU A CB    1 
ATOM   645  C CG    . LEU A 1 83  ? 11.42877  -1.18062  2.75075   1.000 7.84439  ? 394 LEU A CG    1 
ATOM   646  C CD1   . LEU A 1 83  ? 9.92377   -1.23888  2.51322   1.000 9.60391  ? 394 LEU A CD1   1 
ATOM   647  C CD2   . LEU A 1 83  ? 12.17346  -1.36215  1.42900   1.000 9.04663  ? 394 LEU A CD2   1 
ATOM   648  N N     . GLY A 1 84  ? 15.29651  -0.42257  3.20950   1.000 11.90207 ? 395 GLY A N     1 
ATOM   649  C CA    . GLY A 1 84  ? 16.51125  -0.11262  2.47964   1.000 9.48400  ? 395 GLY A CA    1 
ATOM   650  C C     . GLY A 1 84  ? 17.15547  1.11867   3.07157   1.000 11.23339 ? 395 GLY A C     1 
ATOM   651  O O     . GLY A 1 84  ? 17.28858  1.25750   4.29620   1.000 11.40503 ? 395 GLY A O     1 
ATOM   652  N N     . LYS A 1 85  ? 17.53920  2.04536   2.19769   1.000 13.91202 ? 396 LYS A N     1 
ATOM   653  C CA    . LYS A 1 85  ? 18.22010  3.26089   2.62010   1.000 14.83178 ? 396 LYS A CA    1 
ATOM   654  C C     . LYS A 1 85  ? 17.27116  4.37795   3.03794   1.000 14.82915 ? 396 LYS A C     1 
ATOM   655  O O     . LYS A 1 85  ? 17.73359  5.38628   3.57892   1.000 14.71291 ? 396 LYS A O     1 
ATOM   656  C CB    . LYS A 1 85  ? 19.12147  3.77277   1.48336   1.000 19.47989 ? 396 LYS A CB    1 
ATOM   657  C CG    . LYS A 1 85  ? 20.31102  2.86491   1.19291   1.000 28.03091 ? 396 LYS A CG    1 
ATOM   658  C CD    . LYS A 1 85  ? 20.91015  3.09981   -0.19680  1.000 33.20754 ? 396 LYS A CD    1 
ATOM   659  C CE    . LYS A 1 85  ? 20.45894  4.42422   -0.81082  1.000 31.92309 ? 396 LYS A CE    1 
ATOM   660  N NZ    . LYS A 1 85  ? 21.40350  4.87655   -1.87496  1.000 39.96992 ? 396 LYS A NZ    1 
ATOM   661  N N     . ARG A 1 86  ? 15.96767  4.24092   2.80925   1.000 9.34341  ? 397 ARG A N     1 
ATOM   662  C CA    . ARG A 1 86  ? 15.05543  5.37414   2.88721   1.000 9.07738  ? 397 ARG A CA    1 
ATOM   663  C C     . ARG A 1 86  ? 14.11347  5.22589   4.07048   1.000 8.97498  ? 397 ARG A C     1 
ATOM   664  O O     . ARG A 1 86  ? 13.66728  4.11564   4.38291   1.000 9.41979  ? 397 ARG A O     1 
ATOM   665  C CB    . ARG A 1 86  ? 14.25566  5.50425   1.58720   1.000 9.13767  ? 397 ARG A CB    1 
ATOM   666  C CG    . ARG A 1 86  ? 15.11785  5.95076   0.41792   1.000 10.36230 ? 397 ARG A CG    1 
ATOM   667  C CD    . ARG A 1 86  ? 14.31145  6.13677   -0.84798  1.000 10.97787 ? 397 ARG A CD    1 
ATOM   668  N NE    . ARG A 1 86  ? 13.28235  7.16183   -0.71289  1.000 8.66372  ? 397 ARG A NE    1 
ATOM   669  C CZ    . ARG A 1 86  ? 13.48976  8.46645   -0.83937  1.000 8.56065  ? 397 ARG A CZ    1 
ATOM   670  N NH1   . ARG A 1 86  ? 12.49656  9.33552   -0.73703  1.000 7.74010  ? 397 ARG A NH1   1 
ATOM   671  N NH2   . ARG A 1 86  ? 14.72230  8.91068   -1.07517  1.000 10.46014 ? 397 ARG A NH2   1 
ATOM   672  N N     . TYR A 1 87  ? 13.81939  6.34530   4.73449   1.000 7.34004  ? 398 TYR A N     1 
ATOM   673  C CA    . TYR A 1 87  ? 12.79415  6.33961   5.76727   1.000 7.65509  ? 398 TYR A CA    1 
ATOM   674  C C     . TYR A 1 87  ? 11.41270  6.39232   5.11355   1.000 8.21812  ? 398 TYR A C     1 
ATOM   675  O O     . TYR A 1 87  ? 11.19473  7.07100   4.09629   1.000 6.06497  ? 398 TYR A O     1 
ATOM   676  C CB    . TYR A 1 87  ? 13.00056  7.48773   6.77381   1.000 7.91136  ? 398 TYR A CB    1 
ATOM   677  C CG    . TYR A 1 87  ? 13.01870  8.90806   6.21728   1.000 8.51676  ? 398 TYR A CG    1 
ATOM   678  C CD1   . TYR A 1 87  ? 11.84416  9.63547   6.09435   1.000 8.69001  ? 398 TYR A CD1   1 
ATOM   679  C CD2   . TYR A 1 87  ? 14.21271  9.52290   5.85733   1.000 8.96431  ? 398 TYR A CD2   1 
ATOM   680  C CE1   . TYR A 1 87  ? 11.85548  10.94094  5.61267   1.000 10.39021 ? 398 TYR A CE1   1 
ATOM   681  C CE2   . TYR A 1 87  ? 14.22904  10.81831  5.37154   1.000 8.96550  ? 398 TYR A CE2   1 
ATOM   682  C CZ    . TYR A 1 87  ? 13.04748  11.51727  5.24619   1.000 11.26930 ? 398 TYR A CZ    1 
ATOM   683  O OH    . TYR A 1 87  ? 13.03827  12.80913  4.75271   1.000 9.57733  ? 398 TYR A OH    1 
ATOM   684  N N     . ILE A 1 88  ? 10.49538  5.61096   5.66598   1.000 6.21484  ? 399 ILE A N     1 
ATOM   685  C CA    . ILE A 1 88  ? 9.17298   5.39102   5.08588   1.000 5.36693  ? 399 ILE A CA    1 
ATOM   686  C C     . ILE A 1 88  ? 8.16600   6.17555   5.91250   1.000 6.40653  ? 399 ILE A C     1 
ATOM   687  O O     . ILE A 1 88  ? 8.06783   5.98114   7.13122   1.000 7.95060  ? 399 ILE A O     1 
ATOM   688  C CB    . ILE A 1 88  ? 8.81661   3.89409   5.06718   1.000 6.65119  ? 399 ILE A CB    1 
ATOM   689  C CG1   . ILE A 1 88  ? 9.91003   3.08950   4.35945   1.000 5.90639  ? 399 ILE A CG1   1 
ATOM   690  C CG2   . ILE A 1 88  ? 7.45560   3.66786   4.43113   1.000 7.57093  ? 399 ILE A CG2   1 
ATOM   691  C CD1   . ILE A 1 88  ? 10.22743  3.57670   2.92582   1.000 5.90286  ? 399 ILE A CD1   1 
ATOM   692  N N     . GLU A 1 89  ? 7.42349   7.07619   5.26622   1.000 6.91592  ? 400 GLU A N     1 
ATOM   693  C CA    . GLU A 1 89  ? 6.35329   7.77728   5.95532   1.000 7.42197  ? 400 GLU A CA    1 
ATOM   694  C C     . GLU A 1 89  ? 5.07412   6.96470   5.82078   1.000 5.49023  ? 400 GLU A C     1 
ATOM   695  O O     . GLU A 1 89  ? 4.77822   6.44465   4.74065   1.000 6.44469  ? 400 GLU A O     1 
ATOM   696  C CB    . GLU A 1 89  ? 6.16916   9.18417   5.39163   1.000 8.80093  ? 400 GLU A CB    1 
ATOM   697  C CG    . GLU A 1 89  ? 7.41296   10.02807  5.60224   1.000 8.71316  ? 400 GLU A CG    1 
ATOM   698  C CD    . GLU A 1 89  ? 7.30165   11.34353  4.89834   1.000 14.85157 ? 400 GLU A CD    1 
ATOM   699  O OE1   . GLU A 1 89  ? 6.66706   12.24358  5.47968   1.000 15.38402 ? 400 GLU A OE1   1 
ATOM   700  O OE2   . GLU A 1 89  ? 7.79441   11.45004  3.75785   1.000 13.09425 ? 400 GLU A OE2   1 
ATOM   701  N N     . LEU A 1 90  ? 4.35306   6.81802   6.92871   1.000 5.81768  ? 401 LEU A N     1 
ATOM   702  C CA    . LEU A 1 90  ? 3.16156   5.98278   6.98661   1.000 4.97433  ? 401 LEU A CA    1 
ATOM   703  C C     . LEU A 1 90  ? 1.96610   6.81147   7.41639   1.000 5.98193  ? 401 LEU A C     1 
ATOM   704  O O     . LEU A 1 90  ? 2.05095   7.56851   8.39385   1.000 6.72709  ? 401 LEU A O     1 
ATOM   705  C CB    . LEU A 1 90  ? 3.36425   4.82684   7.96458   1.000 5.86795  ? 401 LEU A CB    1 
ATOM   706  C CG    . LEU A 1 90  ? 4.49936   3.88613   7.59055   1.000 5.08782  ? 401 LEU A CG    1 
ATOM   707  C CD1   . LEU A 1 90  ? 4.72860   2.91087   8.74889   1.000 7.03981  ? 401 LEU A CD1   1 
ATOM   708  C CD2   . LEU A 1 90  ? 4.20447   3.13051   6.29547   1.000 4.89573  ? 401 LEU A CD2   1 
ATOM   709  N N     . PHE A 1 91  ? 0.85174   6.64063   6.71190   1.000 5.76651  ? 402 PHE A N     1 
ATOM   710  C CA    . PHE A 1 91  ? -0.36796  7.38849   6.99116   1.000 7.21624  ? 402 PHE A CA    1 
ATOM   711  C C     . PHE A 1 91  ? -1.56262  6.47166   6.84167   1.000 5.10733  ? 402 PHE A C     1 
ATOM   712  O O     . PHE A 1 91  ? -1.58542  5.59343   5.97029   1.000 7.51945  ? 402 PHE A O     1 
ATOM   713  C CB    . PHE A 1 91  ? -0.53086  8.58124   6.03275   1.000 10.08153 ? 402 PHE A CB    1 
ATOM   714  C CG    . PHE A 1 91  ? 0.66914   9.46383   5.99012   1.000 13.17381 ? 402 PHE A CG    1 
ATOM   715  C CD1   . PHE A 1 91  ? 0.84645   10.45114  6.94299   1.000 19.12516 ? 402 PHE A CD1   1 
ATOM   716  C CD2   . PHE A 1 91  ? 1.63571   9.28295   5.02160   1.000 12.08891 ? 402 PHE A CD2   1 
ATOM   717  C CE1   . PHE A 1 91  ? 1.97162   11.25477  6.92052   1.000 18.34630 ? 402 PHE A CE1   1 
ATOM   718  C CE2   . PHE A 1 91  ? 2.75473   10.08545  4.99141   1.000 14.23566 ? 402 PHE A CE2   1 
ATOM   719  C CZ    . PHE A 1 91  ? 2.91755   11.06966  5.94874   1.000 15.20201 ? 402 PHE A CZ    1 
ATOM   720  N N     . ARG A 1 92  ? -2.59134  6.71760   7.64653   1.000 5.18605  ? 403 ARG A N     1 
ATOM   721  C CA    . ARG A 1 92  ? -3.84678  6.03720   7.38560   1.000 4.15870  ? 403 ARG A CA    1 
ATOM   722  C C     . ARG A 1 92  ? -4.45613  6.56862   6.10155   1.000 6.22814  ? 403 ARG A C     1 
ATOM   723  O O     . ARG A 1 92  ? -4.28150  7.73751   5.75026   1.000 7.14393  ? 403 ARG A O     1 
ATOM   724  C CB    . ARG A 1 92  ? -4.82228  6.23067   8.53336   1.000 6.16916  ? 403 ARG A CB    1 
ATOM   725  C CG    . ARG A 1 92  ? -4.29676  5.72338   9.86542   1.000 5.06247  ? 403 ARG A CG    1 
ATOM   726  C CD    . ARG A 1 92  ? -5.40165  5.76430   10.92886  1.000 7.50779  ? 403 ARG A CD    1 
ATOM   727  N NE    . ARG A 1 92  ? -6.38071  4.69049   10.77691  1.000 9.24541  ? 403 ARG A NE    1 
ATOM   728  C CZ    . ARG A 1 92  ? -6.65029  3.80076   11.72748  1.000 11.97766 ? 403 ARG A CZ    1 
ATOM   729  N NH1   . ARG A 1 92  ? -6.02010  3.82392   12.88854  1.000 11.19318 ? 403 ARG A NH1   1 
ATOM   730  N NH2   . ARG A 1 92  ? -7.57598  2.86934   11.50737  1.000 9.38499  ? 403 ARG A NH2   1 
ATOM   731  N N     . SER A 1 93  ? -5.18650  5.70443   5.40302   1.000 5.28218  ? 404 SER A N     1 
ATOM   732  C CA    . SER A 1 93  ? -5.84019  6.12819   4.16886   1.000 5.34370  ? 404 SER A CA    1 
ATOM   733  C C     . SER A 1 93  ? -7.23511  5.51624   4.11930   1.000 6.46283  ? 404 SER A C     1 
ATOM   734  O O     . SER A 1 93  ? -7.73531  4.95384   5.09754   1.000 5.51034  ? 404 SER A O     1 
ATOM   735  C CB    . SER A 1 93  ? -5.00685  5.72860   2.94484   1.000 7.00981  ? 404 SER A CB    1 
ATOM   736  O OG    . SER A 1 93  ? -5.46628  6.39004   1.77170   1.000 6.05556  ? 404 SER A OG    1 
ATOM   737  N N     . THR A 1 94  ? -7.87047  5.63480   2.96027   1.000 6.49831  ? 405 THR A N     1 
ATOM   738  C CA    . THR A 1 94  ? -9.21856  5.11944   2.74209   1.000 6.04202  ? 405 THR A CA    1 
ATOM   739  C C     . THR A 1 94  ? -9.31171  4.64763   1.30231   1.000 6.54102  ? 405 THR A C     1 
ATOM   740  O O     . THR A 1 94  ? -8.49233  5.01663   0.45896   1.000 4.77131  ? 405 THR A O     1 
ATOM   741  C CB    . THR A 1 94  ? -10.31340 6.17176   2.99787   1.000 7.44248  ? 405 THR A CB    1 
ATOM   742  O OG1   . THR A 1 94  ? -10.09530 7.30905   2.15057   1.000 7.65732  ? 405 THR A OG1   1 
ATOM   743  C CG2   . THR A 1 94  ? -10.33324 6.63790   4.43142   1.000 8.15546  ? 405 THR A CG2   1 
ATOM   744  N N     . ALA A 1 95  ? -10.32688 3.82596   1.03042   1.000 6.77794  ? 406 ALA A N     1 
ATOM   745  C CA    . ALA A 1 95  ? -10.54888 3.35843   -0.33485  1.000 7.46043  ? 406 ALA A CA    1 
ATOM   746  C C     . ALA A 1 95  ? -10.75633 4.53021   -1.28772  1.000 6.02820  ? 406 ALA A C     1 
ATOM   747  O O     . ALA A 1 95  ? -10.24647 4.51700   -2.41730  1.000 6.03693  ? 406 ALA A O     1 
ATOM   748  C CB    . ALA A 1 95  ? -11.75117 2.41051   -0.38065  1.000 6.44942  ? 406 ALA A CB    1 
ATOM   749  N N     . ALA A 1 96  ? -11.48416 5.55901   -0.84111  1.000 6.61391  ? 407 ALA A N     1 
ATOM   750  C CA    . ALA A 1 96  ? -11.74025 6.71599   -1.69661  1.000 6.59265  ? 407 ALA A CA    1 
ATOM   751  C C     . ALA A 1 96  ? -10.44229 7.43181   -2.05394  1.000 6.27829  ? 407 ALA A C     1 
ATOM   752  O O     . ALA A 1 96  ? -10.22529 7.82788   -3.21340  1.000 6.73854  ? 407 ALA A O     1 
ATOM   753  C CB    . ALA A 1 96  ? -12.70907 7.67219   -1.00139  1.000 6.53696  ? 407 ALA A CB    1 
ATOM   754  N N     . GLU A 1 97  ? -9.56303  7.60580   -1.06581  1.000 6.00056  ? 408 GLU A N     1 
ATOM   755  C CA    . GLU A 1 97  ? -8.26879  8.21243   -1.33656  1.000 6.73041  ? 408 GLU A CA    1 
ATOM   756  C C     . GLU A 1 97  ? -7.39655  7.32110   -2.20494  1.000 5.75714  ? 408 GLU A C     1 
ATOM   757  O O     . GLU A 1 97  ? -6.66153  7.82169   -3.05883  1.000 7.49279  ? 408 GLU A O     1 
ATOM   758  C CB    . GLU A 1 97  ? -7.54718  8.54787   -0.03113  1.000 6.44016  ? 408 GLU A CB    1 
ATOM   759  C CG    . GLU A 1 97  ? -6.15576  9.12508   -0.29671  1.000 10.49311 ? 408 GLU A CG    1 
ATOM   760  C CD    . GLU A 1 97  ? -5.53144  9.75740   0.92433   1.000 16.76643 ? 408 GLU A CD    1 
ATOM   761  O OE1   . GLU A 1 97  ? -5.10112  10.92730  0.83648   1.000 21.48724 ? 408 GLU A OE1   1 
ATOM   762  O OE2   . GLU A 1 97  ? -5.48015  9.08174   1.96784   1.000 18.37722 ? 408 GLU A OE2   1 
ATOM   763  N N     . VAL A 1 98  ? -7.42935  6.00258   -1.99507  1.000 5.21149  ? 409 VAL A N     1 
ATOM   764  C CA    . VAL A 1 98  ? -6.68836  5.12293   -2.89440  1.000 5.51783  ? 409 VAL A CA    1 
ATOM   765  C C     . VAL A 1 98  ? -7.11518  5.38182   -4.33196  1.000 6.71510  ? 409 VAL A C     1 
ATOM   766  O O     . VAL A 1 98  ? -6.28268  5.49302   -5.23610  1.000 6.40496  ? 409 VAL A O     1 
ATOM   767  C CB    . VAL A 1 98  ? -6.89001  3.64995   -2.50024  1.000 7.49551  ? 409 VAL A CB    1 
ATOM   768  C CG1   . VAL A 1 98  ? -6.37538  2.72106   -3.58307  1.000 7.69459  ? 409 VAL A CG1   1 
ATOM   769  C CG2   . VAL A 1 98  ? -6.17646  3.36535   -1.18848  1.000 7.32706  ? 409 VAL A CG2   1 
ATOM   770  N N     . GLN A 1 99  ? -8.42653  5.46839   -4.55725  1.000 5.17646  ? 410 GLN A N     1 
ATOM   771  C CA    . GLN A 1 99  ? -8.94437  5.74715   -5.89820  1.000 5.99461  ? 410 GLN A CA    1 
ATOM   772  C C     . GLN A 1 99  ? -8.42291  7.08163   -6.44137  1.000 6.94984  ? 410 GLN A C     1 
ATOM   773  O O     . GLN A 1 99  ? -7.97213  7.16832   -7.59047  1.000 7.13467  ? 410 GLN A O     1 
ATOM   774  C CB    . GLN A 1 99  ? -10.47051 5.71493   -5.84079  1.000 6.36424  ? 410 GLN A CB    1 
ATOM   775  C CG    . GLN A 1 99  ? -11.20459 6.11391   -7.12190  1.000 9.37745  ? 410 GLN A CG    1 
ATOM   776  C CD    . GLN A 1 99  ? -12.69929 5.86637   -6.97984  1.000 11.27842 ? 410 GLN A CD    1 
ATOM   777  O OE1   . GLN A 1 99  ? -13.15471 5.34216   -5.95467  1.000 11.64906 ? 410 GLN A OE1   1 
ATOM   778  N NE2   . GLN A 1 99  ? -13.46784 6.21446   -8.00848  1.000 10.72951 ? 410 GLN A NE2   1 
ATOM   779  N N     . GLN A 1 100 ? -8.47275  8.14021   -5.62843  1.000 4.92830  ? 411 GLN A N     1 
ATOM   780  C CA    . GLN A 1 100 ? -7.98024  9.43931   -6.10706  1.000 6.48675  ? 411 GLN A CA    1 
ATOM   781  C C     . GLN A 1 100 ? -6.48881  9.39400   -6.43943  1.000 8.10448  ? 411 GLN A C     1 
ATOM   782  O O     . GLN A 1 100 ? -6.04403  9.94490   -7.46292  1.000 8.45124  ? 411 GLN A O     1 
ATOM   783  C CB    . GLN A 1 100 ? -8.27297  10.52617  -5.06789  1.000 10.55082 ? 411 GLN A CB    1 
ATOM   784  C CG    . GLN A 1 100 ? -9.77106  10.85551  -4.92717  1.000 13.15604 ? 411 GLN A CG    1 
ATOM   785  C CD    . GLN A 1 100 ? -10.46609 11.18485  -6.26932  1.000 19.44736 ? 411 GLN A CD    1 
ATOM   786  O OE1   . GLN A 1 100 ? -10.00656 12.04373  -7.03322  1.000 25.56781 ? 411 GLN A OE1   1 
ATOM   787  N NE2   . GLN A 1 100 ? -11.53764 10.45609  -6.57940  1.000 15.31047 ? 411 GLN A NE2   1 
ATOM   788  N N     . VAL A 1 101 ? -5.69679  8.72975   -5.59476  1.000 6.39459  ? 412 VAL A N     1 
ATOM   789  C CA    . VAL A 1 101 ? -4.26437  8.64402   -5.85426  1.000 6.86456  ? 412 VAL A CA    1 
ATOM   790  C C     . VAL A 1 101 ? -4.00781  7.84939   -7.13132  1.000 7.70948  ? 412 VAL A C     1 
ATOM   791  O O     . VAL A 1 101 ? -3.24048  8.27303   -8.00211  1.000 7.93110  ? 412 VAL A O     1 
ATOM   792  C CB    . VAL A 1 101 ? -3.52552  8.03446   -4.65074  1.000 8.14554  ? 412 VAL A CB    1 
ATOM   793  C CG1   . VAL A 1 101 ? -2.05251  7.78588   -4.99423  1.000 7.52943  ? 412 VAL A CG1   1 
ATOM   794  C CG2   . VAL A 1 101 ? -3.63580  8.95405   -3.43505  1.000 7.50835  ? 412 VAL A CG2   1 
ATOM   795  N N     . LEU A 1 102 ? -4.63166  6.67988   -7.26279  1.000 7.05598  ? 413 LEU A N     1 
ATOM   796  C CA    . LEU A 1 102 ? -4.43068  5.89459   -8.47406  1.000 7.76159  ? 413 LEU A CA    1 
ATOM   797  C C     . LEU A 1 102 ? -4.81304  6.69044   -9.71140  1.000 9.58132  ? 413 LEU A C     1 
ATOM   798  O O     . LEU A 1 102 ? -4.15216  6.58614   -10.75605 1.000 9.08094  ? 413 LEU A O     1 
ATOM   799  C CB    . LEU A 1 102 ? -5.24281  4.60274   -8.41888  1.000 9.14658  ? 413 LEU A CB    1 
ATOM   800  C CG    . LEU A 1 102 ? -4.73292  3.52630   -7.46419  1.000 12.03160 ? 413 LEU A CG    1 
ATOM   801  C CD1   . LEU A 1 102 ? -5.81222  2.47235   -7.33078  1.000 13.40430 ? 413 LEU A CD1   1 
ATOM   802  C CD2   . LEU A 1 102 ? -3.46711  2.92688   -7.97560  1.000 13.18572 ? 413 LEU A CD2   1 
ATOM   803  N N     . ASN A 1 103 ? -5.89694  7.46350   -9.62035  1.000 8.32055  ? 414 ASN A N     1 
ATOM   804  C CA    . ASN A 1 103 ? -6.33968  8.28080   -10.74538 1.000 9.66585  ? 414 ASN A CA    1 
ATOM   805  C C     . ASN A 1 103 ? -5.29560  9.30576   -11.13103 1.000 9.82162  ? 414 ASN A C     1 
ATOM   806  O O     . ASN A 1 103 ? -5.26364  9.74621   -12.28190 1.000 10.03050 ? 414 ASN A O     1 
ATOM   807  C CB    . ASN A 1 103 ? -7.64840  8.99271   -10.39996 1.000 8.60357  ? 414 ASN A CB    1 
ATOM   808  C CG    . ASN A 1 103 ? -8.83736  8.06027   -10.41955 1.000 10.27010 ? 414 ASN A CG    1 
ATOM   809  O OD1   . ASN A 1 103 ? -8.71204  6.90254   -10.81531 1.000 13.31656 ? 414 ASN A OD1   1 
ATOM   810  N ND2   . ASN A 1 103 ? -9.99975  8.55442   -9.98391  1.000 9.48131  ? 414 ASN A ND2   1 
ATOM   811  N N     . ARG A 1 104 ? -4.49557  9.75675   -10.16121 1.000 8.87114  ? 415 ARG A N     1 
ATOM   812  C CA    . ARG A 1 104 ? -3.42037  10.69875  -10.46763 1.000 8.74636  ? 415 ARG A CA    1 
ATOM   813  C C     . ARG A 1 104 ? -2.42085  10.12492  -11.47920 1.000 13.48099 ? 415 ARG A C     1 
ATOM   814  O O     . ARG A 1 104 ? -1.80168  10.87553  -12.25110 1.000 11.73724 ? 415 ARG A O     1 
ATOM   815  C CB    . ARG A 1 104 ? -2.71582  11.07139  -9.16265  1.000 14.55579 ? 415 ARG A CB    1 
ATOM   816  C CG    . ARG A 1 104 ? -2.46914  12.52724  -8.94793  1.000 19.24447 ? 415 ARG A CG    1 
ATOM   817  C CD    . ARG A 1 104 ? -2.05827  12.82625  -7.49934  1.000 19.54233 ? 415 ARG A CD    1 
ATOM   818  N NE    . ARG A 1 104 ? -3.21062  13.09724  -6.64277  1.000 19.58758 ? 415 ARG A NE    1 
ATOM   819  C CZ    . ARG A 1 104 ? -3.27424  12.78489  -5.35304  1.000 20.23466 ? 415 ARG A CZ    1 
ATOM   820  N NH1   . ARG A 1 104 ? -4.36912  12.99978  -4.64419  1.000 25.95436 ? 415 ARG A NH1   1 
ATOM   821  N NH2   . ARG A 1 104 ? -2.20521  12.25526  -4.75745  1.000 20.31785 ? 415 ARG A NH2   1 
ATOM   822  N N     . PHE A 1 105 ? -2.24815  8.80141   -11.50071 1.000 9.09465  ? 416 PHE A N     1 
ATOM   823  C CA    . PHE A 1 105 ? -1.22322  8.16008   -12.31428 1.000 11.48586 ? 416 PHE A CA    1 
ATOM   824  C C     . PHE A 1 105 ? -1.74810  7.39093   -13.51837 1.000 14.47082 ? 416 PHE A C     1 
ATOM   825  O O     . PHE A 1 105 ? -0.94061  6.93779   -14.33581 1.000 16.88227 ? 416 PHE A O     1 
ATOM   826  C CB    . PHE A 1 105 ? -0.39549  7.21029   -11.44176 1.000 11.44579 ? 416 PHE A CB    1 
ATOM   827  C CG    . PHE A 1 105 ? 0.29949   7.89897   -10.34446 1.000 11.08116 ? 416 PHE A CG    1 
ATOM   828  C CD1   . PHE A 1 105 ? 1.56193   8.43147   -10.54556 1.000 8.46490  ? 416 PHE A CD1   1 
ATOM   829  C CD2   . PHE A 1 105 ? -0.30472  8.06941   -9.11619  1.000 9.85371  ? 416 PHE A CD2   1 
ATOM   830  C CE1   . PHE A 1 105 ? 2.20658   9.09525   -9.53229  1.000 11.46293 ? 416 PHE A CE1   1 
ATOM   831  C CE2   . PHE A 1 105 ? 0.33790   8.72404   -8.11102  1.000 11.34420 ? 416 PHE A CE2   1 
ATOM   832  C CZ    . PHE A 1 105 ? 1.60046   9.24539   -8.31604  1.000 13.78172 ? 416 PHE A CZ    1 
ATOM   833  N N     . SER A 1 106 ? -3.04907  7.21901   -13.66417 1.000 12.79981 ? 417 SER A N     1 
ATOM   834  C CA    . SER A 1 106 ? -3.56260  6.46091   -14.79133 1.000 14.26891 ? 417 SER A CA    1 
ATOM   835  C C     . SER A 1 106 ? -4.14225  7.39301   -15.85173 1.000 17.51768 ? 417 SER A C     1 
ATOM   836  O O     . SER A 1 106 ? -4.56402  8.51212   -15.56624 1.000 18.53414 ? 417 SER A O     1 
ATOM   837  C CB    . SER A 1 106 ? -4.61557  5.45708   -14.32724 1.000 17.45736 ? 417 SER A CB    1 
ATOM   838  O OG    . SER A 1 106 ? -5.75501  6.12476   -13.83166 1.000 18.09523 ? 417 SER A OG    1 
ATOM   839  N N     . SER A 1 107 ? -4.17928  6.90671   -17.09426 1.000 21.67043 ? 418 SER A N     1 
ATOM   840  C CA    . SER A 1 107 ? -4.72036  7.73998   -18.16516 1.000 21.15179 ? 418 SER A CA    1 
ATOM   841  C C     . SER A 1 107 ? -6.22101  7.95635   -17.99631 1.000 25.52718 ? 418 SER A C     1 
ATOM   842  O O     . SER A 1 107 ? -6.71364  9.07569   -18.18216 1.000 31.09724 ? 418 SER A O     1 
ATOM   843  C CB    . SER A 1 107 ? -4.40947  7.12634   -19.53225 1.000 28.18295 ? 418 SER A CB    1 
ATOM   844  O OG    . SER A 1 107 ? -4.78849  5.76290   -19.58546 1.000 35.71860 ? 418 SER A OG    1 
ATOM   845  N N     . ALA A 1 108 ? -6.96752  6.89866   -17.62624 1.000 21.24993 ? 419 ALA A N     1 
ATOM   846  C CA    . ALA A 1 108 ? -8.40781  6.97702   -17.40023 1.000 22.31417 ? 419 ALA A CA    1 
ATOM   847  C C     . ALA A 1 108 ? -8.73422  6.73837   -15.92822 1.000 19.93458 ? 419 ALA A C     1 
ATOM   848  O O     . ALA A 1 108 ? -8.02847  5.98807   -15.24571 1.000 16.58312 ? 419 ALA A O     1 
ATOM   849  C CB    . ALA A 1 108 ? -9.17124  5.95473   -18.24850 1.000 18.56177 ? 419 ALA A CB    1 
ATOM   850  N N     . PRO A 1 109 ? -9.77271  7.39052   -15.40142 1.000 20.00307 ? 420 PRO A N     1 
ATOM   851  C CA    . PRO A 1 109 ? -10.12551 7.18798   -13.98928 1.000 17.15297 ? 420 PRO A CA    1 
ATOM   852  C C     . PRO A 1 109 ? -10.57977 5.76002   -13.70622 1.000 16.69421 ? 420 PRO A C     1 
ATOM   853  O O     . PRO A 1 109 ? -11.12326 5.06622   -14.57076 1.000 16.82878 ? 420 PRO A O     1 
ATOM   854  C CB    . PRO A 1 109 ? -11.27496 8.17783   -13.76900 1.000 17.18742 ? 420 PRO A CB    1 
ATOM   855  C CG    . PRO A 1 109 ? -10.97597 9.31096   -14.70192 1.000 23.79782 ? 420 PRO A CG    1 
ATOM   856  C CD    . PRO A 1 109 ? -10.18345 8.72578   -15.87863 1.000 21.17521 ? 420 PRO A CD    1 
ATOM   857  N N     . LEU A 1 110 ? -10.35882 5.33401   -12.46328 1.000 12.93355 ? 421 LEU A N     1 
ATOM   858  C CA    . LEU A 1 110 ? -10.83466 4.04108   -11.99528 1.000 15.05075 ? 421 LEU A CA    1 
ATOM   859  C C     . LEU A 1 110 ? -12.35814 3.99953   -11.97467 1.000 15.28386 ? 421 LEU A C     1 
ATOM   860  O O     . LEU A 1 110 ? -13.01508 4.97458   -11.60329 1.000 13.97471 ? 421 LEU A O     1 
ATOM   861  C CB    . LEU A 1 110 ? -10.28442 3.76911   -10.59082 1.000 17.81443 ? 421 LEU A CB    1 
ATOM   862  C CG    . LEU A 1 110 ? -10.87547 2.61982   -9.77341  1.000 20.28066 ? 421 LEU A CG    1 
ATOM   863  C CD1   . LEU A 1 110 ? -10.45069 1.28571   -10.36561 1.000 22.07135 ? 421 LEU A CD1   1 
ATOM   864  C CD2   . LEU A 1 110 ? -10.42716 2.74386   -8.31383  1.000 20.56872 ? 421 LEU A CD2   1 
ATOM   865  N N     . ILE A 1 111 ? -12.92109 2.86803   -12.39279 1.000 17.23403 ? 422 ILE A N     1 
ATOM   866  C CA    . ILE A 1 111 ? -14.35532 2.63324   -12.23255 1.000 17.91329 ? 422 ILE A CA    1 
ATOM   867  C C     . ILE A 1 111 ? -14.55685 1.42017   -11.33068 1.000 22.36147 ? 422 ILE A C     1 
ATOM   868  O O     . ILE A 1 111 ? -14.29014 0.27926   -11.74290 1.000 20.93169 ? 422 ILE A O     1 
ATOM   869  C CB    . ILE A 1 111 ? -15.05241 2.45763   -13.58946 1.000 20.20832 ? 422 ILE A CB    1 
ATOM   870  C CG1   . ILE A 1 111 ? -14.80744 3.69762   -14.45468 1.000 19.62965 ? 422 ILE A CG1   1 
ATOM   871  C CG2   . ILE A 1 111 ? -16.55738 2.20302   -13.39317 1.000 19.08733 ? 422 ILE A CG2   1 
ATOM   872  C CD1   . ILE A 1 111 ? -15.55615 3.70698   -15.76833 1.000 19.14813 ? 422 ILE A CD1   1 
ATOM   873  N N     . PRO A 1 112 ? -14.98888 1.62815   -10.08818 1.000 21.18279 ? 423 PRO A N     1 
ATOM   874  C CA    . PRO A 1 112 ? -15.21163 0.49718   -9.17789  1.000 23.95920 ? 423 PRO A CA    1 
ATOM   875  C C     . PRO A 1 112 ? -16.33108 -0.39869  -9.67880  1.000 28.41177 ? 423 PRO A C     1 
ATOM   876  O O     . PRO A 1 112 ? -17.34863 0.07826   -10.18576 1.000 29.35743 ? 423 PRO A O     1 
ATOM   877  C CB    . PRO A 1 112 ? -15.60387 1.16977   -7.85718  1.000 21.14940 ? 423 PRO A CB    1 
ATOM   878  C CG    . PRO A 1 112 ? -15.08516 2.56857   -7.95411  1.000 24.09625 ? 423 PRO A CG    1 
ATOM   879  C CD    . PRO A 1 112 ? -15.06820 2.93290   -9.41145  1.000 18.83205 ? 423 PRO A CD    1 
ATOM   880  N N     . LEU A 1 113 ? -16.13865 -1.70717  -9.52509  1.000 30.92204 ? 424 LEU A N     1 
ATOM   881  C CA    . LEU A 1 113 ? -17.17514 -2.67635  -9.88325  1.000 33.26736 ? 424 LEU A CA    1 
ATOM   882  C C     . LEU A 1 113 ? -17.42563 -3.66807  -8.74881  1.000 36.74368 ? 424 LEU A C     1 
ATOM   883  O O     . LEU A 1 113 ? -18.57623 -3.96812  -8.41817  1.000 40.67031 ? 424 LEU A O     1 
ATOM   884  C CB    . LEU A 1 113 ? -16.79618 -3.42328  -11.16237 1.000 30.40173 ? 424 LEU A CB    1 
ATOM   885  C CG    . LEU A 1 113 ? -16.49037 -2.54028  -12.37519 1.000 35.87968 ? 424 LEU A CG    1 
ATOM   886  C CD1   . LEU A 1 113 ? -15.70918 -3.31212  -13.43797 1.000 38.59714 ? 424 LEU A CD1   1 
ATOM   887  C CD2   . LEU A 1 113 ? -17.77473 -1.94352  -12.95097 1.000 34.64261 ? 424 LEU A CD2   1 
ATOM   888  P P     . G   B 2 2   ? 18.69440  11.51667  -6.48933  1.000 38.49126 ? 1   G   B P     1 
ATOM   889  O OP1   . G   B 2 2   ? 18.13813  11.41861  -7.87144  1.000 38.08708 ? 1   G   B OP1   1 
ATOM   890  O OP2   . G   B 2 2   ? 19.20103  10.32318  -5.76682  1.000 28.97496 ? 1   G   B OP2   1 
ATOM   891  O "O5'" . G   B 2 2   ? 17.61629  12.21438  -5.53275  1.000 22.52252 ? 1   G   B "O5'" 1 
ATOM   892  C "C5'" . G   B 2 2   ? 16.63544  13.09780  -6.06731  1.000 17.21606 ? 1   G   B "C5'" 1 
ATOM   893  C "C4'" . G   B 2 2   ? 15.33470  13.02609  -5.30584  1.000 16.00102 ? 1   G   B "C4'" 1 
ATOM   894  O "O4'" . G   B 2 2   ? 14.72576  11.72281  -5.52193  1.000 15.47995 ? 1   G   B "O4'" 1 
ATOM   895  C "C3'" . G   B 2 2   ? 15.46781  13.19535  -3.79323  1.000 14.28465 ? 1   G   B "C3'" 1 
ATOM   896  O "O3'" . G   B 2 2   ? 14.33398  13.88571  -3.26785  1.000 14.43527 ? 1   G   B "O3'" 1 
ATOM   897  C "C2'" . G   B 2 2   ? 15.45383  11.75869  -3.28949  1.000 13.33282 ? 1   G   B "C2'" 1 
ATOM   898  O "O2'" . G   B 2 2   ? 15.01984  11.63049  -1.95298  1.000 11.16981 ? 1   G   B "O2'" 1 
ATOM   899  C "C1'" . G   B 2 2   ? 14.50318  11.08655  -4.28277  1.000 13.68300 ? 1   G   B "C1'" 1 
ATOM   900  N N9    . G   B 2 2   ? 14.77398  9.65773   -4.45791  1.000 10.51906 ? 1   G   B N9    1 
ATOM   901  C C8    . G   B 2 2   ? 15.97458  9.09045   -4.83738  1.000 13.12488 ? 1   G   B C8    1 
ATOM   902  N N7    . G   B 2 2   ? 15.93062  7.78618   -4.88833  1.000 11.74970 ? 1   G   B N7    1 
ATOM   903  C C5    . G   B 2 2   ? 14.61503  7.48571   -4.50481  1.000 11.56567 ? 1   G   B C5    1 
ATOM   904  C C6    . G   B 2 2   ? 13.96533  6.23223   -4.36011  1.000 10.64813 ? 1   G   B C6    1 
ATOM   905  O O6    . G   B 2 2   ? 14.43503  5.09972   -4.55085  1.000 10.39835 ? 1   G   B O6    1 
ATOM   906  N N1    . G   B 2 2   ? 12.63585  6.37043   -3.95534  1.000 8.41133  ? 1   G   B N1    1 
ATOM   907  C C2    . G   B 2 2   ? 12.00977  7.56802   -3.72290  1.000 8.92982  ? 1   G   B C2    1 
ATOM   908  N N2    . G   B 2 2   ? 10.72538  7.48640   -3.32111  1.000 7.21594  ? 1   G   B N2    1 
ATOM   909  N N3    . G   B 2 2   ? 12.60919  8.74908   -3.84504  1.000 10.13986 ? 1   G   B N3    1 
ATOM   910  C C4    . G   B 2 2   ? 13.89865  8.62927   -4.23812  1.000 10.94150 ? 1   G   B C4    1 
ATOM   911  P P     . G   B 2 3   ? 14.43824  15.45666  -2.92826  1.000 15.13765 ? 2   G   B P     1 
ATOM   912  O OP1   . G   B 2 3   ? 13.81341  16.13461  -4.09470  1.000 17.80803 ? 2   G   B OP1   1 
ATOM   913  O OP2   . G   B 2 3   ? 15.78369  15.79704  -2.38866  1.000 13.45627 ? 2   G   B OP2   1 
ATOM   914  O "O5'" . G   B 2 3   ? 13.52306  15.66610  -1.65856  1.000 13.80495 ? 2   G   B "O5'" 1 
ATOM   915  C "C5'" . G   B 2 3   ? 12.11800  15.68389  -1.77867  1.000 14.46433 ? 2   G   B "C5'" 1 
ATOM   916  C "C4'" . G   B 2 3   ? 11.49758  15.46760  -0.43728  1.000 15.70807 ? 2   G   B "C4'" 1 
ATOM   917  O "O4'" . G   B 2 3   ? 11.71790  14.08839  -0.03213  1.000 13.42548 ? 2   G   B "O4'" 1 
ATOM   918  C "C3'" . G   B 2 3   ? 12.06556  16.34059  0.68019   1.000 11.45897 ? 2   G   B "C3'" 1 
ATOM   919  O "O3'" . G   B 2 3   ? 11.00786  16.71580  1.54758   1.000 18.56850 ? 2   G   B "O3'" 1 
ATOM   920  C "C2'" . G   B 2 3   ? 12.98725  15.37992  1.43119   1.000 14.05897 ? 2   G   B "C2'" 1 
ATOM   921  O "O2'" . G   B 2 3   ? 13.17956  15.70655  2.78957   1.000 10.56338 ? 2   G   B "O2'" 1 
ATOM   922  C "C1'" . G   B 2 3   ? 12.23422  14.06569  1.27237   1.000 10.54299 ? 2   G   B "C1'" 1 
ATOM   923  N N9    . G   B 2 3   ? 13.05909  12.86655  1.45571   1.000 8.33545  ? 2   G   B N9    1 
ATOM   924  C C8    . G   B 2 3   ? 14.41263  12.72750  1.24688   1.000 9.83245  ? 2   G   B C8    1 
ATOM   925  N N7    . G   B 2 3   ? 14.85049  11.52451  1.55150   1.000 10.09087 ? 2   G   B N7    1 
ATOM   926  C C5    . G   B 2 3   ? 13.72106  10.83727  1.98138   1.000 8.43128  ? 2   G   B C5    1 
ATOM   927  C C6    . G   B 2 3   ? 13.57492  9.49124   2.42644   1.000 6.89071  ? 2   G   B C6    1 
ATOM   928  O O6    . G   B 2 3   ? 14.46398  8.63328   2.53955   1.000 7.17355  ? 2   G   B O6    1 
ATOM   929  N N1    . G   B 2 3   ? 12.24769  9.19901   2.76859   1.000 5.06039  ? 2   G   B N1    1 
ATOM   930  C C2    . G   B 2 3   ? 11.19206  10.08106  2.68544   1.000 8.34496  ? 2   G   B C2    1 
ATOM   931  N N2    . G   B 2 3   ? 9.97663   9.63651   3.05682   1.000 6.19411  ? 2   G   B N2    1 
ATOM   932  N N3    . G   B 2 3   ? 11.32762  11.33644  2.28040   1.000 8.20806  ? 2   G   B N3    1 
ATOM   933  C C4    . G   B 2 3   ? 12.60705  11.64410  1.93658   1.000 9.32403  ? 2   G   B C4    1 
ATOM   934  P P     . U   B 2 4   ? 10.34253  18.17266  1.44158   1.000 26.59503 ? 3   U   B P     1 
ATOM   935  O OP1   . U   B 2 4   ? 11.31029  19.10457  0.79594   1.000 21.56370 ? 3   U   B OP1   1 
ATOM   936  O OP2   . U   B 2 4   ? 9.81173   18.44316  2.81097   1.000 28.63927 ? 3   U   B OP2   1 
ATOM   937  O "O5'" . U   B 2 4   ? 9.10275   17.95964  0.46788   1.000 27.46596 ? 3   U   B "O5'" 1 
ATOM   938  C "C5'" . U   B 2 4   ? 8.11783   16.96805  0.74003   1.000 25.59657 ? 3   U   B "C5'" 1 
ATOM   939  C "C4'" . U   B 2 4   ? 7.47273   16.48739  -0.53551  1.000 29.06662 ? 3   U   B "C4'" 1 
ATOM   940  O "O4'" . U   B 2 4   ? 8.36490   15.61015  -1.24517  1.000 30.14548 ? 3   U   B "O4'" 1 
ATOM   941  C "C3'" . U   B 2 4   ? 6.19756   15.68001  -0.39408  1.000 33.27621 ? 3   U   B "C3'" 1 
ATOM   942  O "O3'" . U   B 2 4   ? 5.08284   16.53079  -0.25631  1.000 34.70301 ? 3   U   B "O3'" 1 
ATOM   943  C "C2'" . U   B 2 4   ? 6.14079   14.87831  -1.68866  1.000 30.31883 ? 3   U   B "C2'" 1 
ATOM   944  O "O2'" . U   B 2 4   ? 5.53197   15.64283  -2.72140  1.000 35.86604 ? 3   U   B "O2'" 1 
ATOM   945  C "C1'" . U   B 2 4   ? 7.62156   14.71072  -2.03260  1.000 32.02244 ? 3   U   B "C1'" 1 
ATOM   946  N N1    . U   B 2 4   ? 8.14743   13.34256  -1.83950  1.000 25.70265 ? 3   U   B N1    1 
ATOM   947  C C2    . U   B 2 4   ? 8.04825   12.52413  -2.94152  1.000 28.28418 ? 3   U   B C2    1 
ATOM   948  O O2    . U   B 2 4   ? 7.51967   12.87924  -3.98317  1.000 32.97477 ? 3   U   B O2    1 
ATOM   949  N N3    . U   B 2 4   ? 8.57996   11.27254  -2.77596  1.000 24.24296 ? 3   U   B N3    1 
ATOM   950  C C4    . U   B 2 4   ? 9.19465   10.78819  -1.64648  1.000 17.07086 ? 3   U   B C4    1 
ATOM   951  O O4    . U   B 2 4   ? 9.61961   9.63258   -1.67300  1.000 15.46613 ? 3   U   B O4    1 
ATOM   952  C C5    . U   B 2 4   ? 9.26365   11.69674  -0.54605  1.000 18.20845 ? 3   U   B C5    1 
ATOM   953  C C6    . U   B 2 4   ? 8.75629   12.93247  -0.67414  1.000 23.64321 ? 3   U   B C6    1 
HETATM 954  O O     . HOH C 3 .   ? 4.65562   10.14760  -5.09678  1.000 28.02614 ? 501 HOH A O     1 
HETATM 955  O O     . HOH C 3 .   ? 6.14804   12.66137  7.83232   1.000 22.93743 ? 502 HOH A O     1 
HETATM 956  O O     . HOH C 3 .   ? -9.55855  11.46033  -9.44561  1.000 19.46751 ? 503 HOH A O     1 
HETATM 957  O O     . HOH C 3 .   ? 7.24470   12.77224  11.30779  1.000 23.58381 ? 504 HOH A O     1 
HETATM 958  O O     . HOH C 3 .   ? 6.28196   8.64177   -2.12230  1.000 15.14079 ? 505 HOH A O     1 
HETATM 959  O O     . HOH C 3 .   ? 12.65960  -1.34653  9.07215   1.000 20.99038 ? 506 HOH A O     1 
HETATM 960  O O     . HOH C 3 .   ? -13.29963 -0.49206  -14.02161 1.000 29.97256 ? 507 HOH A O     1 
HETATM 961  O O     . HOH C 3 .   ? 16.41114  -6.17272  0.81279   1.000 11.96419 ? 508 HOH A O     1 
HETATM 962  O O     . HOH C 3 .   ? -12.52392 7.26146   -10.45491 1.000 10.58300 ? 509 HOH A O     1 
HETATM 963  O O     . HOH C 3 .   ? 5.27515   -1.35833  15.77655  1.000 18.09210 ? 510 HOH A O     1 
HETATM 964  O O     . HOH C 3 .   ? -11.32679 -6.91934  9.58544   1.000 8.92294  ? 511 HOH A O     1 
HETATM 965  O O     . HOH C 3 .   ? -8.60090  2.70256   6.17882   1.000 11.90410 ? 512 HOH A O     1 
HETATM 966  O O     . HOH C 3 .   ? 10.46792  -8.75022  9.35506   1.000 20.01122 ? 513 HOH A O     1 
HETATM 967  O O     . HOH C 3 .   ? -2.98042  4.27526   -11.33348 1.000 13.95971 ? 514 HOH A O     1 
HETATM 968  O O     . HOH C 3 .   ? -2.43770  6.18614   17.59188  1.000 26.84120 ? 515 HOH A O     1 
HETATM 969  O O     . HOH C 3 .   ? 9.09595   13.43015  2.53514   1.000 20.50294 ? 516 HOH A O     1 
HETATM 970  O O     . HOH C 3 .   ? -8.73500  3.70824   9.25374   1.000 13.77130 ? 517 HOH A O     1 
HETATM 971  O O     . HOH C 3 .   ? -12.48011 8.66036   -4.84077  1.000 9.04910  ? 518 HOH A O     1 
HETATM 972  O O     . HOH C 3 .   ? 2.11281   9.40252   10.34687  1.000 19.12438 ? 519 HOH A O     1 
HETATM 973  O O     . HOH C 3 .   ? -12.77457 -0.76389  7.01332   1.000 22.48569 ? 520 HOH A O     1 
HETATM 974  O O     . HOH C 3 .   ? -10.43237 0.33879   13.05935  1.000 18.10803 ? 521 HOH A O     1 
HETATM 975  O O     . HOH C 3 .   ? 10.77302  14.22439  5.01692   1.000 16.34452 ? 522 HOH A O     1 
HETATM 976  O O     . HOH C 3 .   ? -7.75990  3.36518   -14.72643 1.000 27.44641 ? 523 HOH A O     1 
HETATM 977  O O     . HOH C 3 .   ? 10.75181  5.69768   13.31087  1.000 19.44488 ? 524 HOH A O     1 
HETATM 978  O O     . HOH C 3 .   ? 8.85820   -0.57121  -6.09117  1.000 11.24388 ? 525 HOH A O     1 
HETATM 979  O O     . HOH C 3 .   ? 6.34963   -6.73899  13.31318  1.000 19.76430 ? 526 HOH A O     1 
HETATM 980  O O     . HOH C 3 .   ? -4.14519  -8.23737  8.03848   1.000 8.27188  ? 527 HOH A O     1 
HETATM 981  O O     . HOH C 3 .   ? 17.43046  -0.58817  6.27450   1.000 20.00765 ? 528 HOH A O     1 
HETATM 982  O O     . HOH C 3 .   ? -5.98985  4.17461   -17.73848 1.000 25.76821 ? 529 HOH A O     1 
HETATM 983  O O     . HOH C 3 .   ? -3.22432  8.97631   3.48351   1.000 15.08283 ? 530 HOH A O     1 
HETATM 984  O O     . HOH C 3 .   ? 12.97416  -4.56134  -7.41397  1.000 25.51828 ? 531 HOH A O     1 
HETATM 985  O O     . HOH C 3 .   ? -0.22291  8.92389   -16.06987 1.000 18.84728 ? 532 HOH A O     1 
HETATM 986  O O     . HOH C 3 .   ? -5.44919  -9.40895  0.21106   1.000 16.97889 ? 533 HOH A O     1 
HETATM 987  O O     . HOH C 3 .   ? -0.38763  -12.14669 6.19798   1.000 21.52275 ? 534 HOH A O     1 
HETATM 988  O O     . HOH C 3 .   ? -1.98193  13.61270  -12.25920 1.000 15.47725 ? 535 HOH A O     1 
HETATM 989  O O     . HOH C 3 .   ? -11.38969 9.70104   1.79021   1.000 20.92156 ? 536 HOH A O     1 
HETATM 990  O O     . HOH C 3 .   ? 9.47423   1.39928   14.94325  1.000 24.17182 ? 537 HOH A O     1 
HETATM 991  O O     . HOH C 3 .   ? -12.05463 -2.53205  3.51724   1.000 17.73023 ? 538 HOH A O     1 
HETATM 992  O O     . HOH C 3 .   ? -12.51244 3.48814   -4.03153  1.000 15.98572 ? 539 HOH A O     1 
HETATM 993  O O     . HOH C 3 .   ? 12.76925  -8.92113  -2.51812  1.000 20.57454 ? 540 HOH A O     1 
HETATM 994  O O     . HOH C 3 .   ? -10.60400 1.63074   5.72992   1.000 17.35578 ? 541 HOH A O     1 
HETATM 995  O O     . HOH C 3 .   ? 0.30658   11.35398  -5.44567  1.000 27.15186 ? 542 HOH A O     1 
HETATM 996  O O     . HOH C 3 .   ? 6.76631   -6.70303  -5.60335  1.000 18.77854 ? 543 HOH A O     1 
HETATM 997  O O     . HOH C 3 .   ? -9.80522  -3.05792  0.76239   1.000 15.06827 ? 544 HOH A O     1 
HETATM 998  O O     . HOH C 3 .   ? -0.82132  0.24497   -17.30547 1.000 30.55659 ? 545 HOH A O     1 
HETATM 999  O O     . HOH C 3 .   ? -6.92430  2.85518   17.77297  1.000 24.51371 ? 546 HOH A O     1 
HETATM 1000 O O     . HOH C 3 .   ? 14.37610  -2.03201  -2.26730  1.000 15.34245 ? 547 HOH A O     1 
HETATM 1001 O O     . HOH C 3 .   ? 7.40116   7.15062   14.36812  1.000 21.47379 ? 548 HOH A O     1 
HETATM 1002 O O     . HOH C 3 .   ? 2.43068   -13.39127 0.67037   1.000 21.66062 ? 549 HOH A O     1 
HETATM 1003 O O     . HOH C 3 .   ? 17.29973  7.88102   -1.30495  1.000 15.85052 ? 550 HOH A O     1 
HETATM 1004 O O     . HOH C 3 .   ? -4.09790  12.47749  2.93326   1.000 31.39377 ? 551 HOH A O     1 
HETATM 1005 O O     . HOH C 3 .   ? 1.12371   -3.69594  -6.74913  1.000 20.18019 ? 552 HOH A O     1 
HETATM 1006 O O     . HOH C 3 .   ? 17.04506  7.31320   5.49612   1.000 13.76110 ? 553 HOH A O     1 
HETATM 1007 O O     . HOH C 3 .   ? -13.62975 -9.18061  2.24101   1.000 21.36964 ? 554 HOH A O     1 
HETATM 1008 O O     . HOH C 3 .   ? -15.63453 -2.59977  4.73070   1.000 22.02060 ? 555 HOH A O     1 
HETATM 1009 O O     . HOH C 3 .   ? -6.87316  4.90289   -11.53985 1.000 12.81302 ? 556 HOH A O     1 
HETATM 1010 O O     . HOH C 3 .   ? 4.70070   12.22914  -9.27474  1.000 15.02782 ? 557 HOH A O     1 
HETATM 1011 O O     . HOH C 3 .   ? 2.00628   -6.64799  -4.14365  1.000 21.76286 ? 558 HOH A O     1 
HETATM 1012 O O     . HOH C 3 .   ? -13.05877 6.38625   -16.12928 1.000 20.35497 ? 559 HOH A O     1 
HETATM 1013 O O     . HOH C 3 .   ? 2.24189   -9.75418  5.98328   1.000 11.67766 ? 560 HOH A O     1 
HETATM 1014 O O     . HOH C 3 .   ? -11.45730 0.91874   -13.83370 1.000 22.60101 ? 561 HOH A O     1 
HETATM 1015 O O     . HOH C 3 .   ? 14.56566  -3.02996  4.08610   1.000 13.65286 ? 562 HOH A O     1 
HETATM 1016 O O     . HOH C 3 .   ? -2.37743  8.94013   9.42177   1.000 14.11497 ? 563 HOH A O     1 
HETATM 1017 O O     . HOH C 3 .   ? 9.96696   6.68751   -11.36218 1.000 17.63277 ? 564 HOH A O     1 
HETATM 1018 O O     . HOH C 3 .   ? 4.06305   -8.23164  7.37199   1.000 12.45802 ? 565 HOH A O     1 
HETATM 1019 O O     . HOH C 3 .   ? 0.03150   1.05827   -13.69622 1.000 25.74803 ? 566 HOH A O     1 
HETATM 1020 O O     . HOH C 3 .   ? 8.41562   1.66807   -4.73984  1.000 16.75715 ? 567 HOH A O     1 
HETATM 1021 O O     . HOH C 3 .   ? -7.03385  12.42495  -8.52846  1.000 20.82262 ? 568 HOH A O     1 
HETATM 1022 O O     . HOH C 3 .   ? -16.52929 -9.88185  3.09715   1.000 27.03155 ? 569 HOH A O     1 
HETATM 1023 O O     . HOH C 3 .   ? -7.20976  -5.05895  16.88690  1.000 16.06515 ? 570 HOH A O     1 
HETATM 1024 O O     . HOH C 3 .   ? -0.77406  2.05211   -9.96259  1.000 19.02411 ? 571 HOH A O     1 
HETATM 1025 O O     . HOH C 3 .   ? 7.63000   -4.07755  -6.65825  1.000 17.09142 ? 572 HOH A O     1 
HETATM 1026 O O     . HOH C 3 .   ? 12.23914  -4.43083  4.64127   1.000 12.62404 ? 573 HOH A O     1 
HETATM 1027 O O     . HOH C 3 .   ? 14.27123  5.87852   -18.22664 1.000 24.30943 ? 574 HOH A O     1 
HETATM 1028 O O     . HOH C 3 .   ? 0.17384   3.98983   16.39504  1.000 18.48997 ? 575 HOH A O     1 
HETATM 1029 O O     . HOH C 3 .   ? 14.43652  1.57947   10.89966  1.000 15.66553 ? 576 HOH A O     1 
HETATM 1030 O O     . HOH C 3 .   ? -13.40419 5.32372   1.34224   1.000 8.57100  ? 577 HOH A O     1 
HETATM 1031 O O     . HOH C 3 .   ? 7.42131   9.60637   -9.01415  1.000 22.17938 ? 578 HOH A O     1 
HETATM 1032 O O     . HOH C 3 .   ? -4.38498  -13.25248 4.99884   1.000 22.24484 ? 579 HOH A O     1 
HETATM 1033 O O     . HOH C 3 .   ? -9.47496  -9.81953  6.60087   1.000 9.14327  ? 580 HOH A O     1 
HETATM 1034 O O     . HOH C 3 .   ? 5.34964   11.22698  -1.43899  1.000 29.10283 ? 581 HOH A O     1 
HETATM 1035 O O     . HOH C 3 .   ? -4.34138  11.32992  -14.70516 1.000 23.89724 ? 582 HOH A O     1 
HETATM 1036 O O     . HOH C 3 .   ? -11.29136 2.37083   3.41683   1.000 10.47171 ? 583 HOH A O     1 
HETATM 1037 O O     . HOH C 3 .   ? -3.76322  10.55629  6.50607   1.000 20.47563 ? 584 HOH A O     1 
HETATM 1038 O O     . HOH C 3 .   ? -1.18399  3.98556   -13.60962 1.000 17.43969 ? 585 HOH A O     1 
HETATM 1039 O O     . HOH C 3 .   ? -1.38807  -12.04178 14.24533  1.000 24.33686 ? 586 HOH A O     1 
HETATM 1040 O O     . HOH C 3 .   ? -7.34822  9.24575   -14.33552 1.000 19.38214 ? 587 HOH A O     1 
HETATM 1041 O O     . HOH C 3 .   ? -10.65303 -3.25600  10.46976  1.000 23.24950 ? 588 HOH A O     1 
HETATM 1042 O O     . HOH C 3 .   ? 10.33569  -1.80032  10.42524  1.000 22.51402 ? 589 HOH A O     1 
HETATM 1043 O O     . HOH C 3 .   ? -6.00941  -8.03190  -2.02993  1.000 22.18677 ? 590 HOH A O     1 
HETATM 1044 O O     . HOH C 3 .   ? -1.54012  11.16463  -15.21515 1.000 18.64729 ? 591 HOH A O     1 
HETATM 1045 O O     . HOH C 3 .   ? 15.61118  2.06981   -5.01329  1.000 16.65554 ? 592 HOH A O     1 
HETATM 1046 O O     . HOH C 3 .   ? -3.91800  12.18572  -1.62599  1.000 25.69439 ? 593 HOH A O     1 
HETATM 1047 O O     . HOH C 3 .   ? 6.10460   2.61974   -5.75392  1.000 13.43425 ? 594 HOH A O     1 
HETATM 1048 O O     . HOH C 3 .   ? -10.01855 -4.39805  14.70204  1.000 17.20399 ? 595 HOH A O     1 
HETATM 1049 O O     . HOH C 3 .   ? -0.89947  10.52795  3.07061   1.000 24.54392 ? 596 HOH A O     1 
HETATM 1050 O O     . HOH C 3 .   ? 12.17809  6.32430   -14.59694 1.000 18.50238 ? 597 HOH A O     1 
HETATM 1051 O O     . HOH C 3 .   ? 14.75960  -4.97790  -4.03099  1.000 20.83238 ? 598 HOH A O     1 
HETATM 1052 O O     . HOH C 3 .   ? -13.91517 -9.29468  6.61669   1.000 19.10199 ? 599 HOH A O     1 
HETATM 1053 O O     . HOH C 3 .   ? 17.07459  1.59280   -0.86409  1.000 18.77460 ? 600 HOH A O     1 
HETATM 1054 O O     . HOH C 3 .   ? 9.64761   -5.30033  11.59792  1.000 26.09992 ? 601 HOH A O     1 
HETATM 1055 O O     . HOH C 3 .   ? -10.56914 -2.77664  12.93482  1.000 21.42559 ? 602 HOH A O     1 
HETATM 1056 O O     . HOH C 3 .   ? -1.58875  0.31037   -11.76230 1.000 27.48277 ? 603 HOH A O     1 
HETATM 1057 O O     . HOH C 3 .   ? 8.78469   -9.00118  13.01594  1.000 24.39354 ? 604 HOH A O     1 
HETATM 1058 O O     . HOH C 3 .   ? -10.18511 -10.27067 4.05300   1.000 16.64597 ? 605 HOH A O     1 
HETATM 1059 O O     . HOH C 3 .   ? 12.66378  -4.87386  7.02461   1.000 14.94944 ? 606 HOH A O     1 
HETATM 1060 O O     . HOH C 3 .   ? -6.61683  -12.02901 1.21502   1.000 24.17845 ? 607 HOH A O     1 
HETATM 1061 O O     . HOH C 3 .   ? 16.56789  -3.85175  2.47006   1.000 13.91588 ? 608 HOH A O     1 
HETATM 1062 O O     . HOH C 3 .   ? -12.25633 -1.51516  9.78035   1.000 26.65363 ? 609 HOH A O     1 
HETATM 1063 O O     . HOH C 3 .   ? 1.93998   -8.23358  17.85342  1.000 38.68143 ? 610 HOH A O     1 
HETATM 1064 O O     . HOH C 3 .   ? -4.99953  -10.71545 8.51477   1.000 8.33643  ? 611 HOH A O     1 
HETATM 1065 O O     . HOH C 3 .   ? -7.20190  2.64013   -12.01459 1.000 24.97151 ? 612 HOH A O     1 
HETATM 1066 O O     . HOH C 3 .   ? 8.94155   -8.76372  -7.24456  1.000 35.21844 ? 613 HOH A O     1 
HETATM 1067 O O     . HOH C 3 .   ? -11.86367 -0.31274  2.31098   1.000 22.33059 ? 614 HOH A O     1 
HETATM 1068 O O     . HOH C 3 .   ? -14.75699 -0.31574  -16.06915 1.000 31.19992 ? 615 HOH A O     1 
HETATM 1069 O O     . HOH C 3 .   ? 14.29696  -3.71301  -9.22461  1.000 29.15165 ? 616 HOH A O     1 
HETATM 1070 O O     . HOH C 3 .   ? 12.23487  5.30499   -11.49782 1.000 23.47909 ? 617 HOH A O     1 
HETATM 1071 O O     . HOH C 3 .   ? -2.03794  11.70720  4.50076   1.000 25.80946 ? 618 HOH A O     1 
HETATM 1072 O O     . HOH C 3 .   ? 3.80970   -6.69671  -6.27271  1.000 25.74477 ? 619 HOH A O     1 
HETATM 1073 O O     . HOH D 3 .   ? 12.32434  11.99331  -1.68298  1.000 14.20368 ? 101 HOH B O     1 
HETATM 1074 O O     . HOH D 3 .   ? 17.04218  9.11723   3.33531   1.000 10.26316 ? 102 HOH B O     1 
HETATM 1075 O O     . HOH D 3 .   ? 17.37939  10.91727  0.60594   1.000 14.18096 ? 103 HOH B O     1 
HETATM 1076 O O     . HOH D 3 .   ? 13.94192  10.80764  -8.05679  1.000 26.40502 ? 104 HOH B O     1 
HETATM 1077 O O     . HOH D 3 .   ? 11.47105  17.01509  4.74489   1.000 19.55943 ? 105 HOH B O     1 
HETATM 1078 O O     . HOH D 3 .   ? 10.75729  10.77207  -4.93598  1.000 26.45988 ? 106 HOH B O     1 
HETATM 1079 O O     . HOH D 3 .   ? 11.02023  12.72572  -3.64650  1.000 23.88716 ? 107 HOH B O     1 
HETATM 1080 O O     . HOH D 3 .   ? 17.15581  5.89888   -7.02147  1.000 27.24876 ? 108 HOH B O     1 
HETATM 1081 O O     . HOH D 3 .   ? 16.20027  3.42079   -6.94687  1.000 26.78370 ? 109 HOH B O     1 
# 
